data_2ECW
#
_entry.id   2ECW
#
loop_
_entity.id
_entity.type
_entity.pdbx_description
1 polymer 'Tripartite motif-containing protein 30'
2 non-polymer 'ZINC ION'
#
_entity_poly.entity_id   1
_entity_poly.type   'polypeptide(L)'
_entity_poly.pdbx_seq_one_letter_code
;GSSGSSGMASSVLEMIKEEVTCPICLELLKEPVSADCNHSFCRACITLNYESNRNTDGKGNCPVCRVPYPFGNLKPNLHV
ANIVE
;
_entity_poly.pdbx_strand_id   A
#
# COMPACT_ATOMS: atom_id res chain seq x y z
N GLY A 1 -39.73 -22.84 -39.12
CA GLY A 1 -38.86 -23.18 -38.01
C GLY A 1 -39.63 -23.54 -36.76
N SER A 2 -38.91 -23.79 -35.67
CA SER A 2 -39.54 -24.14 -34.40
C SER A 2 -38.51 -24.11 -33.27
N SER A 3 -38.75 -23.25 -32.29
CA SER A 3 -37.85 -23.12 -31.15
C SER A 3 -38.43 -22.19 -30.10
N GLY A 4 -37.91 -22.28 -28.88
CA GLY A 4 -38.39 -21.44 -27.80
C GLY A 4 -37.35 -21.24 -26.70
N SER A 5 -37.67 -20.40 -25.74
CA SER A 5 -36.76 -20.12 -24.63
C SER A 5 -37.49 -19.42 -23.48
N SER A 6 -36.78 -19.20 -22.38
CA SER A 6 -37.35 -18.54 -21.22
C SER A 6 -36.41 -17.47 -20.68
N GLY A 7 -36.82 -16.82 -19.59
CA GLY A 7 -36.01 -15.79 -18.99
C GLY A 7 -34.97 -16.34 -18.04
N MET A 8 -33.86 -15.61 -17.88
CA MET A 8 -32.79 -16.03 -16.99
C MET A 8 -32.15 -14.83 -16.31
N ALA A 9 -32.00 -14.92 -14.98
CA ALA A 9 -31.40 -13.84 -14.21
C ALA A 9 -30.17 -14.33 -13.45
N SER A 10 -28.99 -14.08 -14.01
CA SER A 10 -27.75 -14.50 -13.40
C SER A 10 -26.65 -13.45 -13.60
N SER A 11 -26.23 -12.83 -12.51
CA SER A 11 -25.19 -11.80 -12.56
C SER A 11 -23.94 -12.24 -11.80
N VAL A 12 -22.88 -11.46 -11.92
CA VAL A 12 -21.62 -11.76 -11.24
C VAL A 12 -21.17 -10.59 -10.37
N LEU A 13 -20.43 -10.89 -9.32
CA LEU A 13 -19.93 -9.86 -8.42
C LEU A 13 -18.69 -9.18 -9.00
N GLU A 14 -18.22 -8.14 -8.31
CA GLU A 14 -17.04 -7.41 -8.76
C GLU A 14 -15.81 -8.31 -8.76
N MET A 15 -15.05 -8.28 -9.85
CA MET A 15 -13.85 -9.09 -9.97
C MET A 15 -12.71 -8.50 -9.15
N ILE A 16 -12.55 -8.99 -7.92
CA ILE A 16 -11.50 -8.51 -7.04
C ILE A 16 -10.20 -8.30 -7.80
N LYS A 17 -9.88 -7.06 -8.09
CA LYS A 17 -8.66 -6.72 -8.80
C LYS A 17 -7.42 -6.92 -7.92
N GLU A 18 -6.45 -7.67 -8.42
CA GLU A 18 -5.24 -7.94 -7.67
C GLU A 18 -4.16 -6.90 -7.99
N GLU A 19 -4.59 -5.69 -8.31
CA GLU A 19 -3.67 -4.61 -8.64
C GLU A 19 -3.84 -3.44 -7.67
N VAL A 20 -5.09 -3.07 -7.40
CA VAL A 20 -5.39 -1.97 -6.50
C VAL A 20 -5.19 -2.39 -5.04
N THR A 21 -5.56 -3.63 -4.73
CA THR A 21 -5.43 -4.15 -3.38
C THR A 21 -4.03 -3.92 -2.83
N CYS A 22 -3.92 -3.79 -1.52
CA CYS A 22 -2.63 -3.57 -0.87
C CYS A 22 -1.64 -4.66 -1.24
N PRO A 23 -0.52 -4.27 -1.86
CA PRO A 23 0.53 -5.20 -2.28
C PRO A 23 1.29 -5.80 -1.10
N ILE A 24 0.81 -5.50 0.10
CA ILE A 24 1.45 -6.00 1.31
C ILE A 24 0.53 -6.99 2.04
N CYS A 25 -0.62 -6.50 2.48
CA CYS A 25 -1.59 -7.34 3.18
C CYS A 25 -2.58 -7.97 2.20
N LEU A 26 -2.70 -7.37 1.03
CA LEU A 26 -3.62 -7.86 0.01
C LEU A 26 -5.07 -7.83 0.51
N GLU A 27 -5.44 -6.72 1.12
CA GLU A 27 -6.79 -6.55 1.65
C GLU A 27 -7.30 -5.14 1.41
N LEU A 28 -8.59 -4.93 1.66
CA LEU A 28 -9.20 -3.62 1.48
C LEU A 28 -8.35 -2.52 2.10
N LEU A 29 -7.89 -1.59 1.29
CA LEU A 29 -7.07 -0.48 1.76
C LEU A 29 -7.85 0.40 2.72
N LYS A 30 -7.47 0.39 3.99
CA LYS A 30 -8.13 1.20 5.00
C LYS A 30 -7.46 2.55 5.14
N GLU A 31 -8.18 3.61 4.76
CA GLU A 31 -7.65 4.96 4.84
C GLU A 31 -6.21 5.02 4.32
N PRO A 32 -6.01 4.53 3.09
CA PRO A 32 -4.69 4.51 2.45
C PRO A 32 -4.21 5.91 2.08
N VAL A 33 -2.97 6.00 1.60
CA VAL A 33 -2.39 7.27 1.21
C VAL A 33 -1.55 7.13 -0.06
N SER A 34 -1.84 7.96 -1.05
CA SER A 34 -1.12 7.93 -2.32
C SER A 34 0.33 8.36 -2.13
N ALA A 35 1.18 7.97 -3.06
CA ALA A 35 2.61 8.32 -2.99
C ALA A 35 3.09 8.85 -4.34
N ASP A 36 4.31 9.40 -4.34
CA ASP A 36 4.89 9.95 -5.55
C ASP A 36 4.79 8.95 -6.71
N CYS A 37 4.98 7.67 -6.39
CA CYS A 37 4.91 6.61 -7.40
C CYS A 37 3.48 6.12 -7.57
N ASN A 38 2.53 7.05 -7.53
CA ASN A 38 1.12 6.72 -7.68
C ASN A 38 0.81 5.38 -7.02
N HIS A 39 1.42 5.14 -5.86
CA HIS A 39 1.20 3.89 -5.13
C HIS A 39 0.69 4.17 -3.72
N SER A 40 -0.51 3.68 -3.43
CA SER A 40 -1.12 3.89 -2.11
C SER A 40 -1.07 2.60 -1.28
N PHE A 41 -1.02 2.77 0.03
CA PHE A 41 -0.96 1.61 0.93
C PHE A 41 -1.70 1.93 2.25
N CYS A 42 -2.08 0.87 2.96
CA CYS A 42 -2.79 1.02 4.22
C CYS A 42 -2.04 1.97 5.15
N ARG A 43 -2.73 3.01 5.61
CA ARG A 43 -2.13 3.99 6.51
C ARG A 43 -1.11 3.33 7.42
N ALA A 44 -1.43 2.12 7.89
CA ALA A 44 -0.54 1.38 8.78
C ALA A 44 0.59 0.73 8.00
N CYS A 45 0.24 -0.15 7.06
CA CYS A 45 1.23 -0.84 6.25
C CYS A 45 2.38 0.08 5.90
N ILE A 46 2.09 1.11 5.11
CA ILE A 46 3.10 2.07 4.70
C ILE A 46 4.02 2.45 5.85
N THR A 47 3.41 2.70 7.02
CA THR A 47 4.16 3.07 8.20
C THR A 47 5.12 1.95 8.63
N LEU A 48 4.55 0.78 8.90
CA LEU A 48 5.35 -0.36 9.32
C LEU A 48 6.42 -0.68 8.28
N ASN A 49 5.99 -1.00 7.07
CA ASN A 49 6.92 -1.32 5.98
C ASN A 49 8.16 -0.44 6.05
N TYR A 50 7.95 0.86 6.24
CA TYR A 50 9.05 1.81 6.32
C TYR A 50 9.96 1.49 7.50
N GLU A 51 9.35 1.32 8.67
CA GLU A 51 10.11 1.00 9.88
C GLU A 51 10.96 -0.24 9.69
N SER A 52 10.31 -1.35 9.33
CA SER A 52 11.00 -2.62 9.12
C SER A 52 12.13 -2.45 8.11
N ASN A 53 11.80 -1.90 6.95
CA ASN A 53 12.79 -1.68 5.90
C ASN A 53 13.03 -0.19 5.66
N ARG A 54 14.11 0.33 6.22
CA ARG A 54 14.45 1.74 6.07
C ARG A 54 15.90 1.91 5.67
N ASN A 55 16.22 3.06 5.07
CA ASN A 55 17.59 3.35 4.65
C ASN A 55 18.32 4.18 5.70
N THR A 56 19.55 3.79 5.99
CA THR A 56 20.36 4.50 6.98
C THR A 56 20.35 6.00 6.71
N ASP A 57 20.16 6.37 5.45
CA ASP A 57 20.14 7.79 5.07
C ASP A 57 19.02 8.51 5.80
N GLY A 58 17.82 7.96 5.74
CA GLY A 58 16.67 8.57 6.40
C GLY A 58 15.35 8.15 5.79
N LYS A 59 15.30 8.13 4.46
CA LYS A 59 14.08 7.74 3.75
C LYS A 59 13.96 6.22 3.68
N GLY A 60 12.85 5.75 3.12
CA GLY A 60 12.63 4.31 3.00
C GLY A 60 12.62 3.84 1.56
N ASN A 61 11.78 2.87 1.26
CA ASN A 61 11.68 2.32 -0.09
C ASN A 61 10.29 1.72 -0.33
N CYS A 62 9.81 1.83 -1.56
CA CYS A 62 8.51 1.30 -1.92
C CYS A 62 8.57 -0.21 -2.11
N PRO A 63 7.66 -0.93 -1.42
CA PRO A 63 7.59 -2.39 -1.50
C PRO A 63 7.10 -2.88 -2.86
N VAL A 64 6.96 -1.96 -3.80
CA VAL A 64 6.50 -2.29 -5.15
C VAL A 64 7.52 -1.87 -6.20
N CYS A 65 7.91 -0.60 -6.16
CA CYS A 65 8.88 -0.07 -7.12
C CYS A 65 10.21 0.22 -6.43
N ARG A 66 10.20 0.20 -5.10
CA ARG A 66 11.40 0.47 -4.33
C ARG A 66 11.97 1.86 -4.65
N VAL A 67 11.11 2.86 -4.58
CA VAL A 67 11.51 4.23 -4.85
C VAL A 67 11.54 5.07 -3.58
N PRO A 68 12.60 5.88 -3.43
CA PRO A 68 12.77 6.75 -2.25
C PRO A 68 11.76 7.90 -2.23
N TYR A 69 10.78 7.79 -1.34
CA TYR A 69 9.75 8.82 -1.22
C TYR A 69 9.83 9.51 0.14
N PRO A 70 9.64 10.84 0.14
CA PRO A 70 9.68 11.64 1.36
C PRO A 70 8.49 11.38 2.28
N PHE A 71 8.76 10.75 3.41
CA PHE A 71 7.71 10.43 4.38
C PHE A 71 6.92 11.68 4.75
N GLY A 72 5.66 11.50 5.11
CA GLY A 72 4.81 12.62 5.48
C GLY A 72 4.12 13.25 4.29
N ASN A 73 4.82 13.28 3.15
CA ASN A 73 4.26 13.86 1.94
C ASN A 73 3.31 12.89 1.25
N LEU A 74 2.45 12.25 2.03
CA LEU A 74 1.48 11.29 1.51
C LEU A 74 0.08 11.87 1.53
N LYS A 75 -0.61 11.78 0.41
CA LYS A 75 -1.97 12.29 0.29
C LYS A 75 -3.00 11.20 0.57
N PRO A 76 -4.10 11.57 1.23
CA PRO A 76 -5.17 10.64 1.58
C PRO A 76 -5.94 10.16 0.36
N ASN A 77 -6.04 8.84 0.19
CA ASN A 77 -6.75 8.26 -0.93
C ASN A 77 -8.14 7.77 -0.51
N LEU A 78 -8.82 8.56 0.31
CA LEU A 78 -10.15 8.21 0.78
C LEU A 78 -11.22 8.89 -0.07
N HIS A 79 -10.98 10.14 -0.44
CA HIS A 79 -11.93 10.90 -1.26
C HIS A 79 -11.74 10.57 -2.74
N VAL A 80 -11.52 9.30 -3.03
CA VAL A 80 -11.33 8.85 -4.41
C VAL A 80 -12.59 9.08 -5.23
N ALA A 81 -12.77 10.31 -5.70
CA ALA A 81 -13.93 10.65 -6.51
C ALA A 81 -13.54 11.53 -7.70
N ASN A 82 -14.14 11.28 -8.85
CA ASN A 82 -13.86 12.05 -10.06
C ASN A 82 -15.15 12.58 -10.67
N ILE A 83 -16.15 11.72 -10.78
CA ILE A 83 -17.43 12.10 -11.35
C ILE A 83 -18.05 13.27 -10.60
N VAL A 84 -17.48 13.59 -9.45
CA VAL A 84 -17.96 14.70 -8.64
C VAL A 84 -17.44 16.03 -9.16
N GLU A 85 -17.45 16.19 -10.48
CA GLU A 85 -16.97 17.42 -11.11
C GLU A 85 -18.04 18.51 -11.06
N GLY A 1 1.56 8.10 18.41
CA GLY A 1 0.58 8.14 17.34
C GLY A 1 -0.70 7.42 17.69
N SER A 2 -1.82 7.91 17.17
CA SER A 2 -3.12 7.32 17.45
C SER A 2 -3.68 6.64 16.21
N SER A 3 -4.61 5.72 16.40
CA SER A 3 -5.23 5.00 15.30
C SER A 3 -6.59 4.43 15.71
N GLY A 4 -7.30 3.87 14.74
CA GLY A 4 -8.61 3.30 15.02
C GLY A 4 -9.56 3.42 13.84
N SER A 5 -10.26 2.34 13.53
CA SER A 5 -11.21 2.34 12.42
C SER A 5 -11.98 1.03 12.37
N SER A 6 -13.02 0.99 11.55
CA SER A 6 -13.85 -0.21 11.41
C SER A 6 -14.59 -0.20 10.07
N GLY A 7 -15.21 -1.33 9.75
CA GLY A 7 -15.94 -1.44 8.50
C GLY A 7 -16.98 -2.55 8.53
N MET A 8 -17.75 -2.66 7.45
CA MET A 8 -18.78 -3.69 7.36
C MET A 8 -19.02 -4.09 5.91
N ALA A 9 -19.71 -5.20 5.71
CA ALA A 9 -20.02 -5.69 4.37
C ALA A 9 -20.77 -4.64 3.56
N SER A 10 -20.75 -4.79 2.24
CA SER A 10 -21.43 -3.85 1.36
C SER A 10 -22.15 -4.59 0.23
N SER A 11 -22.84 -3.84 -0.63
CA SER A 11 -23.58 -4.41 -1.73
C SER A 11 -23.04 -3.91 -3.07
N VAL A 12 -21.97 -4.54 -3.54
CA VAL A 12 -21.35 -4.16 -4.80
C VAL A 12 -20.88 -5.39 -5.58
N LEU A 13 -21.11 -5.37 -6.89
CA LEU A 13 -20.70 -6.48 -7.75
C LEU A 13 -19.42 -7.12 -7.24
N GLU A 14 -19.55 -8.28 -6.60
CA GLU A 14 -18.40 -9.00 -6.06
C GLU A 14 -17.34 -9.21 -7.14
N MET A 15 -16.09 -8.94 -6.80
CA MET A 15 -14.98 -9.10 -7.74
C MET A 15 -13.66 -9.30 -7.01
N ILE A 16 -12.83 -10.20 -7.52
CA ILE A 16 -11.54 -10.48 -6.91
C ILE A 16 -10.43 -9.70 -7.59
N LYS A 17 -10.27 -8.45 -7.21
CA LYS A 17 -9.25 -7.59 -7.78
C LYS A 17 -7.89 -7.82 -7.10
N GLU A 18 -6.87 -8.10 -7.90
CA GLU A 18 -5.54 -8.34 -7.37
C GLU A 18 -4.53 -7.33 -7.94
N GLU A 19 -5.01 -6.12 -8.20
CA GLU A 19 -4.15 -5.07 -8.75
C GLU A 19 -4.17 -3.83 -7.86
N VAL A 20 -5.35 -3.48 -7.38
CA VAL A 20 -5.51 -2.32 -6.51
C VAL A 20 -5.25 -2.68 -5.05
N THR A 21 -5.77 -3.82 -4.62
CA THR A 21 -5.60 -4.29 -3.26
C THR A 21 -4.16 -4.08 -2.78
N CYS A 22 -4.00 -3.85 -1.49
CA CYS A 22 -2.67 -3.63 -0.91
C CYS A 22 -1.71 -4.73 -1.35
N PRO A 23 -0.62 -4.32 -2.02
CA PRO A 23 0.41 -5.26 -2.50
C PRO A 23 1.22 -5.87 -1.36
N ILE A 24 0.83 -5.55 -0.13
CA ILE A 24 1.53 -6.06 1.05
C ILE A 24 0.67 -7.08 1.78
N CYS A 25 -0.46 -6.63 2.32
CA CYS A 25 -1.36 -7.50 3.05
C CYS A 25 -2.38 -8.15 2.10
N LEU A 26 -2.63 -7.49 0.97
CA LEU A 26 -3.58 -8.00 -0.01
C LEU A 26 -4.99 -8.03 0.56
N GLU A 27 -5.44 -6.89 1.08
CA GLU A 27 -6.77 -6.79 1.65
C GLU A 27 -7.30 -5.36 1.52
N LEU A 28 -8.63 -5.22 1.61
CA LEU A 28 -9.27 -3.91 1.50
C LEU A 28 -8.37 -2.82 2.09
N LEU A 29 -8.00 -1.86 1.26
CA LEU A 29 -7.15 -0.76 1.71
C LEU A 29 -7.91 0.17 2.66
N LYS A 30 -7.37 0.35 3.86
CA LYS A 30 -8.00 1.22 4.85
C LYS A 30 -7.28 2.56 4.93
N GLU A 31 -8.02 3.64 4.67
CA GLU A 31 -7.46 4.98 4.71
C GLU A 31 -6.04 5.00 4.14
N PRO A 32 -5.89 4.45 2.93
CA PRO A 32 -4.59 4.39 2.24
C PRO A 32 -4.11 5.77 1.79
N VAL A 33 -2.80 5.90 1.62
CA VAL A 33 -2.21 7.16 1.19
C VAL A 33 -1.41 6.99 -0.09
N SER A 34 -1.68 7.83 -1.06
CA SER A 34 -0.98 7.77 -2.35
C SER A 34 0.45 8.28 -2.22
N ALA A 35 1.30 7.87 -3.16
CA ALA A 35 2.70 8.28 -3.15
C ALA A 35 3.14 8.78 -4.52
N ASP A 36 4.36 9.29 -4.60
CA ASP A 36 4.89 9.80 -5.85
C ASP A 36 4.80 8.75 -6.95
N CYS A 37 5.03 7.49 -6.58
CA CYS A 37 4.97 6.39 -7.54
C CYS A 37 3.54 5.91 -7.73
N ASN A 38 2.60 6.84 -7.70
CA ASN A 38 1.19 6.52 -7.88
C ASN A 38 0.86 5.19 -7.21
N HIS A 39 1.31 5.01 -5.97
CA HIS A 39 1.06 3.78 -5.23
C HIS A 39 0.53 4.09 -3.83
N SER A 40 -0.60 3.48 -3.47
CA SER A 40 -1.20 3.69 -2.17
C SER A 40 -1.15 2.42 -1.34
N PHE A 41 -1.08 2.59 -0.02
CA PHE A 41 -1.01 1.46 0.90
C PHE A 41 -1.72 1.78 2.22
N CYS A 42 -2.14 0.75 2.93
CA CYS A 42 -2.83 0.92 4.20
C CYS A 42 -2.07 1.90 5.09
N ARG A 43 -2.77 2.92 5.57
CA ARG A 43 -2.17 3.92 6.44
C ARG A 43 -1.12 3.29 7.36
N ALA A 44 -1.43 2.11 7.88
CA ALA A 44 -0.52 1.40 8.76
C ALA A 44 0.63 0.78 7.99
N CYS A 45 0.29 -0.10 7.03
CA CYS A 45 1.29 -0.77 6.22
C CYS A 45 2.41 0.20 5.83
N ILE A 46 2.07 1.23 5.09
CA ILE A 46 3.04 2.23 4.66
C ILE A 46 3.92 2.67 5.82
N THR A 47 3.37 2.63 7.02
CA THR A 47 4.10 3.03 8.22
C THR A 47 5.04 1.92 8.68
N LEU A 48 4.47 0.75 8.92
CA LEU A 48 5.25 -0.41 9.37
C LEU A 48 6.29 -0.80 8.33
N ASN A 49 5.84 -1.08 7.12
CA ASN A 49 6.73 -1.46 6.03
C ASN A 49 7.99 -0.59 6.03
N TYR A 50 7.80 0.72 6.18
CA TYR A 50 8.91 1.65 6.20
C TYR A 50 9.82 1.39 7.39
N GLU A 51 9.27 1.51 8.59
CA GLU A 51 10.04 1.30 9.82
C GLU A 51 10.89 0.04 9.70
N SER A 52 10.30 -1.03 9.17
CA SER A 52 11.00 -2.29 9.01
C SER A 52 12.10 -2.18 7.95
N ASN A 53 11.75 -1.58 6.81
CA ASN A 53 12.70 -1.40 5.72
C ASN A 53 12.84 0.07 5.35
N ARG A 54 14.02 0.62 5.62
CA ARG A 54 14.28 2.03 5.32
C ARG A 54 15.77 2.26 5.09
N ASN A 55 16.12 3.45 4.63
CA ASN A 55 17.50 3.81 4.36
C ASN A 55 18.12 4.55 5.55
N THR A 56 19.45 4.58 5.60
CA THR A 56 20.15 5.26 6.67
C THR A 56 19.69 6.70 6.82
N ASP A 57 19.73 7.44 5.72
CA ASP A 57 19.31 8.84 5.74
C ASP A 57 17.92 8.98 6.32
N GLY A 58 16.97 8.21 5.80
CA GLY A 58 15.61 8.27 6.29
C GLY A 58 14.62 7.67 5.31
N LYS A 59 14.56 8.23 4.11
CA LYS A 59 13.65 7.75 3.08
C LYS A 59 13.58 6.23 3.08
N GLY A 60 12.52 5.68 2.50
CA GLY A 60 12.35 4.24 2.45
C GLY A 60 12.25 3.72 1.03
N ASN A 61 11.81 2.48 0.89
CA ASN A 61 11.67 1.86 -0.43
C ASN A 61 10.27 1.28 -0.61
N CYS A 62 9.74 1.42 -1.82
CA CYS A 62 8.40 0.90 -2.12
C CYS A 62 8.44 -0.60 -2.37
N PRO A 63 7.54 -1.33 -1.69
CA PRO A 63 7.45 -2.79 -1.81
C PRO A 63 6.91 -3.22 -3.18
N VAL A 64 6.77 -2.25 -4.08
CA VAL A 64 6.27 -2.53 -5.42
C VAL A 64 7.29 -2.11 -6.48
N CYS A 65 7.64 -0.83 -6.49
CA CYS A 65 8.60 -0.31 -7.46
C CYS A 65 9.96 -0.10 -6.81
N ARG A 66 9.98 -0.10 -5.48
CA ARG A 66 11.22 0.09 -4.73
C ARG A 66 11.85 1.44 -5.05
N VAL A 67 11.04 2.50 -5.00
CA VAL A 67 11.52 3.84 -5.29
C VAL A 67 11.60 4.67 -4.02
N PRO A 68 12.69 5.45 -3.88
CA PRO A 68 12.91 6.31 -2.72
C PRO A 68 11.94 7.49 -2.68
N TYR A 69 11.01 7.45 -1.74
CA TYR A 69 10.03 8.51 -1.58
C TYR A 69 10.18 9.22 -0.24
N PRO A 70 9.96 10.55 -0.24
CA PRO A 70 10.08 11.37 0.97
C PRO A 70 8.95 11.08 1.97
N PHE A 71 9.17 10.09 2.83
CA PHE A 71 8.19 9.72 3.82
C PHE A 71 7.56 10.96 4.47
N GLY A 72 6.24 11.04 4.42
CA GLY A 72 5.54 12.18 4.99
C GLY A 72 4.74 12.95 3.96
N ASN A 73 5.28 13.04 2.74
CA ASN A 73 4.62 13.76 1.66
C ASN A 73 3.55 12.89 1.00
N LEU A 74 2.82 12.14 1.82
CA LEU A 74 1.76 11.26 1.32
C LEU A 74 0.40 11.93 1.43
N LYS A 75 -0.49 11.64 0.48
CA LYS A 75 -1.82 12.20 0.48
C LYS A 75 -2.87 11.12 0.74
N PRO A 76 -3.93 11.49 1.48
CA PRO A 76 -5.02 10.56 1.81
C PRO A 76 -5.87 10.21 0.60
N ASN A 77 -6.10 8.92 0.40
CA ASN A 77 -6.91 8.45 -0.72
C ASN A 77 -8.39 8.50 -0.40
N LEU A 78 -8.80 9.55 0.30
CA LEU A 78 -10.19 9.73 0.68
C LEU A 78 -11.11 9.61 -0.54
N HIS A 79 -12.42 9.67 -0.29
CA HIS A 79 -13.39 9.57 -1.36
C HIS A 79 -12.87 10.22 -2.65
N VAL A 80 -12.65 9.40 -3.68
CA VAL A 80 -12.15 9.90 -4.95
C VAL A 80 -13.29 10.14 -5.94
N ALA A 81 -13.54 11.41 -6.25
CA ALA A 81 -14.60 11.77 -7.18
C ALA A 81 -14.28 11.29 -8.59
N ASN A 82 -13.23 11.85 -9.17
CA ASN A 82 -12.82 11.47 -10.53
C ASN A 82 -11.52 12.18 -10.91
N ILE A 83 -11.08 11.96 -12.14
CA ILE A 83 -9.84 12.57 -12.63
C ILE A 83 -9.81 14.05 -12.29
N VAL A 84 -10.97 14.65 -12.11
CA VAL A 84 -11.06 16.07 -11.79
C VAL A 84 -9.94 16.49 -10.85
N GLU A 85 -9.45 15.55 -10.06
CA GLU A 85 -8.37 15.83 -9.11
C GLU A 85 -7.20 16.52 -9.81
N GLY A 1 4.74 -10.29 36.48
CA GLY A 1 4.68 -9.96 35.06
C GLY A 1 3.67 -10.81 34.32
N SER A 2 3.52 -10.55 33.02
CA SER A 2 2.57 -11.30 32.19
C SER A 2 2.89 -11.11 30.71
N SER A 3 2.41 -12.05 29.90
CA SER A 3 2.66 -12.00 28.46
C SER A 3 1.68 -12.92 27.71
N GLY A 4 1.67 -12.80 26.39
CA GLY A 4 0.79 -13.63 25.59
C GLY A 4 0.35 -12.94 24.31
N SER A 5 -0.23 -13.71 23.39
CA SER A 5 -0.68 -13.16 22.12
C SER A 5 -1.45 -14.21 21.32
N SER A 6 -2.38 -13.75 20.50
CA SER A 6 -3.20 -14.65 19.69
C SER A 6 -3.58 -13.99 18.37
N GLY A 7 -4.15 -14.78 17.46
CA GLY A 7 -4.56 -14.26 16.16
C GLY A 7 -5.87 -14.84 15.69
N MET A 8 -6.26 -14.48 14.47
CA MET A 8 -7.51 -14.97 13.89
C MET A 8 -7.38 -15.18 12.39
N ALA A 9 -8.28 -15.95 11.81
CA ALA A 9 -8.27 -16.22 10.38
C ALA A 9 -9.60 -15.84 9.74
N SER A 10 -9.55 -15.50 8.45
CA SER A 10 -10.75 -15.12 7.72
C SER A 10 -10.59 -15.40 6.23
N SER A 11 -11.69 -15.78 5.58
CA SER A 11 -11.68 -16.08 4.16
C SER A 11 -13.09 -16.02 3.57
N VAL A 12 -13.18 -15.65 2.30
CA VAL A 12 -14.47 -15.54 1.62
C VAL A 12 -14.28 -15.26 0.14
N LEU A 13 -15.13 -15.87 -0.69
CA LEU A 13 -15.06 -15.70 -2.13
C LEU A 13 -15.14 -14.21 -2.50
N GLU A 14 -14.17 -13.74 -3.27
CA GLU A 14 -14.13 -12.35 -3.69
C GLU A 14 -13.43 -12.20 -5.03
N MET A 15 -13.87 -11.22 -5.83
CA MET A 15 -13.28 -10.98 -7.14
C MET A 15 -11.76 -10.98 -7.06
N ILE A 16 -11.12 -11.66 -8.00
CA ILE A 16 -9.66 -11.73 -8.04
C ILE A 16 -9.05 -10.42 -8.49
N LYS A 17 -8.51 -9.67 -7.53
CA LYS A 17 -7.89 -8.38 -7.83
C LYS A 17 -6.52 -8.27 -7.18
N GLU A 18 -5.47 -8.39 -7.99
CA GLU A 18 -4.10 -8.31 -7.48
C GLU A 18 -3.37 -7.13 -8.11
N GLU A 19 -4.04 -5.98 -8.20
CA GLU A 19 -3.45 -4.79 -8.77
C GLU A 19 -3.72 -3.57 -7.90
N VAL A 20 -4.97 -3.40 -7.50
CA VAL A 20 -5.36 -2.28 -6.66
C VAL A 20 -5.20 -2.61 -5.17
N THR A 21 -5.54 -3.85 -4.82
CA THR A 21 -5.43 -4.31 -3.44
C THR A 21 -4.02 -4.11 -2.90
N CYS A 22 -3.91 -3.98 -1.58
CA CYS A 22 -2.61 -3.79 -0.94
C CYS A 22 -1.64 -4.90 -1.34
N PRO A 23 -0.55 -4.50 -2.02
CA PRO A 23 0.48 -5.45 -2.47
C PRO A 23 1.27 -6.04 -1.31
N ILE A 24 0.87 -5.72 -0.09
CA ILE A 24 1.55 -6.21 1.09
C ILE A 24 0.67 -7.18 1.87
N CYS A 25 -0.45 -6.69 2.38
CA CYS A 25 -1.39 -7.52 3.14
C CYS A 25 -2.39 -8.19 2.21
N LEU A 26 -2.53 -7.65 1.01
CA LEU A 26 -3.47 -8.19 0.03
C LEU A 26 -4.90 -8.16 0.56
N GLU A 27 -5.30 -7.02 1.10
CA GLU A 27 -6.64 -6.85 1.65
C GLU A 27 -7.16 -5.44 1.40
N LEU A 28 -8.48 -5.27 1.48
CA LEU A 28 -9.09 -3.97 1.26
C LEU A 28 -8.29 -2.86 1.94
N LEU A 29 -7.70 -1.99 1.15
CA LEU A 29 -6.91 -0.88 1.68
C LEU A 29 -7.75 0.01 2.58
N LYS A 30 -7.30 0.18 3.82
CA LYS A 30 -8.00 1.02 4.79
C LYS A 30 -7.35 2.39 4.91
N GLU A 31 -8.08 3.42 4.51
CA GLU A 31 -7.56 4.78 4.58
C GLU A 31 -6.10 4.84 4.15
N PRO A 32 -5.81 4.29 2.96
CA PRO A 32 -4.45 4.26 2.41
C PRO A 32 -3.96 5.64 1.99
N VAL A 33 -2.67 5.75 1.71
CA VAL A 33 -2.08 7.01 1.30
C VAL A 33 -1.27 6.86 0.01
N SER A 34 -1.58 7.70 -0.97
CA SER A 34 -0.89 7.65 -2.26
C SER A 34 0.56 8.09 -2.11
N ALA A 35 1.39 7.72 -3.08
CA ALA A 35 2.80 8.08 -3.06
C ALA A 35 3.26 8.59 -4.43
N ASP A 36 4.45 9.16 -4.47
CA ASP A 36 5.01 9.69 -5.72
C ASP A 36 4.87 8.68 -6.84
N CYS A 37 5.02 7.40 -6.50
CA CYS A 37 4.93 6.33 -7.48
C CYS A 37 3.48 5.85 -7.63
N ASN A 38 2.55 6.80 -7.58
CA ASN A 38 1.13 6.48 -7.72
C ASN A 38 0.81 5.15 -7.04
N HIS A 39 1.45 4.90 -5.90
CA HIS A 39 1.22 3.66 -5.16
C HIS A 39 0.73 3.96 -3.75
N SER A 40 -0.45 3.43 -3.42
CA SER A 40 -1.04 3.64 -2.10
C SER A 40 -1.05 2.34 -1.30
N PHE A 41 -1.00 2.46 0.03
CA PHE A 41 -1.01 1.30 0.91
C PHE A 41 -1.69 1.63 2.23
N CYS A 42 -2.24 0.60 2.87
CA CYS A 42 -2.93 0.78 4.15
C CYS A 42 -2.17 1.76 5.04
N ARG A 43 -2.88 2.75 5.56
CA ARG A 43 -2.27 3.75 6.42
C ARG A 43 -1.20 3.11 7.30
N ALA A 44 -1.52 1.97 7.90
CA ALA A 44 -0.58 1.26 8.76
C ALA A 44 0.55 0.63 7.95
N CYS A 45 0.19 -0.31 7.08
CA CYS A 45 1.17 -0.98 6.24
C CYS A 45 2.31 -0.05 5.86
N ILE A 46 2.00 0.96 5.06
CA ILE A 46 3.00 1.94 4.62
C ILE A 46 3.85 2.40 5.80
N THR A 47 3.21 2.68 6.92
CA THR A 47 3.91 3.13 8.12
C THR A 47 4.87 2.06 8.62
N LEU A 48 4.34 0.90 8.95
CA LEU A 48 5.16 -0.21 9.43
C LEU A 48 6.22 -0.60 8.42
N ASN A 49 5.78 -1.07 7.26
CA ASN A 49 6.69 -1.48 6.20
C ASN A 49 7.88 -0.54 6.12
N TYR A 50 7.61 0.76 6.13
CA TYR A 50 8.67 1.76 6.06
C TYR A 50 9.67 1.58 7.18
N GLU A 51 9.19 1.68 8.42
CA GLU A 51 10.05 1.53 9.59
C GLU A 51 10.96 0.31 9.43
N SER A 52 10.36 -0.82 9.06
CA SER A 52 11.11 -2.05 8.89
C SER A 52 12.23 -1.88 7.87
N ASN A 53 11.86 -1.48 6.66
CA ASN A 53 12.83 -1.27 5.59
C ASN A 53 12.96 0.21 5.26
N ARG A 54 14.07 0.82 5.69
CA ARG A 54 14.31 2.24 5.44
C ARG A 54 15.80 2.51 5.33
N ASN A 55 16.16 3.58 4.62
CA ASN A 55 17.55 3.96 4.45
C ASN A 55 18.06 4.74 5.66
N THR A 56 19.31 4.49 6.04
CA THR A 56 19.91 5.16 7.18
C THR A 56 19.56 6.64 7.19
N ASP A 57 19.72 7.29 6.04
CA ASP A 57 19.41 8.72 5.93
C ASP A 57 17.99 9.00 6.38
N GLY A 58 17.04 8.19 5.92
CA GLY A 58 15.65 8.37 6.29
C GLY A 58 14.70 7.91 5.21
N LYS A 59 15.00 8.25 3.96
CA LYS A 59 14.16 7.86 2.83
C LYS A 59 13.85 6.37 2.88
N GLY A 60 12.58 6.03 2.71
CA GLY A 60 12.17 4.64 2.74
C GLY A 60 12.14 4.01 1.35
N ASN A 61 11.65 2.78 1.27
CA ASN A 61 11.56 2.07 -0.01
C ASN A 61 10.17 1.51 -0.22
N CYS A 62 9.66 1.63 -1.45
CA CYS A 62 8.34 1.12 -1.77
C CYS A 62 8.36 -0.39 -1.94
N PRO A 63 7.40 -1.07 -1.29
CA PRO A 63 7.28 -2.53 -1.35
C PRO A 63 6.85 -3.03 -2.72
N VAL A 64 6.81 -2.11 -3.69
CA VAL A 64 6.42 -2.46 -5.05
C VAL A 64 7.52 -2.11 -6.05
N CYS A 65 7.80 -0.81 -6.17
CA CYS A 65 8.83 -0.34 -7.09
C CYS A 65 10.12 -0.02 -6.34
N ARG A 66 10.05 -0.06 -5.01
CA ARG A 66 11.22 0.24 -4.18
C ARG A 66 11.81 1.59 -4.54
N VAL A 67 10.98 2.63 -4.50
CA VAL A 67 11.43 3.98 -4.82
C VAL A 67 11.50 4.84 -3.57
N PRO A 68 12.59 5.62 -3.44
CA PRO A 68 12.80 6.52 -2.30
C PRO A 68 11.84 7.70 -2.30
N TYR A 69 10.86 7.64 -1.40
CA TYR A 69 9.87 8.71 -1.29
C TYR A 69 9.95 9.39 0.08
N PRO A 70 9.84 10.73 0.08
CA PRO A 70 9.89 11.52 1.30
C PRO A 70 8.65 11.32 2.19
N PHE A 71 8.86 10.68 3.33
CA PHE A 71 7.76 10.42 4.26
C PHE A 71 6.93 11.68 4.49
N GLY A 72 5.69 11.50 4.91
CA GLY A 72 4.81 12.62 5.17
C GLY A 72 4.10 13.10 3.92
N ASN A 73 4.86 13.54 2.93
CA ASN A 73 4.29 14.02 1.68
C ASN A 73 3.07 13.21 1.29
N LEU A 74 3.12 11.91 1.54
CA LEU A 74 2.01 11.01 1.22
C LEU A 74 0.66 11.73 1.42
N LYS A 75 -0.21 11.61 0.43
CA LYS A 75 -1.53 12.23 0.51
C LYS A 75 -2.60 11.21 0.90
N PRO A 76 -3.67 11.70 1.54
CA PRO A 76 -4.78 10.84 1.98
C PRO A 76 -5.59 10.31 0.81
N ASN A 77 -5.99 9.04 0.90
CA ASN A 77 -6.78 8.41 -0.15
C ASN A 77 -8.23 8.21 0.29
N LEU A 78 -8.74 9.15 1.07
CA LEU A 78 -10.11 9.08 1.57
C LEU A 78 -10.87 10.37 1.26
N HIS A 79 -12.13 10.22 0.86
CA HIS A 79 -12.97 11.37 0.53
C HIS A 79 -12.24 12.32 -0.41
N VAL A 80 -11.51 11.76 -1.37
CA VAL A 80 -10.76 12.56 -2.33
C VAL A 80 -11.56 12.75 -3.62
N ALA A 81 -12.85 13.00 -3.49
CA ALA A 81 -13.72 13.19 -4.64
C ALA A 81 -13.55 14.59 -5.22
N ASN A 82 -12.31 15.04 -5.34
CA ASN A 82 -12.02 16.37 -5.88
C ASN A 82 -11.11 16.27 -7.10
N ILE A 83 -11.47 15.42 -8.05
CA ILE A 83 -10.69 15.24 -9.27
C ILE A 83 -11.59 15.23 -10.50
N VAL A 84 -12.57 16.12 -10.51
CA VAL A 84 -13.49 16.22 -11.64
C VAL A 84 -13.14 17.39 -12.54
N GLU A 85 -13.18 17.16 -13.85
CA GLU A 85 -12.86 18.20 -14.82
C GLU A 85 -13.37 19.56 -14.35
N GLY A 1 13.58 -2.35 26.47
CA GLY A 1 12.81 -3.56 26.22
C GLY A 1 12.04 -3.49 24.91
N SER A 2 11.82 -4.65 24.30
CA SER A 2 11.10 -4.71 23.03
C SER A 2 10.22 -5.97 22.98
N SER A 3 9.40 -6.06 21.94
CA SER A 3 8.51 -7.20 21.76
C SER A 3 8.05 -7.31 20.31
N GLY A 4 7.30 -8.37 20.02
CA GLY A 4 6.81 -8.58 18.67
C GLY A 4 5.53 -9.40 18.65
N SER A 5 5.07 -9.73 17.44
CA SER A 5 3.85 -10.51 17.28
C SER A 5 3.86 -11.27 15.95
N SER A 6 2.83 -12.07 15.73
CA SER A 6 2.72 -12.85 14.50
C SER A 6 1.33 -13.47 14.38
N GLY A 7 0.95 -13.81 13.15
CA GLY A 7 -0.36 -14.41 12.92
C GLY A 7 -1.43 -13.38 12.67
N MET A 8 -2.69 -13.79 12.81
CA MET A 8 -3.82 -12.90 12.59
C MET A 8 -4.00 -12.59 11.11
N ALA A 9 -3.86 -13.61 10.28
CA ALA A 9 -4.01 -13.45 8.84
C ALA A 9 -5.41 -13.82 8.38
N SER A 10 -5.87 -13.19 7.30
CA SER A 10 -7.19 -13.44 6.77
C SER A 10 -7.12 -14.05 5.38
N SER A 11 -7.74 -15.21 5.20
CA SER A 11 -7.74 -15.91 3.92
C SER A 11 -8.95 -15.50 3.08
N VAL A 12 -8.68 -14.99 1.88
CA VAL A 12 -9.74 -14.56 0.98
C VAL A 12 -9.39 -14.90 -0.47
N LEU A 13 -10.43 -15.14 -1.27
CA LEU A 13 -10.24 -15.46 -2.68
C LEU A 13 -10.92 -14.43 -3.58
N GLU A 14 -10.52 -13.18 -3.42
CA GLU A 14 -11.10 -12.10 -4.22
C GLU A 14 -10.64 -12.19 -5.67
N MET A 15 -11.41 -11.60 -6.57
CA MET A 15 -11.09 -11.61 -7.99
C MET A 15 -9.62 -11.25 -8.22
N ILE A 16 -9.16 -11.39 -9.46
CA ILE A 16 -7.79 -11.08 -9.80
C ILE A 16 -7.56 -9.57 -9.88
N LYS A 17 -7.43 -8.94 -8.72
CA LYS A 17 -7.20 -7.50 -8.65
C LYS A 17 -5.88 -7.19 -7.96
N GLU A 18 -4.82 -7.86 -8.38
CA GLU A 18 -3.50 -7.66 -7.82
C GLU A 18 -2.83 -6.42 -8.41
N GLU A 19 -3.59 -5.33 -8.50
CA GLU A 19 -3.08 -4.09 -9.06
C GLU A 19 -3.46 -2.91 -8.18
N VAL A 20 -4.72 -2.88 -7.76
CA VAL A 20 -5.22 -1.79 -6.91
C VAL A 20 -5.08 -2.16 -5.43
N THR A 21 -5.37 -3.41 -5.11
CA THR A 21 -5.28 -3.88 -3.74
C THR A 21 -3.88 -3.69 -3.16
N CYS A 22 -3.80 -3.48 -1.86
CA CYS A 22 -2.51 -3.27 -1.20
C CYS A 22 -1.52 -4.35 -1.61
N PRO A 23 -0.39 -3.93 -2.19
CA PRO A 23 0.67 -4.83 -2.63
C PRO A 23 1.40 -5.50 -1.48
N ILE A 24 0.93 -5.23 -0.26
CA ILE A 24 1.53 -5.80 0.94
C ILE A 24 0.62 -6.84 1.58
N CYS A 25 -0.51 -6.37 2.11
CA CYS A 25 -1.47 -7.27 2.75
C CYS A 25 -2.40 -7.91 1.72
N LEU A 26 -2.57 -7.23 0.59
CA LEU A 26 -3.43 -7.72 -0.48
C LEU A 26 -4.88 -7.77 -0.03
N GLU A 27 -5.34 -6.67 0.56
CA GLU A 27 -6.73 -6.59 1.03
C GLU A 27 -7.22 -5.15 0.99
N LEU A 28 -8.55 -4.99 1.01
CA LEU A 28 -9.15 -3.67 0.97
C LEU A 28 -8.28 -2.64 1.69
N LEU A 29 -7.83 -1.63 0.96
CA LEU A 29 -6.99 -0.58 1.53
C LEU A 29 -7.78 0.29 2.49
N LYS A 30 -7.35 0.33 3.75
CA LYS A 30 -8.02 1.12 4.77
C LYS A 30 -7.33 2.46 4.95
N GLU A 31 -8.02 3.54 4.58
CA GLU A 31 -7.45 4.88 4.70
C GLU A 31 -6.01 4.92 4.22
N PRO A 32 -5.77 4.44 2.99
CA PRO A 32 -4.43 4.40 2.39
C PRO A 32 -3.91 5.79 2.05
N VAL A 33 -2.63 5.87 1.70
CA VAL A 33 -2.01 7.14 1.35
C VAL A 33 -1.13 7.00 0.12
N SER A 34 -1.49 7.70 -0.95
CA SER A 34 -0.74 7.65 -2.19
C SER A 34 0.63 8.28 -2.02
N ALA A 35 1.54 8.01 -2.96
CA ALA A 35 2.88 8.55 -2.91
C ALA A 35 3.28 9.16 -4.25
N ASP A 36 4.53 9.61 -4.36
CA ASP A 36 5.02 10.22 -5.58
C ASP A 36 4.81 9.28 -6.76
N CYS A 37 4.92 7.98 -6.52
CA CYS A 37 4.75 6.98 -7.57
C CYS A 37 3.29 6.53 -7.65
N ASN A 38 2.38 7.47 -7.46
CA ASN A 38 0.94 7.17 -7.50
C ASN A 38 0.65 5.84 -6.81
N HIS A 39 1.48 5.50 -5.82
CA HIS A 39 1.30 4.26 -5.08
C HIS A 39 0.76 4.53 -3.67
N SER A 40 -0.33 3.87 -3.33
CA SER A 40 -0.95 4.05 -2.02
C SER A 40 -0.93 2.74 -1.22
N PHE A 41 -0.86 2.87 0.10
CA PHE A 41 -0.82 1.70 0.97
C PHE A 41 -1.52 2.00 2.30
N CYS A 42 -2.14 0.97 2.87
CA CYS A 42 -2.85 1.11 4.14
C CYS A 42 -2.08 2.03 5.09
N ARG A 43 -2.78 3.03 5.63
CA ARG A 43 -2.16 3.97 6.56
C ARG A 43 -1.12 3.27 7.43
N ALA A 44 -1.46 2.08 7.92
CA ALA A 44 -0.56 1.31 8.76
C ALA A 44 0.55 0.67 7.94
N CYS A 45 0.18 -0.15 6.97
CA CYS A 45 1.15 -0.81 6.11
C CYS A 45 2.29 0.12 5.76
N ILE A 46 1.97 1.19 5.02
CA ILE A 46 2.98 2.16 4.61
C ILE A 46 3.90 2.53 5.78
N THR A 47 3.31 2.67 6.96
CA THR A 47 4.06 3.03 8.16
C THR A 47 4.93 1.86 8.61
N LEU A 48 4.29 0.80 9.08
CA LEU A 48 5.01 -0.38 9.54
C LEU A 48 6.10 -0.79 8.56
N ASN A 49 5.72 -0.98 7.31
CA ASN A 49 6.67 -1.36 6.27
C ASN A 49 7.89 -0.45 6.29
N TYR A 50 7.65 0.86 6.26
CA TYR A 50 8.73 1.84 6.28
C TYR A 50 9.74 1.52 7.38
N GLU A 51 9.26 1.48 8.62
CA GLU A 51 10.12 1.19 9.75
C GLU A 51 11.04 0.00 9.46
N SER A 52 10.47 -1.04 8.88
CA SER A 52 11.22 -2.25 8.55
C SER A 52 12.31 -1.94 7.52
N ASN A 53 11.93 -1.20 6.48
CA ASN A 53 12.87 -0.83 5.43
C ASN A 53 13.10 0.68 5.40
N ARG A 54 14.28 1.10 5.84
CA ARG A 54 14.63 2.52 5.87
C ARG A 54 16.14 2.70 5.84
N ASN A 55 16.57 3.95 5.64
CA ASN A 55 18.00 4.26 5.59
C ASN A 55 18.43 5.00 6.84
N THR A 56 17.93 4.55 8.00
CA THR A 56 18.26 5.17 9.26
C THR A 56 18.33 6.69 9.14
N ASP A 57 17.61 7.24 8.17
CA ASP A 57 17.59 8.67 7.94
C ASP A 57 16.16 9.21 7.98
N GLY A 58 15.26 8.54 7.27
CA GLY A 58 13.87 8.96 7.23
C GLY A 58 13.15 8.51 5.98
N LYS A 59 13.87 8.53 4.85
CA LYS A 59 13.30 8.12 3.58
C LYS A 59 13.15 6.61 3.51
N GLY A 60 12.05 6.14 2.94
CA GLY A 60 11.80 4.71 2.82
C GLY A 60 11.56 4.29 1.38
N ASN A 61 12.03 3.09 1.04
CA ASN A 61 11.86 2.56 -0.31
C ASN A 61 10.45 2.04 -0.51
N CYS A 62 9.96 2.16 -1.74
CA CYS A 62 8.62 1.70 -2.08
C CYS A 62 8.59 0.18 -2.27
N PRO A 63 7.64 -0.48 -1.61
CA PRO A 63 7.48 -1.94 -1.70
C PRO A 63 6.98 -2.40 -3.06
N VAL A 64 6.88 -1.45 -3.99
CA VAL A 64 6.41 -1.75 -5.34
C VAL A 64 7.47 -1.40 -6.38
N CYS A 65 7.97 -0.17 -6.31
CA CYS A 65 8.99 0.29 -7.24
C CYS A 65 10.23 0.79 -6.50
N ARG A 66 10.35 0.38 -5.24
CA ARG A 66 11.49 0.78 -4.42
C ARG A 66 11.97 2.18 -4.80
N VAL A 67 11.05 3.15 -4.77
CA VAL A 67 11.38 4.52 -5.11
C VAL A 67 11.59 5.37 -3.86
N PRO A 68 12.66 6.18 -3.86
CA PRO A 68 12.98 7.06 -2.73
C PRO A 68 11.98 8.20 -2.57
N TYR A 69 11.13 8.10 -1.55
CA TYR A 69 10.12 9.13 -1.30
C TYR A 69 10.28 9.69 0.11
N PRO A 70 10.20 11.03 0.22
CA PRO A 70 10.33 11.73 1.50
C PRO A 70 9.13 11.48 2.42
N PHE A 71 9.22 10.43 3.23
CA PHE A 71 8.15 10.08 4.15
C PHE A 71 7.46 11.34 4.68
N GLY A 72 6.14 11.41 4.52
CA GLY A 72 5.40 12.56 4.98
C GLY A 72 4.57 13.19 3.88
N ASN A 73 5.14 13.26 2.68
CA ASN A 73 4.45 13.86 1.54
C ASN A 73 3.45 12.88 0.93
N LEU A 74 2.68 12.22 1.79
CA LEU A 74 1.69 11.25 1.33
C LEU A 74 0.29 11.84 1.40
N LYS A 75 -0.48 11.67 0.33
CA LYS A 75 -1.84 12.17 0.27
C LYS A 75 -2.84 11.08 0.65
N PRO A 76 -3.90 11.48 1.37
CA PRO A 76 -4.96 10.56 1.80
C PRO A 76 -5.81 10.06 0.64
N ASN A 77 -5.75 8.75 0.39
CA ASN A 77 -6.52 8.14 -0.69
C ASN A 77 -7.75 7.43 -0.15
N LEU A 78 -8.89 8.12 -0.19
CA LEU A 78 -10.14 7.55 0.30
C LEU A 78 -11.13 7.34 -0.85
N HIS A 79 -11.04 8.21 -1.86
CA HIS A 79 -11.93 8.12 -3.02
C HIS A 79 -11.14 7.71 -4.26
N VAL A 80 -11.40 6.49 -4.74
CA VAL A 80 -10.72 5.97 -5.92
C VAL A 80 -11.68 5.86 -7.10
N ALA A 81 -11.79 6.94 -7.87
CA ALA A 81 -12.67 6.96 -9.03
C ALA A 81 -11.89 7.23 -10.31
N ASN A 82 -11.32 6.16 -10.88
CA ASN A 82 -10.54 6.29 -12.11
C ASN A 82 -11.16 5.46 -13.24
N ILE A 83 -11.08 5.98 -14.45
CA ILE A 83 -11.63 5.29 -15.62
C ILE A 83 -11.32 3.80 -15.56
N VAL A 84 -12.36 2.97 -15.65
CA VAL A 84 -12.21 1.53 -15.62
C VAL A 84 -12.91 0.88 -16.79
N GLU A 85 -12.15 0.15 -17.62
CA GLU A 85 -12.71 -0.53 -18.78
C GLU A 85 -13.87 0.27 -19.38
N GLY A 1 20.69 -19.47 14.86
CA GLY A 1 19.31 -19.83 14.54
C GLY A 1 18.39 -19.62 15.73
N SER A 2 17.09 -19.45 15.44
CA SER A 2 16.10 -19.23 16.48
C SER A 2 14.73 -19.72 16.04
N SER A 3 13.79 -19.76 16.97
CA SER A 3 12.44 -20.21 16.68
C SER A 3 11.55 -19.04 16.27
N GLY A 4 10.30 -19.36 15.92
CA GLY A 4 9.37 -18.32 15.52
C GLY A 4 9.04 -18.39 14.04
N SER A 5 7.82 -18.04 13.68
CA SER A 5 7.38 -18.06 12.29
C SER A 5 6.14 -17.19 12.10
N SER A 6 5.72 -17.05 10.85
CA SER A 6 4.54 -16.24 10.52
C SER A 6 3.47 -17.10 9.84
N GLY A 7 2.24 -16.94 10.29
CA GLY A 7 1.14 -17.71 9.72
C GLY A 7 0.27 -16.87 8.80
N MET A 8 -0.80 -17.48 8.29
CA MET A 8 -1.71 -16.77 7.39
C MET A 8 -2.93 -17.64 7.08
N ALA A 9 -4.07 -16.98 6.82
CA ALA A 9 -5.30 -17.69 6.50
C ALA A 9 -6.41 -16.72 6.11
N SER A 10 -6.88 -16.85 4.88
CA SER A 10 -7.94 -15.97 4.38
C SER A 10 -8.75 -16.67 3.29
N SER A 11 -9.77 -15.99 2.79
CA SER A 11 -10.63 -16.54 1.74
C SER A 11 -10.06 -16.24 0.36
N VAL A 12 -9.52 -17.27 -0.29
CA VAL A 12 -8.94 -17.11 -1.63
C VAL A 12 -9.80 -17.81 -2.67
N LEU A 13 -11.11 -17.65 -2.57
CA LEU A 13 -12.03 -18.28 -3.52
C LEU A 13 -12.69 -17.23 -4.41
N GLU A 14 -11.96 -16.14 -4.66
CA GLU A 14 -12.47 -15.07 -5.51
C GLU A 14 -11.33 -14.33 -6.19
N MET A 15 -11.65 -13.64 -7.29
CA MET A 15 -10.66 -12.89 -8.04
C MET A 15 -9.69 -12.17 -7.10
N ILE A 16 -8.42 -12.51 -7.19
CA ILE A 16 -7.40 -11.89 -6.35
C ILE A 16 -6.60 -10.85 -7.12
N LYS A 17 -7.13 -9.63 -7.19
CA LYS A 17 -6.47 -8.55 -7.90
C LYS A 17 -5.23 -8.08 -7.13
N GLU A 18 -4.09 -8.07 -7.82
CA GLU A 18 -2.84 -7.64 -7.21
C GLU A 18 -2.42 -6.25 -7.71
N GLU A 19 -3.42 -5.44 -8.03
CA GLU A 19 -3.17 -4.08 -8.53
C GLU A 19 -3.87 -3.04 -7.66
N VAL A 20 -5.10 -3.34 -7.27
CA VAL A 20 -5.88 -2.43 -6.44
C VAL A 20 -5.75 -2.78 -4.96
N THR A 21 -5.72 -4.08 -4.68
CA THR A 21 -5.60 -4.55 -3.30
C THR A 21 -4.18 -4.37 -2.78
N CYS A 22 -4.06 -3.94 -1.53
CA CYS A 22 -2.76 -3.72 -0.91
C CYS A 22 -1.78 -4.81 -1.31
N PRO A 23 -0.68 -4.41 -1.97
CA PRO A 23 0.36 -5.35 -2.42
C PRO A 23 1.15 -5.94 -1.26
N ILE A 24 0.72 -5.63 -0.03
CA ILE A 24 1.39 -6.12 1.16
C ILE A 24 0.51 -7.10 1.92
N CYS A 25 -0.58 -6.59 2.48
CA CYS A 25 -1.51 -7.42 3.24
C CYS A 25 -2.50 -8.11 2.31
N LEU A 26 -2.71 -7.52 1.14
CA LEU A 26 -3.63 -8.09 0.15
C LEU A 26 -5.07 -8.03 0.66
N GLU A 27 -5.45 -6.91 1.25
CA GLU A 27 -6.79 -6.73 1.78
C GLU A 27 -7.31 -5.32 1.50
N LEU A 28 -8.60 -5.11 1.73
CA LEU A 28 -9.21 -3.81 1.50
C LEU A 28 -8.39 -2.70 2.13
N LEU A 29 -7.92 -1.78 1.29
CA LEU A 29 -7.10 -0.66 1.76
C LEU A 29 -7.90 0.23 2.71
N LYS A 30 -7.39 0.40 3.92
CA LYS A 30 -8.06 1.23 4.93
C LYS A 30 -7.36 2.58 5.06
N GLU A 31 -8.07 3.62 4.63
CA GLU A 31 -7.53 4.97 4.69
C GLU A 31 -6.08 5.02 4.19
N PRO A 32 -5.87 4.48 2.97
CA PRO A 32 -4.55 4.44 2.35
C PRO A 32 -4.06 5.82 1.93
N VAL A 33 -2.78 5.91 1.61
CA VAL A 33 -2.18 7.19 1.19
C VAL A 33 -1.33 7.01 -0.05
N SER A 34 -1.63 7.81 -1.07
CA SER A 34 -0.90 7.75 -2.34
C SER A 34 0.53 8.26 -2.16
N ALA A 35 1.41 7.85 -3.06
CA ALA A 35 2.81 8.27 -3.02
C ALA A 35 3.27 8.80 -4.37
N ASP A 36 4.51 9.28 -4.42
CA ASP A 36 5.08 9.81 -5.65
C ASP A 36 4.94 8.80 -6.79
N CYS A 37 5.06 7.52 -6.46
CA CYS A 37 4.95 6.46 -7.46
C CYS A 37 3.51 6.00 -7.60
N ASN A 38 2.58 6.95 -7.55
CA ASN A 38 1.16 6.64 -7.67
C ASN A 38 0.84 5.30 -7.01
N HIS A 39 1.46 5.05 -5.86
CA HIS A 39 1.24 3.82 -5.13
C HIS A 39 0.73 4.11 -3.72
N SER A 40 -0.46 3.59 -3.39
CA SER A 40 -1.04 3.80 -2.08
C SER A 40 -1.08 2.50 -1.28
N PHE A 41 -1.03 2.63 0.04
CA PHE A 41 -1.05 1.46 0.91
C PHE A 41 -1.75 1.78 2.23
N CYS A 42 -2.22 0.74 2.91
CA CYS A 42 -2.92 0.91 4.19
C CYS A 42 -2.16 1.88 5.09
N ARG A 43 -2.88 2.90 5.55
CA ARG A 43 -2.28 3.91 6.43
C ARG A 43 -1.24 3.28 7.35
N ALA A 44 -1.55 2.09 7.86
CA ALA A 44 -0.64 1.38 8.75
C ALA A 44 0.48 0.72 7.98
N CYS A 45 0.12 -0.15 7.05
CA CYS A 45 1.11 -0.86 6.24
C CYS A 45 2.26 0.06 5.85
N ILE A 46 1.95 1.10 5.08
CA ILE A 46 2.96 2.05 4.64
C ILE A 46 3.85 2.49 5.81
N THR A 47 3.24 2.62 6.98
CA THR A 47 3.98 3.03 8.18
C THR A 47 4.91 1.91 8.65
N LEU A 48 4.32 0.80 9.08
CA LEU A 48 5.11 -0.33 9.56
C LEU A 48 6.15 -0.75 8.53
N ASN A 49 5.69 -1.04 7.32
CA ASN A 49 6.59 -1.46 6.24
C ASN A 49 7.86 -0.60 6.24
N TYR A 50 7.68 0.71 6.30
CA TYR A 50 8.81 1.64 6.29
C TYR A 50 9.72 1.38 7.49
N GLU A 51 9.15 1.36 8.68
CA GLU A 51 9.91 1.13 9.90
C GLU A 51 11.06 0.16 9.64
N SER A 52 10.79 -0.88 8.86
CA SER A 52 11.79 -1.88 8.54
C SER A 52 12.40 -1.63 7.16
N ASN A 53 11.61 -1.01 6.29
CA ASN A 53 12.06 -0.71 4.94
C ASN A 53 12.81 0.61 4.90
N ARG A 54 13.35 1.01 6.05
CA ARG A 54 14.11 2.25 6.14
C ARG A 54 15.39 2.18 5.33
N ASN A 55 16.15 3.28 5.32
CA ASN A 55 17.40 3.34 4.58
C ASN A 55 18.47 4.07 5.37
N THR A 56 19.70 3.56 5.32
CA THR A 56 20.81 4.17 6.03
C THR A 56 20.74 5.69 5.97
N ASP A 57 20.33 6.21 4.82
CA ASP A 57 20.22 7.65 4.63
C ASP A 57 19.07 8.23 5.44
N GLY A 58 17.92 7.56 5.39
CA GLY A 58 16.76 8.01 6.13
C GLY A 58 15.46 7.72 5.40
N LYS A 59 15.47 7.86 4.08
CA LYS A 59 14.29 7.61 3.27
C LYS A 59 13.94 6.13 3.26
N GLY A 60 12.75 5.81 2.78
CA GLY A 60 12.32 4.42 2.71
C GLY A 60 12.24 3.89 1.30
N ASN A 61 11.81 2.65 1.15
CA ASN A 61 11.69 2.03 -0.17
C ASN A 61 10.29 1.46 -0.38
N CYS A 62 9.80 1.54 -1.62
CA CYS A 62 8.48 1.04 -1.95
C CYS A 62 8.51 -0.48 -2.14
N PRO A 63 7.63 -1.18 -1.41
CA PRO A 63 7.52 -2.64 -1.48
C PRO A 63 6.95 -3.11 -2.81
N VAL A 64 6.81 -2.19 -3.75
CA VAL A 64 6.28 -2.53 -5.07
C VAL A 64 7.27 -2.18 -6.17
N CYS A 65 7.70 -0.93 -6.21
CA CYS A 65 8.66 -0.47 -7.21
C CYS A 65 10.02 -0.22 -6.58
N ARG A 66 10.07 -0.19 -5.26
CA ARG A 66 11.31 0.04 -4.54
C ARG A 66 11.90 1.40 -4.90
N VAL A 67 11.09 2.44 -4.78
CA VAL A 67 11.54 3.80 -5.10
C VAL A 67 11.64 4.65 -3.84
N PRO A 68 12.74 5.42 -3.73
CA PRO A 68 12.99 6.30 -2.59
C PRO A 68 12.02 7.48 -2.54
N TYR A 69 11.08 7.44 -1.62
CA TYR A 69 10.10 8.50 -1.47
C TYR A 69 10.20 9.15 -0.10
N PRO A 70 9.98 10.48 -0.05
CA PRO A 70 10.04 11.25 1.19
C PRO A 70 8.88 10.91 2.13
N PHE A 71 9.21 10.42 3.32
CA PHE A 71 8.20 10.06 4.30
C PHE A 71 7.46 11.31 4.80
N GLY A 72 6.14 11.21 4.84
CA GLY A 72 5.34 12.34 5.30
C GLY A 72 4.58 13.00 4.16
N ASN A 73 5.16 13.00 2.98
CA ASN A 73 4.54 13.60 1.81
C ASN A 73 3.53 12.65 1.17
N LEU A 74 2.78 11.94 2.01
CA LEU A 74 1.78 11.00 1.54
C LEU A 74 0.39 11.61 1.58
N LYS A 75 -0.30 11.59 0.44
CA LYS A 75 -1.65 12.14 0.35
C LYS A 75 -2.69 11.08 0.67
N PRO A 76 -3.68 11.45 1.50
CA PRO A 76 -4.76 10.55 1.90
C PRO A 76 -5.71 10.23 0.75
N ASN A 77 -5.74 8.97 0.35
CA ASN A 77 -6.60 8.53 -0.73
C ASN A 77 -8.06 8.40 -0.26
N LEU A 78 -8.87 9.40 -0.58
CA LEU A 78 -10.27 9.40 -0.19
C LEU A 78 -11.13 10.07 -1.26
N HIS A 79 -12.24 9.42 -1.60
CA HIS A 79 -13.15 9.97 -2.61
C HIS A 79 -12.41 10.25 -3.91
N VAL A 80 -11.52 9.35 -4.30
CA VAL A 80 -10.75 9.51 -5.52
C VAL A 80 -11.58 9.14 -6.75
N ALA A 81 -11.97 10.16 -7.51
CA ALA A 81 -12.76 9.95 -8.72
C ALA A 81 -11.89 9.98 -9.97
N ASN A 82 -12.42 9.45 -11.07
CA ASN A 82 -11.69 9.43 -12.33
C ASN A 82 -11.39 10.84 -12.82
N ILE A 83 -12.43 11.68 -12.88
CA ILE A 83 -12.28 13.05 -13.33
C ILE A 83 -12.63 14.03 -12.21
N VAL A 84 -11.79 15.06 -12.06
CA VAL A 84 -12.01 16.07 -11.03
C VAL A 84 -11.64 17.45 -11.53
N GLU A 85 -12.41 18.46 -11.12
CA GLU A 85 -12.16 19.83 -11.53
C GLU A 85 -12.25 20.79 -10.34
N GLY A 1 16.95 -12.13 -38.29
CA GLY A 1 16.98 -12.87 -37.04
C GLY A 1 15.78 -12.59 -36.17
N SER A 2 15.80 -13.10 -34.94
CA SER A 2 14.71 -12.90 -34.00
C SER A 2 15.08 -13.40 -32.62
N SER A 3 14.19 -13.19 -31.66
CA SER A 3 14.43 -13.62 -30.28
C SER A 3 13.14 -13.54 -29.46
N GLY A 4 13.20 -14.03 -28.22
CA GLY A 4 12.04 -14.00 -27.35
C GLY A 4 12.41 -13.93 -25.89
N SER A 5 12.91 -15.04 -25.35
CA SER A 5 13.30 -15.10 -23.95
C SER A 5 12.13 -14.74 -23.04
N SER A 6 10.95 -15.25 -23.37
CA SER A 6 9.74 -14.98 -22.60
C SER A 6 8.95 -16.26 -22.36
N GLY A 7 8.28 -16.33 -21.21
CA GLY A 7 7.50 -17.51 -20.88
C GLY A 7 6.70 -17.34 -19.60
N MET A 8 5.45 -17.80 -19.62
CA MET A 8 4.58 -17.69 -18.45
C MET A 8 3.41 -18.66 -18.55
N ALA A 9 2.64 -18.77 -17.48
CA ALA A 9 1.49 -19.66 -17.44
C ALA A 9 0.69 -19.47 -16.16
N SER A 10 -0.53 -18.96 -16.31
CA SER A 10 -1.41 -18.73 -15.17
C SER A 10 -2.88 -18.82 -15.58
N SER A 11 -3.56 -19.85 -15.07
CA SER A 11 -4.97 -20.06 -15.39
C SER A 11 -5.75 -20.41 -14.13
N VAL A 12 -6.55 -19.46 -13.65
CA VAL A 12 -7.36 -19.68 -12.46
C VAL A 12 -8.75 -19.09 -12.63
N LEU A 13 -9.75 -19.80 -12.10
CA LEU A 13 -11.14 -19.35 -12.20
C LEU A 13 -11.47 -18.38 -11.08
N GLU A 14 -10.46 -17.66 -10.60
CA GLU A 14 -10.65 -16.68 -9.53
C GLU A 14 -10.80 -15.28 -10.08
N MET A 15 -11.90 -14.62 -9.75
CA MET A 15 -12.16 -13.26 -10.21
C MET A 15 -11.76 -12.24 -9.16
N ILE A 16 -10.68 -12.52 -8.44
CA ILE A 16 -10.20 -11.62 -7.40
C ILE A 16 -9.04 -10.77 -7.91
N LYS A 17 -9.18 -9.45 -7.76
CA LYS A 17 -8.15 -8.53 -8.20
C LYS A 17 -6.98 -8.50 -7.21
N GLU A 18 -5.77 -8.61 -7.74
CA GLU A 18 -4.57 -8.60 -6.91
C GLU A 18 -3.65 -7.44 -7.28
N GLU A 19 -4.26 -6.35 -7.73
CA GLU A 19 -3.50 -5.16 -8.12
C GLU A 19 -3.96 -3.93 -7.35
N VAL A 20 -5.29 -3.79 -7.22
CA VAL A 20 -5.86 -2.66 -6.51
C VAL A 20 -5.72 -2.83 -4.99
N THR A 21 -5.97 -4.04 -4.52
CA THR A 21 -5.86 -4.34 -3.09
C THR A 21 -4.44 -4.15 -2.59
N CYS A 22 -4.29 -4.03 -1.28
CA CYS A 22 -2.98 -3.84 -0.67
C CYS A 22 -2.06 -5.03 -0.98
N PRO A 23 -0.95 -4.76 -1.66
CA PRO A 23 0.03 -5.78 -2.04
C PRO A 23 0.79 -6.32 -0.83
N ILE A 24 0.37 -5.90 0.36
CA ILE A 24 1.01 -6.35 1.59
C ILE A 24 0.08 -7.24 2.41
N CYS A 25 -0.94 -6.63 3.00
CA CYS A 25 -1.90 -7.37 3.81
C CYS A 25 -2.95 -8.05 2.93
N LEU A 26 -3.02 -7.60 1.68
CA LEU A 26 -3.98 -8.18 0.73
C LEU A 26 -5.41 -8.03 1.23
N GLU A 27 -5.74 -6.83 1.71
CA GLU A 27 -7.08 -6.55 2.23
C GLU A 27 -7.52 -5.14 1.87
N LEU A 28 -8.81 -4.87 2.04
CA LEU A 28 -9.36 -3.55 1.74
C LEU A 28 -8.47 -2.45 2.31
N LEU A 29 -8.03 -1.54 1.44
CA LEU A 29 -7.19 -0.43 1.86
C LEU A 29 -7.94 0.52 2.80
N LYS A 30 -7.59 0.47 4.07
CA LYS A 30 -8.24 1.34 5.06
C LYS A 30 -7.51 2.67 5.18
N GLU A 31 -8.17 3.74 4.74
CA GLU A 31 -7.59 5.08 4.80
C GLU A 31 -6.15 5.06 4.29
N PRO A 32 -5.96 4.54 3.06
CA PRO A 32 -4.64 4.46 2.43
C PRO A 32 -4.09 5.83 2.05
N VAL A 33 -2.92 5.85 1.43
CA VAL A 33 -2.29 7.09 1.00
C VAL A 33 -1.51 6.90 -0.29
N SER A 34 -1.75 7.77 -1.26
CA SER A 34 -1.07 7.70 -2.55
C SER A 34 0.39 8.12 -2.41
N ALA A 35 1.23 7.65 -3.33
CA ALA A 35 2.64 7.98 -3.32
C ALA A 35 3.10 8.48 -4.69
N ASP A 36 4.33 9.01 -4.75
CA ASP A 36 4.88 9.52 -5.99
C ASP A 36 4.83 8.46 -7.08
N CYS A 37 4.97 7.20 -6.69
CA CYS A 37 4.93 6.09 -7.63
C CYS A 37 3.51 5.59 -7.84
N ASN A 38 2.56 6.53 -7.88
CA ASN A 38 1.15 6.19 -8.07
C ASN A 38 0.80 4.90 -7.34
N HIS A 39 1.37 4.72 -6.16
CA HIS A 39 1.12 3.53 -5.35
C HIS A 39 0.56 3.90 -3.98
N SER A 40 -0.55 3.28 -3.61
CA SER A 40 -1.20 3.55 -2.33
C SER A 40 -1.23 2.29 -1.46
N PHE A 41 -1.13 2.49 -0.15
CA PHE A 41 -1.16 1.37 0.79
C PHE A 41 -1.84 1.77 2.09
N CYS A 42 -2.21 0.77 2.89
CA CYS A 42 -2.88 1.01 4.17
C CYS A 42 -2.02 1.90 5.06
N ARG A 43 -2.60 2.99 5.55
CA ARG A 43 -1.89 3.91 6.42
C ARG A 43 -0.95 3.17 7.35
N ALA A 44 -1.46 2.11 7.99
CA ALA A 44 -0.66 1.31 8.90
C ALA A 44 0.45 0.57 8.16
N CYS A 45 0.09 -0.05 7.03
CA CYS A 45 1.06 -0.79 6.23
C CYS A 45 2.21 0.11 5.80
N ILE A 46 1.93 1.03 4.89
CA ILE A 46 2.95 1.96 4.40
C ILE A 46 3.88 2.40 5.52
N THR A 47 3.31 2.63 6.69
CA THR A 47 4.10 3.06 7.85
C THR A 47 4.98 1.94 8.36
N LEU A 48 4.36 0.84 8.77
CA LEU A 48 5.09 -0.31 9.28
C LEU A 48 6.22 -0.71 8.33
N ASN A 49 5.85 -1.05 7.10
CA ASN A 49 6.83 -1.45 6.09
C ASN A 49 8.07 -0.57 6.16
N TYR A 50 7.86 0.74 6.27
CA TYR A 50 8.96 1.68 6.35
C TYR A 50 9.82 1.42 7.59
N GLU A 51 9.19 1.46 8.75
CA GLU A 51 9.89 1.22 10.01
C GLU A 51 10.91 0.10 9.86
N SER A 52 10.47 -1.01 9.28
CA SER A 52 11.33 -2.17 9.08
C SER A 52 12.46 -1.85 8.11
N ASN A 53 12.09 -1.39 6.92
CA ASN A 53 13.07 -1.05 5.90
C ASN A 53 12.91 0.40 5.45
N ARG A 54 13.97 1.19 5.57
CA ARG A 54 13.94 2.59 5.18
C ARG A 54 15.34 3.12 4.95
N ASN A 55 15.44 4.29 4.30
CA ASN A 55 16.73 4.89 4.02
C ASN A 55 17.32 5.54 5.28
N THR A 56 18.65 5.56 5.36
CA THR A 56 19.32 6.15 6.51
C THR A 56 19.11 7.66 6.57
N ASP A 57 18.70 8.23 5.44
CA ASP A 57 18.45 9.67 5.37
C ASP A 57 17.04 10.01 5.86
N GLY A 58 16.06 9.25 5.38
CA GLY A 58 14.69 9.49 5.78
C GLY A 58 13.69 8.94 4.77
N LYS A 59 14.07 8.98 3.50
CA LYS A 59 13.20 8.49 2.43
C LYS A 59 12.84 7.03 2.65
N GLY A 60 11.58 6.69 2.38
CA GLY A 60 11.12 5.32 2.56
C GLY A 60 11.15 4.53 1.26
N ASN A 61 11.22 3.21 1.38
CA ASN A 61 11.26 2.33 0.21
C ASN A 61 9.90 1.70 -0.04
N CYS A 62 9.47 1.72 -1.29
CA CYS A 62 8.18 1.15 -1.68
C CYS A 62 8.27 -0.37 -1.78
N PRO A 63 7.36 -1.06 -1.07
CA PRO A 63 7.32 -2.53 -1.06
C PRO A 63 6.86 -3.09 -2.41
N VAL A 64 6.73 -2.22 -3.40
CA VAL A 64 6.30 -2.64 -4.73
C VAL A 64 7.38 -2.34 -5.77
N CYS A 65 7.76 -1.08 -5.85
CA CYS A 65 8.79 -0.64 -6.82
C CYS A 65 10.09 -0.32 -6.10
N ARG A 66 10.02 -0.16 -4.78
CA ARG A 66 11.20 0.17 -3.99
C ARG A 66 11.77 1.52 -4.37
N VAL A 67 10.90 2.52 -4.47
CA VAL A 67 11.32 3.87 -4.83
C VAL A 67 11.37 4.78 -3.61
N PRO A 68 12.44 5.58 -3.52
CA PRO A 68 12.63 6.51 -2.40
C PRO A 68 11.64 7.66 -2.43
N TYR A 69 10.67 7.63 -1.53
CA TYR A 69 9.65 8.68 -1.45
C TYR A 69 9.71 9.40 -0.11
N PRO A 70 9.47 10.72 -0.14
CA PRO A 70 9.49 11.56 1.06
C PRO A 70 8.32 11.27 2.00
N PHE A 71 8.62 10.64 3.13
CA PHE A 71 7.59 10.30 4.11
C PHE A 71 6.82 11.55 4.54
N GLY A 72 5.49 11.47 4.44
CA GLY A 72 4.65 12.59 4.81
C GLY A 72 3.84 13.13 3.65
N ASN A 73 4.54 13.50 2.57
CA ASN A 73 3.88 14.04 1.39
C ASN A 73 2.68 13.19 1.00
N LEU A 74 2.79 11.88 1.21
CA LEU A 74 1.71 10.96 0.89
C LEU A 74 0.34 11.59 1.20
N LYS A 75 -0.50 11.68 0.17
CA LYS A 75 -1.83 12.25 0.33
C LYS A 75 -2.81 11.22 0.87
N PRO A 76 -3.70 11.67 1.77
CA PRO A 76 -4.71 10.80 2.39
C PRO A 76 -5.78 10.36 1.40
N ASN A 77 -5.86 9.05 1.17
CA ASN A 77 -6.84 8.50 0.25
C ASN A 77 -8.16 8.20 0.96
N LEU A 78 -9.23 8.81 0.49
CA LEU A 78 -10.56 8.62 1.09
C LEU A 78 -11.59 8.31 0.01
N HIS A 79 -11.90 7.03 -0.16
CA HIS A 79 -12.88 6.61 -1.16
C HIS A 79 -12.74 7.42 -2.43
N VAL A 80 -11.50 7.64 -2.86
CA VAL A 80 -11.23 8.41 -4.08
C VAL A 80 -11.26 7.50 -5.31
N ALA A 81 -12.21 7.75 -6.20
CA ALA A 81 -12.35 6.98 -7.41
C ALA A 81 -12.37 7.88 -8.64
N ASN A 82 -11.24 7.96 -9.34
CA ASN A 82 -11.13 8.79 -10.53
C ASN A 82 -12.26 8.49 -11.50
N ILE A 83 -12.30 9.23 -12.61
CA ILE A 83 -13.34 9.04 -13.62
C ILE A 83 -13.06 7.81 -14.46
N VAL A 84 -11.89 7.21 -14.28
CA VAL A 84 -11.50 6.03 -15.03
C VAL A 84 -11.92 6.14 -16.49
N GLU A 85 -11.53 7.23 -17.13
CA GLU A 85 -11.86 7.46 -18.53
C GLU A 85 -10.64 7.25 -19.42
N GLY A 1 6.96 -33.22 18.88
CA GLY A 1 5.66 -32.81 18.39
C GLY A 1 5.39 -33.34 16.98
N SER A 2 4.11 -33.44 16.62
CA SER A 2 3.72 -33.94 15.31
C SER A 2 2.41 -33.29 14.86
N SER A 3 2.10 -33.47 13.58
CA SER A 3 0.88 -32.89 13.01
C SER A 3 0.61 -33.46 11.62
N GLY A 4 -0.54 -33.12 11.06
CA GLY A 4 -0.90 -33.61 9.74
C GLY A 4 -2.40 -33.60 9.50
N SER A 5 -2.81 -33.12 8.34
CA SER A 5 -4.23 -33.04 8.00
C SER A 5 -4.41 -32.71 6.52
N SER A 6 -5.58 -33.06 5.98
CA SER A 6 -5.88 -32.80 4.58
C SER A 6 -7.35 -32.45 4.40
N GLY A 7 -7.65 -31.77 3.29
CA GLY A 7 -9.02 -31.37 3.02
C GLY A 7 -9.24 -31.00 1.56
N MET A 8 -10.50 -30.82 1.19
CA MET A 8 -10.84 -30.45 -0.18
C MET A 8 -11.43 -29.04 -0.25
N ALA A 9 -11.17 -28.35 -1.35
CA ALA A 9 -11.68 -27.00 -1.53
C ALA A 9 -11.97 -26.71 -3.00
N SER A 10 -12.87 -25.76 -3.24
CA SER A 10 -13.25 -25.40 -4.60
C SER A 10 -13.36 -23.88 -4.75
N SER A 11 -13.32 -23.42 -6.00
CA SER A 11 -13.41 -21.99 -6.28
C SER A 11 -14.09 -21.74 -7.62
N VAL A 12 -14.99 -20.76 -7.65
CA VAL A 12 -15.72 -20.42 -8.86
C VAL A 12 -14.97 -19.37 -9.67
N LEU A 13 -15.51 -19.02 -10.83
CA LEU A 13 -14.90 -18.03 -11.71
C LEU A 13 -15.40 -16.63 -11.38
N GLU A 14 -14.51 -15.79 -10.87
CA GLU A 14 -14.87 -14.42 -10.51
C GLU A 14 -13.76 -13.45 -10.92
N MET A 15 -14.11 -12.17 -11.00
CA MET A 15 -13.15 -11.14 -11.38
C MET A 15 -12.58 -10.45 -10.15
N ILE A 16 -11.55 -11.07 -9.56
CA ILE A 16 -10.91 -10.50 -8.37
C ILE A 16 -9.61 -9.79 -8.74
N LYS A 17 -9.66 -8.47 -8.76
CA LYS A 17 -8.48 -7.67 -9.09
C LYS A 17 -7.39 -7.85 -8.05
N GLU A 18 -6.20 -8.26 -8.50
CA GLU A 18 -5.08 -8.48 -7.60
C GLU A 18 -4.02 -7.39 -7.79
N GLU A 19 -4.46 -6.21 -8.22
CA GLU A 19 -3.55 -5.09 -8.43
C GLU A 19 -3.88 -3.93 -7.49
N VAL A 20 -5.17 -3.64 -7.35
CA VAL A 20 -5.62 -2.55 -6.49
C VAL A 20 -5.35 -2.88 -5.02
N THR A 21 -5.61 -4.13 -4.65
CA THR A 21 -5.39 -4.57 -3.27
C THR A 21 -3.99 -4.24 -2.79
N CYS A 22 -3.85 -3.98 -1.50
CA CYS A 22 -2.55 -3.65 -0.92
C CYS A 22 -1.50 -4.70 -1.30
N PRO A 23 -0.43 -4.24 -1.97
CA PRO A 23 0.67 -5.12 -2.40
C PRO A 23 1.49 -5.64 -1.23
N ILE A 24 1.05 -5.32 -0.02
CA ILE A 24 1.75 -5.75 1.18
C ILE A 24 0.94 -6.77 1.96
N CYS A 25 -0.21 -6.32 2.48
CA CYS A 25 -1.10 -7.19 3.24
C CYS A 25 -2.06 -7.93 2.32
N LEU A 26 -2.35 -7.34 1.17
CA LEU A 26 -3.26 -7.94 0.20
C LEU A 26 -4.69 -7.96 0.73
N GLU A 27 -5.10 -6.86 1.35
CA GLU A 27 -6.44 -6.74 1.89
C GLU A 27 -7.03 -5.36 1.62
N LEU A 28 -8.32 -5.21 1.89
CA LEU A 28 -9.00 -3.94 1.67
C LEU A 28 -8.21 -2.79 2.28
N LEU A 29 -7.77 -1.88 1.42
CA LEU A 29 -7.00 -0.71 1.87
C LEU A 29 -7.83 0.17 2.80
N LYS A 30 -7.33 0.39 4.01
CA LYS A 30 -8.02 1.21 4.99
C LYS A 30 -7.39 2.59 5.09
N GLU A 31 -8.14 3.61 4.68
CA GLU A 31 -7.65 4.99 4.71
C GLU A 31 -6.19 5.06 4.26
N PRO A 32 -5.92 4.49 3.08
CA PRO A 32 -4.56 4.49 2.50
C PRO A 32 -4.10 5.87 2.07
N VAL A 33 -2.82 5.99 1.76
CA VAL A 33 -2.25 7.26 1.32
C VAL A 33 -1.36 7.08 0.10
N SER A 34 -1.66 7.82 -0.97
CA SER A 34 -0.90 7.74 -2.19
C SER A 34 0.46 8.42 -2.03
N ALA A 35 1.39 8.09 -2.92
CA ALA A 35 2.73 8.66 -2.89
C ALA A 35 3.12 9.24 -4.24
N ASP A 36 4.35 9.75 -4.33
CA ASP A 36 4.83 10.34 -5.57
C ASP A 36 4.67 9.36 -6.74
N CYS A 37 4.80 8.08 -6.45
CA CYS A 37 4.67 7.05 -7.47
C CYS A 37 3.22 6.60 -7.61
N ASN A 38 2.30 7.55 -7.47
CA ASN A 38 0.88 7.25 -7.58
C ASN A 38 0.55 5.90 -6.96
N HIS A 39 1.23 5.58 -5.86
CA HIS A 39 1.01 4.32 -5.17
C HIS A 39 0.51 4.55 -3.75
N SER A 40 -0.67 4.01 -3.45
CA SER A 40 -1.27 4.16 -2.13
C SER A 40 -1.24 2.84 -1.36
N PHE A 41 -1.10 2.94 -0.05
CA PHE A 41 -1.05 1.76 0.81
C PHE A 41 -1.75 2.03 2.14
N CYS A 42 -2.11 0.95 2.84
CA CYS A 42 -2.78 1.06 4.13
C CYS A 42 -2.03 2.01 5.06
N ARG A 43 -2.71 3.04 5.53
CA ARG A 43 -2.10 4.01 6.43
C ARG A 43 -1.07 3.35 7.33
N ALA A 44 -1.43 2.22 7.90
CA ALA A 44 -0.53 1.48 8.78
C ALA A 44 0.62 0.85 8.00
N CYS A 45 0.27 -0.03 7.06
CA CYS A 45 1.28 -0.71 6.25
C CYS A 45 2.40 0.26 5.85
N ILE A 46 2.05 1.25 5.04
CA ILE A 46 3.02 2.24 4.58
C ILE A 46 3.96 2.65 5.71
N THR A 47 3.40 2.75 6.92
CA THR A 47 4.19 3.13 8.09
C THR A 47 5.08 1.99 8.55
N LEU A 48 4.47 0.88 8.92
CA LEU A 48 5.21 -0.29 9.38
C LEU A 48 6.32 -0.66 8.39
N ASN A 49 5.93 -0.88 7.14
CA ASN A 49 6.88 -1.24 6.10
C ASN A 49 8.12 -0.34 6.16
N TYR A 50 7.88 0.97 6.26
CA TYR A 50 8.97 1.93 6.32
C TYR A 50 9.93 1.61 7.46
N GLU A 51 9.38 1.29 8.62
CA GLU A 51 10.19 0.95 9.79
C GLU A 51 10.90 -0.38 9.59
N SER A 52 10.15 -1.37 9.09
CA SER A 52 10.71 -2.70 8.85
C SER A 52 11.99 -2.61 8.03
N ASN A 53 11.95 -1.81 6.98
CA ASN A 53 13.10 -1.63 6.10
C ASN A 53 13.36 -0.15 5.82
N ARG A 54 14.29 0.43 6.56
CA ARG A 54 14.64 1.83 6.39
C ARG A 54 16.00 1.99 5.72
N ASN A 55 16.16 3.09 4.98
CA ASN A 55 17.41 3.35 4.28
C ASN A 55 18.46 3.93 5.24
N THR A 56 19.73 3.78 4.87
CA THR A 56 20.82 4.29 5.69
C THR A 56 20.64 5.77 5.99
N ASP A 57 20.14 6.51 5.02
CA ASP A 57 19.91 7.95 5.18
C ASP A 57 18.78 8.21 6.16
N GLY A 58 17.67 7.51 5.98
CA GLY A 58 16.53 7.68 6.86
C GLY A 58 15.21 7.45 6.16
N LYS A 59 15.08 7.98 4.95
CA LYS A 59 13.86 7.83 4.17
C LYS A 59 13.54 6.36 3.94
N GLY A 60 12.46 6.10 3.20
CA GLY A 60 12.07 4.73 2.92
C GLY A 60 11.82 4.49 1.46
N ASN A 61 11.75 3.22 1.07
CA ASN A 61 11.52 2.85 -0.32
C ASN A 61 10.12 2.27 -0.50
N CYS A 62 9.62 2.32 -1.73
CA CYS A 62 8.29 1.79 -2.04
C CYS A 62 8.33 0.28 -2.19
N PRO A 63 7.40 -0.40 -1.50
CA PRO A 63 7.30 -1.87 -1.54
C PRO A 63 6.81 -2.38 -2.89
N VAL A 64 6.75 -1.49 -3.88
CA VAL A 64 6.31 -1.85 -5.22
C VAL A 64 7.35 -1.46 -6.26
N CYS A 65 7.68 -0.17 -6.32
CA CYS A 65 8.66 0.34 -7.27
C CYS A 65 9.98 0.62 -6.58
N ARG A 66 9.99 0.54 -5.25
CA ARG A 66 11.20 0.79 -4.48
C ARG A 66 11.78 2.17 -4.82
N VAL A 67 10.93 3.18 -4.85
CA VAL A 67 11.36 4.53 -5.16
C VAL A 67 11.48 5.38 -3.90
N PRO A 68 12.57 6.15 -3.80
CA PRO A 68 12.81 7.04 -2.65
C PRO A 68 11.85 8.21 -2.60
N TYR A 69 10.98 8.21 -1.59
CA TYR A 69 10.01 9.28 -1.42
C TYR A 69 10.10 9.90 -0.03
N PRO A 70 9.80 11.20 0.06
CA PRO A 70 9.84 11.94 1.32
C PRO A 70 8.73 11.51 2.28
N PHE A 71 9.08 10.61 3.21
CA PHE A 71 8.13 10.12 4.18
C PHE A 71 7.38 11.28 4.86
N GLY A 72 6.08 11.37 4.61
CA GLY A 72 5.29 12.43 5.19
C GLY A 72 4.40 13.12 4.18
N ASN A 73 4.93 13.33 2.98
CA ASN A 73 4.18 13.98 1.91
C ASN A 73 3.21 13.00 1.24
N LEU A 74 2.50 12.23 2.05
CA LEU A 74 1.55 11.25 1.53
C LEU A 74 0.12 11.77 1.66
N LYS A 75 -0.62 11.73 0.56
CA LYS A 75 -2.01 12.18 0.55
C LYS A 75 -2.97 11.01 0.65
N PRO A 76 -4.09 11.22 1.36
CA PRO A 76 -5.11 10.19 1.56
C PRO A 76 -5.87 9.87 0.27
N ASN A 77 -6.28 8.61 0.13
CA ASN A 77 -7.01 8.17 -1.06
C ASN A 77 -8.42 7.72 -0.69
N LEU A 78 -9.40 8.55 -1.02
CA LEU A 78 -10.80 8.23 -0.72
C LEU A 78 -11.68 8.44 -1.96
N HIS A 79 -12.16 7.35 -2.52
CA HIS A 79 -13.02 7.41 -3.69
C HIS A 79 -12.51 8.46 -4.68
N VAL A 80 -11.19 8.50 -4.87
CA VAL A 80 -10.58 9.45 -5.78
C VAL A 80 -10.35 8.84 -7.15
N ALA A 81 -11.08 9.31 -8.15
CA ALA A 81 -10.95 8.80 -9.51
C ALA A 81 -10.78 9.94 -10.51
N ASN A 82 -9.96 10.93 -10.14
CA ASN A 82 -9.71 12.07 -11.00
C ASN A 82 -8.22 12.31 -11.18
N ILE A 83 -7.83 12.70 -12.38
CA ILE A 83 -6.43 12.96 -12.69
C ILE A 83 -5.54 11.79 -12.28
N VAL A 84 -5.99 10.58 -12.62
CA VAL A 84 -5.23 9.37 -12.29
C VAL A 84 -3.95 9.27 -13.12
N GLU A 85 -3.95 9.95 -14.26
CA GLU A 85 -2.78 9.94 -15.15
C GLU A 85 -1.57 10.56 -14.46
N GLY A 1 9.52 2.35 33.43
CA GLY A 1 9.29 1.51 32.28
C GLY A 1 7.96 1.78 31.61
N SER A 2 7.52 0.85 30.77
CA SER A 2 6.25 1.00 30.06
C SER A 2 5.72 -0.36 29.62
N SER A 3 4.41 -0.42 29.37
CA SER A 3 3.78 -1.66 28.94
C SER A 3 3.24 -1.53 27.52
N GLY A 4 2.50 -0.45 27.26
CA GLY A 4 1.95 -0.23 25.94
C GLY A 4 0.43 -0.31 25.92
N SER A 5 -0.15 -0.14 24.74
CA SER A 5 -1.60 -0.20 24.60
C SER A 5 -1.99 -0.38 23.14
N SER A 6 -3.18 -0.94 22.91
CA SER A 6 -3.67 -1.16 21.55
C SER A 6 -5.07 -0.57 21.38
N GLY A 7 -5.60 -0.67 20.16
CA GLY A 7 -6.92 -0.13 19.88
C GLY A 7 -7.54 -0.76 18.65
N MET A 8 -8.80 -0.42 18.39
CA MET A 8 -9.52 -0.95 17.24
C MET A 8 -9.96 0.17 16.30
N ALA A 9 -10.44 -0.19 15.13
CA ALA A 9 -10.90 0.79 14.15
C ALA A 9 -12.07 0.24 13.33
N SER A 10 -13.24 0.86 13.49
CA SER A 10 -14.43 0.44 12.77
C SER A 10 -14.40 0.93 11.33
N SER A 11 -15.36 0.46 10.54
CA SER A 11 -15.44 0.85 9.13
C SER A 11 -16.73 0.35 8.50
N VAL A 12 -17.54 1.27 7.98
CA VAL A 12 -18.80 0.92 7.34
C VAL A 12 -18.58 -0.04 6.16
N LEU A 13 -19.61 -0.81 5.84
CA LEU A 13 -19.52 -1.76 4.74
C LEU A 13 -19.05 -1.08 3.47
N GLU A 14 -17.84 -1.42 3.02
CA GLU A 14 -17.28 -0.83 1.81
C GLU A 14 -17.11 -1.89 0.73
N MET A 15 -17.37 -1.50 -0.52
CA MET A 15 -17.25 -2.41 -1.66
C MET A 15 -15.99 -3.27 -1.53
N ILE A 16 -16.06 -4.49 -2.03
CA ILE A 16 -14.93 -5.41 -1.97
C ILE A 16 -14.09 -5.32 -3.24
N LYS A 17 -13.20 -4.33 -3.28
CA LYS A 17 -12.32 -4.14 -4.43
C LYS A 17 -11.26 -5.23 -4.50
N GLU A 18 -11.12 -5.83 -5.68
CA GLU A 18 -10.13 -6.89 -5.87
C GLU A 18 -9.18 -6.53 -7.01
N GLU A 19 -8.92 -5.24 -7.17
CA GLU A 19 -8.02 -4.76 -8.21
C GLU A 19 -6.94 -3.85 -7.63
N VAL A 20 -7.32 -3.07 -6.63
CA VAL A 20 -6.39 -2.14 -5.99
C VAL A 20 -6.10 -2.57 -4.55
N THR A 21 -6.47 -3.80 -4.22
CA THR A 21 -6.26 -4.33 -2.88
C THR A 21 -4.81 -4.17 -2.45
N CYS A 22 -4.60 -3.96 -1.15
CA CYS A 22 -3.25 -3.80 -0.62
C CYS A 22 -2.35 -4.96 -1.02
N PRO A 23 -1.25 -4.65 -1.71
CA PRO A 23 -0.29 -5.65 -2.17
C PRO A 23 0.50 -6.28 -1.02
N ILE A 24 0.15 -5.89 0.21
CA ILE A 24 0.81 -6.40 1.40
C ILE A 24 -0.10 -7.33 2.19
N CYS A 25 -1.19 -6.78 2.71
CA CYS A 25 -2.14 -7.55 3.49
C CYS A 25 -3.21 -8.16 2.58
N LEU A 26 -3.44 -7.53 1.43
CA LEU A 26 -4.42 -8.02 0.48
C LEU A 26 -5.83 -7.89 1.04
N GLU A 27 -6.18 -6.70 1.51
CA GLU A 27 -7.50 -6.44 2.07
C GLU A 27 -7.90 -4.97 1.89
N LEU A 28 -9.20 -4.71 1.96
CA LEU A 28 -9.71 -3.35 1.81
C LEU A 28 -8.74 -2.34 2.41
N LEU A 29 -8.31 -1.39 1.57
CA LEU A 29 -7.38 -0.36 2.02
C LEU A 29 -8.02 0.55 3.06
N LYS A 30 -7.46 0.53 4.27
CA LYS A 30 -7.98 1.35 5.36
C LYS A 30 -7.21 2.67 5.46
N GLU A 31 -7.87 3.76 5.09
CA GLU A 31 -7.25 5.07 5.15
C GLU A 31 -5.88 5.06 4.49
N PRO A 32 -5.82 4.58 3.24
CA PRO A 32 -4.58 4.50 2.47
C PRO A 32 -4.05 5.87 2.08
N VAL A 33 -2.79 5.92 1.65
CA VAL A 33 -2.17 7.17 1.24
C VAL A 33 -1.38 6.99 -0.05
N SER A 34 -1.73 7.77 -1.07
CA SER A 34 -1.05 7.69 -2.36
C SER A 34 0.40 8.17 -2.25
N ALA A 35 1.24 7.70 -3.15
CA ALA A 35 2.65 8.09 -3.16
C ALA A 35 3.09 8.55 -4.54
N ASP A 36 4.33 9.00 -4.64
CA ASP A 36 4.88 9.48 -5.90
C ASP A 36 4.66 8.44 -7.00
N CYS A 37 4.79 7.16 -6.65
CA CYS A 37 4.61 6.08 -7.59
C CYS A 37 3.15 5.67 -7.68
N ASN A 38 2.26 6.66 -7.61
CA ASN A 38 0.83 6.40 -7.69
C ASN A 38 0.48 5.09 -6.99
N HIS A 39 1.13 4.82 -5.86
CA HIS A 39 0.89 3.60 -5.10
C HIS A 39 0.46 3.94 -3.68
N SER A 40 -0.73 3.49 -3.30
CA SER A 40 -1.25 3.74 -1.97
C SER A 40 -1.32 2.45 -1.15
N PHE A 41 -1.20 2.58 0.16
CA PHE A 41 -1.25 1.42 1.05
C PHE A 41 -1.87 1.80 2.40
N CYS A 42 -2.40 0.80 3.10
CA CYS A 42 -3.02 1.01 4.39
C CYS A 42 -2.17 1.94 5.25
N ARG A 43 -2.78 3.01 5.75
CA ARG A 43 -2.08 3.98 6.59
C ARG A 43 -1.02 3.27 7.44
N ALA A 44 -1.37 2.10 7.96
CA ALA A 44 -0.45 1.33 8.79
C ALA A 44 0.61 0.64 7.95
N CYS A 45 0.17 -0.26 7.08
CA CYS A 45 1.08 -1.00 6.22
C CYS A 45 2.22 -0.11 5.74
N ILE A 46 1.87 0.95 5.01
CA ILE A 46 2.86 1.89 4.50
C ILE A 46 3.85 2.29 5.59
N THR A 47 3.35 2.40 6.81
CA THR A 47 4.20 2.79 7.94
C THR A 47 5.08 1.63 8.39
N LEU A 48 4.46 0.55 8.84
CA LEU A 48 5.19 -0.62 9.30
C LEU A 48 6.28 -1.00 8.30
N ASN A 49 5.89 -1.18 7.04
CA ASN A 49 6.84 -1.53 5.99
C ASN A 49 8.06 -0.63 6.02
N TYR A 50 7.82 0.68 6.15
CA TYR A 50 8.89 1.65 6.18
C TYR A 50 9.75 1.48 7.44
N GLU A 51 9.13 1.70 8.60
CA GLU A 51 9.83 1.56 9.87
C GLU A 51 10.82 0.41 9.83
N SER A 52 10.35 -0.74 9.34
CA SER A 52 11.19 -1.93 9.26
C SER A 52 12.38 -1.69 8.32
N ASN A 53 12.09 -1.25 7.10
CA ASN A 53 13.13 -0.97 6.12
C ASN A 53 13.26 0.52 5.86
N ARG A 54 14.30 1.12 6.43
CA ARG A 54 14.54 2.55 6.27
C ARG A 54 15.91 2.81 5.64
N ASN A 55 16.23 4.08 5.43
CA ASN A 55 17.51 4.46 4.84
C ASN A 55 18.16 5.59 5.64
N THR A 56 19.44 5.82 5.37
CA THR A 56 20.18 6.87 6.06
C THR A 56 19.45 8.21 5.97
N ASP A 57 18.92 8.51 4.79
CA ASP A 57 18.18 9.75 4.57
C ASP A 57 16.72 9.59 4.93
N GLY A 58 16.45 8.90 6.03
CA GLY A 58 15.08 8.69 6.46
C GLY A 58 14.15 8.41 5.30
N LYS A 59 14.61 7.61 4.35
CA LYS A 59 13.81 7.25 3.18
C LYS A 59 13.22 5.84 3.32
N GLY A 60 12.32 5.49 2.41
CA GLY A 60 11.71 4.18 2.44
C GLY A 60 11.58 3.57 1.06
N ASN A 61 11.43 2.24 1.01
CA ASN A 61 11.30 1.55 -0.26
C ASN A 61 9.86 1.05 -0.45
N CYS A 62 9.38 1.13 -1.69
CA CYS A 62 8.03 0.69 -2.01
C CYS A 62 7.96 -0.83 -2.17
N PRO A 63 6.99 -1.45 -1.49
CA PRO A 63 6.80 -2.90 -1.55
C PRO A 63 6.29 -3.38 -2.90
N VAL A 64 6.24 -2.46 -3.86
CA VAL A 64 5.78 -2.78 -5.20
C VAL A 64 6.84 -2.45 -6.24
N CYS A 65 7.22 -1.18 -6.32
CA CYS A 65 8.23 -0.74 -7.28
C CYS A 65 9.56 -0.49 -6.59
N ARG A 66 9.54 -0.49 -5.25
CA ARG A 66 10.75 -0.28 -4.47
C ARG A 66 11.40 1.06 -4.84
N VAL A 67 10.61 2.13 -4.81
CA VAL A 67 11.11 3.45 -5.15
C VAL A 67 11.27 4.31 -3.90
N PRO A 68 12.40 5.03 -3.82
CA PRO A 68 12.70 5.91 -2.68
C PRO A 68 11.81 7.13 -2.64
N TYR A 69 10.85 7.14 -1.70
CA TYR A 69 9.93 8.25 -1.55
C TYR A 69 10.04 8.87 -0.16
N PRO A 70 9.94 10.20 -0.11
CA PRO A 70 10.02 10.95 1.16
C PRO A 70 8.81 10.72 2.06
N PHE A 71 9.06 10.42 3.33
CA PHE A 71 7.98 10.18 4.28
C PHE A 71 7.27 11.49 4.64
N GLY A 72 5.95 11.49 4.53
CA GLY A 72 5.19 12.68 4.85
C GLY A 72 4.48 13.26 3.64
N ASN A 73 5.11 13.14 2.47
CA ASN A 73 4.55 13.65 1.23
C ASN A 73 3.51 12.68 0.66
N LEU A 74 2.69 12.10 1.54
CA LEU A 74 1.66 11.17 1.13
C LEU A 74 0.28 11.79 1.23
N LYS A 75 -0.47 11.74 0.14
CA LYS A 75 -1.82 12.30 0.10
C LYS A 75 -2.83 11.33 0.69
N PRO A 76 -3.78 11.86 1.48
CA PRO A 76 -4.82 11.05 2.13
C PRO A 76 -5.83 10.51 1.12
N ASN A 77 -6.34 9.32 1.40
CA ASN A 77 -7.32 8.68 0.53
C ASN A 77 -8.72 8.81 1.09
N LEU A 78 -9.39 9.92 0.78
CA LEU A 78 -10.74 10.17 1.26
C LEU A 78 -11.71 10.34 0.10
N HIS A 79 -12.55 9.34 -0.10
CA HIS A 79 -13.54 9.38 -1.18
C HIS A 79 -12.93 9.97 -2.45
N VAL A 80 -11.69 9.60 -2.74
CA VAL A 80 -11.00 10.10 -3.92
C VAL A 80 -11.57 9.50 -5.19
N ALA A 81 -12.48 10.23 -5.83
CA ALA A 81 -13.11 9.77 -7.06
C ALA A 81 -13.35 10.92 -8.02
N ASN A 82 -12.56 10.99 -9.09
CA ASN A 82 -12.69 12.04 -10.08
C ASN A 82 -12.28 11.55 -11.46
N ILE A 83 -12.65 12.30 -12.49
CA ILE A 83 -12.32 11.94 -13.87
C ILE A 83 -10.85 11.54 -14.00
N VAL A 84 -10.62 10.26 -14.28
CA VAL A 84 -9.27 9.75 -14.43
C VAL A 84 -8.87 9.65 -15.90
N GLU A 85 -8.46 10.77 -16.48
CA GLU A 85 -8.06 10.81 -17.87
C GLU A 85 -6.54 10.67 -18.01
N GLY A 1 23.63 -13.67 -33.29
CA GLY A 1 22.36 -13.74 -32.58
C GLY A 1 22.44 -14.65 -31.37
N SER A 2 21.64 -14.31 -30.34
CA SER A 2 21.63 -15.09 -29.12
C SER A 2 20.39 -14.76 -28.29
N SER A 3 19.83 -15.77 -27.65
CA SER A 3 18.64 -15.59 -26.81
C SER A 3 18.56 -16.66 -25.73
N GLY A 4 17.60 -16.51 -24.83
CA GLY A 4 17.43 -17.47 -23.75
C GLY A 4 16.98 -16.82 -22.46
N SER A 5 15.89 -17.33 -21.89
CA SER A 5 15.36 -16.79 -20.65
C SER A 5 14.20 -17.63 -20.14
N SER A 6 14.07 -17.72 -18.82
CA SER A 6 13.01 -18.51 -18.21
C SER A 6 12.87 -18.18 -16.72
N GLY A 7 11.68 -18.37 -16.19
CA GLY A 7 11.43 -18.09 -14.78
C GLY A 7 10.22 -18.82 -14.24
N MET A 8 10.45 -19.78 -13.35
CA MET A 8 9.37 -20.54 -12.76
C MET A 8 9.51 -20.61 -11.24
N ALA A 9 8.38 -20.59 -10.54
CA ALA A 9 8.39 -20.65 -9.08
C ALA A 9 6.98 -20.88 -8.54
N SER A 10 6.88 -21.03 -7.22
CA SER A 10 5.59 -21.25 -6.58
C SER A 10 4.58 -20.16 -6.96
N SER A 11 3.33 -20.57 -7.14
CA SER A 11 2.28 -19.62 -7.52
C SER A 11 0.94 -20.04 -6.92
N VAL A 12 0.35 -19.15 -6.13
CA VAL A 12 -0.95 -19.43 -5.50
C VAL A 12 -2.02 -18.48 -6.01
N LEU A 13 -3.19 -19.03 -6.31
CA LEU A 13 -4.31 -18.22 -6.80
C LEU A 13 -4.85 -17.30 -5.71
N GLU A 14 -4.64 -16.00 -5.89
CA GLU A 14 -5.11 -15.02 -4.91
C GLU A 14 -6.63 -14.90 -4.94
N MET A 15 -7.17 -14.10 -4.03
CA MET A 15 -8.62 -13.91 -3.95
C MET A 15 -9.10 -12.94 -5.03
N ILE A 16 -10.27 -13.22 -5.58
CA ILE A 16 -10.84 -12.36 -6.62
C ILE A 16 -10.56 -10.89 -6.34
N LYS A 17 -9.62 -10.32 -7.09
CA LYS A 17 -9.26 -8.92 -6.93
C LYS A 17 -8.72 -8.34 -8.23
N GLU A 18 -9.28 -7.20 -8.64
CA GLU A 18 -8.85 -6.55 -9.87
C GLU A 18 -7.56 -5.75 -9.65
N GLU A 19 -6.57 -6.41 -9.06
CA GLU A 19 -5.29 -5.77 -8.79
C GLU A 19 -5.49 -4.40 -8.14
N VAL A 20 -6.32 -4.35 -7.11
CA VAL A 20 -6.60 -3.10 -6.40
C VAL A 20 -6.53 -3.30 -4.90
N THR A 21 -5.78 -4.30 -4.47
CA THR A 21 -5.64 -4.60 -3.05
C THR A 21 -4.21 -4.34 -2.57
N CYS A 22 -4.06 -4.16 -1.26
CA CYS A 22 -2.75 -3.90 -0.68
C CYS A 22 -1.78 -5.03 -1.01
N PRO A 23 -0.67 -4.67 -1.67
CA PRO A 23 0.37 -5.63 -2.06
C PRO A 23 1.13 -6.18 -0.87
N ILE A 24 0.67 -5.85 0.33
CA ILE A 24 1.31 -6.31 1.56
C ILE A 24 0.42 -7.28 2.32
N CYS A 25 -0.68 -6.78 2.85
CA CYS A 25 -1.62 -7.60 3.60
C CYS A 25 -2.66 -8.22 2.67
N LEU A 26 -2.79 -7.66 1.47
CA LEU A 26 -3.73 -8.17 0.49
C LEU A 26 -5.16 -8.11 1.03
N GLU A 27 -5.53 -6.95 1.58
CA GLU A 27 -6.87 -6.77 2.12
C GLU A 27 -7.38 -5.36 1.85
N LEU A 28 -8.68 -5.17 2.03
CA LEU A 28 -9.30 -3.87 1.80
C LEU A 28 -8.45 -2.75 2.37
N LEU A 29 -7.93 -1.89 1.50
CA LEU A 29 -7.09 -0.78 1.92
C LEU A 29 -7.86 0.17 2.84
N LYS A 30 -7.33 0.41 4.03
CA LYS A 30 -7.95 1.28 5.00
C LYS A 30 -7.27 2.65 5.02
N GLU A 31 -8.00 3.68 4.60
CA GLU A 31 -7.46 5.03 4.58
C GLU A 31 -6.03 5.04 4.06
N PRO A 32 -5.82 4.40 2.90
CA PRO A 32 -4.50 4.32 2.26
C PRO A 32 -4.03 5.67 1.73
N VAL A 33 -2.71 5.85 1.68
CA VAL A 33 -2.13 7.10 1.18
C VAL A 33 -1.43 6.88 -0.16
N SER A 34 -1.63 7.81 -1.09
CA SER A 34 -1.02 7.72 -2.41
C SER A 34 0.46 8.09 -2.34
N ALA A 35 1.21 7.64 -3.35
CA ALA A 35 2.64 7.93 -3.41
C ALA A 35 3.04 8.46 -4.78
N ASP A 36 4.32 8.78 -4.94
CA ASP A 36 4.82 9.30 -6.21
C ASP A 36 4.62 8.29 -7.33
N CYS A 37 4.77 7.01 -7.00
CA CYS A 37 4.60 5.94 -7.99
C CYS A 37 3.15 5.52 -8.09
N ASN A 38 2.24 6.49 -7.92
CA ASN A 38 0.81 6.20 -7.99
C ASN A 38 0.47 4.92 -7.25
N HIS A 39 1.16 4.67 -6.15
CA HIS A 39 0.92 3.47 -5.35
C HIS A 39 0.38 3.83 -3.97
N SER A 40 -0.71 3.18 -3.58
CA SER A 40 -1.33 3.44 -2.28
C SER A 40 -1.28 2.20 -1.39
N PHE A 41 -1.17 2.41 -0.09
CA PHE A 41 -1.10 1.31 0.86
C PHE A 41 -1.78 1.69 2.18
N CYS A 42 -2.23 0.69 2.91
CA CYS A 42 -2.89 0.91 4.20
C CYS A 42 -2.11 1.91 5.04
N ARG A 43 -2.79 2.96 5.50
CA ARG A 43 -2.16 3.99 6.31
C ARG A 43 -1.11 3.37 7.23
N ALA A 44 -1.43 2.23 7.82
CA ALA A 44 -0.51 1.55 8.72
C ALA A 44 0.62 0.87 7.93
N CYS A 45 0.26 -0.12 7.13
CA CYS A 45 1.24 -0.85 6.33
C CYS A 45 2.37 0.08 5.89
N ILE A 46 2.05 1.00 4.98
CA ILE A 46 3.03 1.95 4.47
C ILE A 46 3.98 2.40 5.57
N THR A 47 3.44 2.62 6.77
CA THR A 47 4.25 3.05 7.90
C THR A 47 5.11 1.91 8.42
N LEU A 48 4.45 0.84 8.87
CA LEU A 48 5.16 -0.32 9.40
C LEU A 48 6.23 -0.80 8.43
N ASN A 49 5.82 -1.10 7.20
CA ASN A 49 6.75 -1.57 6.18
C ASN A 49 7.94 -0.61 6.05
N TYR A 50 7.67 0.67 6.19
CA TYR A 50 8.71 1.69 6.08
C TYR A 50 9.68 1.60 7.26
N GLU A 51 9.12 1.54 8.47
CA GLU A 51 9.93 1.46 9.68
C GLU A 51 10.87 0.26 9.63
N SER A 52 10.31 -0.92 9.37
CA SER A 52 11.09 -2.14 9.29
C SER A 52 11.99 -2.13 8.06
N ASN A 53 11.44 -1.71 6.94
CA ASN A 53 12.19 -1.66 5.69
C ASN A 53 12.43 -0.22 5.26
N ARG A 54 13.69 0.19 5.24
CA ARG A 54 14.07 1.55 4.85
C ARG A 54 15.57 1.69 4.77
N ASN A 55 16.03 2.82 4.20
CA ASN A 55 17.45 3.08 4.06
C ASN A 55 17.92 4.13 5.07
N THR A 56 19.12 3.93 5.61
CA THR A 56 19.68 4.85 6.59
C THR A 56 19.39 6.30 6.19
N ASP A 57 19.71 6.64 4.95
CA ASP A 57 19.50 7.99 4.44
C ASP A 57 18.24 8.60 5.06
N GLY A 58 17.12 7.91 4.92
CA GLY A 58 15.86 8.40 5.46
C GLY A 58 14.66 7.96 4.64
N LYS A 59 14.83 7.93 3.33
CA LYS A 59 13.75 7.53 2.43
C LYS A 59 13.49 6.03 2.53
N GLY A 60 12.27 5.62 2.22
CA GLY A 60 11.90 4.21 2.29
C GLY A 60 11.71 3.60 0.92
N ASN A 61 11.71 2.27 0.85
CA ASN A 61 11.53 1.56 -0.40
C ASN A 61 10.08 1.14 -0.60
N CYS A 62 9.63 1.17 -1.84
CA CYS A 62 8.25 0.80 -2.16
C CYS A 62 8.12 -0.73 -2.28
N PRO A 63 7.10 -1.28 -1.61
CA PRO A 63 6.84 -2.72 -1.63
C PRO A 63 6.35 -3.21 -2.99
N VAL A 64 6.38 -2.32 -3.97
CA VAL A 64 5.93 -2.66 -5.32
C VAL A 64 7.03 -2.40 -6.34
N CYS A 65 7.47 -1.14 -6.42
CA CYS A 65 8.52 -0.78 -7.36
C CYS A 65 9.80 -0.36 -6.62
N ARG A 66 9.86 -0.70 -5.33
CA ARG A 66 11.02 -0.37 -4.51
C ARG A 66 11.58 0.99 -4.89
N VAL A 67 10.69 1.95 -5.13
CA VAL A 67 11.10 3.30 -5.50
C VAL A 67 11.27 4.18 -4.27
N PRO A 68 12.39 4.92 -4.22
CA PRO A 68 12.69 5.82 -3.10
C PRO A 68 11.78 7.03 -3.07
N TYR A 69 10.85 7.04 -2.13
CA TYR A 69 9.90 8.15 -2.01
C TYR A 69 10.15 8.93 -0.71
N PRO A 70 10.04 10.26 -0.79
CA PRO A 70 10.24 11.14 0.35
C PRO A 70 9.14 11.01 1.40
N PHE A 71 9.48 10.44 2.56
CA PHE A 71 8.52 10.25 3.63
C PHE A 71 7.88 11.57 4.03
N GLY A 72 6.59 11.53 4.32
CA GLY A 72 5.87 12.74 4.70
C GLY A 72 5.02 13.29 3.58
N ASN A 73 5.52 13.17 2.35
CA ASN A 73 4.80 13.66 1.19
C ASN A 73 3.73 12.67 0.74
N LEU A 74 2.94 12.19 1.70
CA LEU A 74 1.88 11.23 1.40
C LEU A 74 0.51 11.83 1.71
N LYS A 75 -0.39 11.75 0.75
CA LYS A 75 -1.74 12.28 0.92
C LYS A 75 -2.75 11.14 1.06
N PRO A 76 -3.87 11.43 1.74
CA PRO A 76 -4.94 10.45 1.95
C PRO A 76 -5.69 10.12 0.66
N ASN A 77 -5.86 8.83 0.39
CA ASN A 77 -6.56 8.38 -0.81
C ASN A 77 -7.95 7.86 -0.46
N LEU A 78 -8.62 8.54 0.46
CA LEU A 78 -9.96 8.15 0.88
C LEU A 78 -11.01 8.69 -0.08
N HIS A 79 -12.11 7.95 -0.21
CA HIS A 79 -13.20 8.36 -1.11
C HIS A 79 -12.72 8.43 -2.55
N VAL A 80 -11.91 7.44 -2.95
CA VAL A 80 -11.39 7.40 -4.31
C VAL A 80 -11.53 6.00 -4.91
N ALA A 81 -12.09 5.92 -6.11
CA ALA A 81 -12.27 4.65 -6.79
C ALA A 81 -11.55 4.63 -8.13
N ASN A 82 -11.60 3.48 -8.80
CA ASN A 82 -10.94 3.33 -10.09
C ASN A 82 -11.00 4.63 -10.89
N ILE A 83 -12.19 5.19 -11.02
CA ILE A 83 -12.38 6.43 -11.76
C ILE A 83 -13.01 7.50 -10.88
N VAL A 84 -12.60 8.75 -11.09
CA VAL A 84 -13.12 9.87 -10.31
C VAL A 84 -13.48 11.04 -11.21
N GLU A 85 -14.58 11.72 -10.88
CA GLU A 85 -15.02 12.86 -11.66
C GLU A 85 -14.13 14.08 -11.41
N GLY A 1 27.43 -9.41 13.72
CA GLY A 1 26.57 -10.53 13.38
C GLY A 1 25.10 -10.21 13.60
N SER A 2 24.23 -11.00 12.96
CA SER A 2 22.79 -10.81 13.09
C SER A 2 22.03 -11.92 12.36
N SER A 3 20.71 -11.91 12.52
CA SER A 3 19.87 -12.92 11.88
C SER A 3 18.39 -12.57 12.06
N GLY A 4 17.54 -13.31 11.35
CA GLY A 4 16.10 -13.07 11.43
C GLY A 4 15.30 -13.99 10.54
N SER A 5 13.98 -13.85 10.58
CA SER A 5 13.10 -14.70 9.78
C SER A 5 11.70 -14.09 9.69
N SER A 6 10.87 -14.67 8.83
CA SER A 6 9.51 -14.19 8.65
C SER A 6 8.59 -15.31 8.17
N GLY A 7 7.31 -14.99 8.03
CA GLY A 7 6.35 -15.99 7.59
C GLY A 7 5.54 -15.51 6.39
N MET A 8 4.37 -16.12 6.21
CA MET A 8 3.49 -15.76 5.09
C MET A 8 2.13 -16.44 5.24
N ALA A 9 1.16 -15.97 4.45
CA ALA A 9 -0.19 -16.53 4.49
C ALA A 9 -1.04 -15.99 3.34
N SER A 10 -2.26 -16.49 3.23
CA SER A 10 -3.16 -16.07 2.16
C SER A 10 -4.60 -16.51 2.47
N SER A 11 -5.55 -15.94 1.74
CA SER A 11 -6.96 -16.28 1.93
C SER A 11 -7.76 -16.01 0.66
N VAL A 12 -8.64 -16.94 0.31
CA VAL A 12 -9.46 -16.81 -0.88
C VAL A 12 -10.95 -16.74 -0.51
N LEU A 13 -11.61 -15.68 -0.96
CA LEU A 13 -13.03 -15.49 -0.68
C LEU A 13 -13.69 -14.65 -1.77
N GLU A 14 -15.01 -14.61 -1.76
CA GLU A 14 -15.77 -13.84 -2.75
C GLU A 14 -15.44 -12.36 -2.64
N MET A 15 -14.86 -11.81 -3.70
CA MET A 15 -14.50 -10.40 -3.73
C MET A 15 -14.01 -9.99 -5.11
N ILE A 16 -14.55 -8.89 -5.63
CA ILE A 16 -14.16 -8.39 -6.95
C ILE A 16 -13.03 -7.36 -6.83
N LYS A 17 -11.81 -7.80 -7.10
CA LYS A 17 -10.65 -6.92 -7.03
C LYS A 17 -9.85 -6.99 -8.33
N GLU A 18 -9.48 -5.83 -8.86
CA GLU A 18 -8.70 -5.75 -10.09
C GLU A 18 -7.50 -4.83 -9.93
N GLU A 19 -6.42 -5.36 -9.36
CA GLU A 19 -5.21 -4.57 -9.15
C GLU A 19 -5.52 -3.31 -8.35
N VAL A 20 -6.45 -3.42 -7.41
CA VAL A 20 -6.84 -2.30 -6.57
C VAL A 20 -6.81 -2.68 -5.09
N THR A 21 -5.98 -3.66 -4.75
CA THR A 21 -5.86 -4.12 -3.38
C THR A 21 -4.44 -3.92 -2.85
N CYS A 22 -4.31 -3.79 -1.54
CA CYS A 22 -3.01 -3.59 -0.90
C CYS A 22 -2.06 -4.74 -1.26
N PRO A 23 -0.94 -4.39 -1.92
CA PRO A 23 0.08 -5.37 -2.32
C PRO A 23 0.83 -5.94 -1.12
N ILE A 24 0.43 -5.53 0.07
CA ILE A 24 1.08 -6.00 1.29
C ILE A 24 0.19 -7.00 2.03
N CYS A 25 -0.93 -6.51 2.56
CA CYS A 25 -1.86 -7.35 3.29
C CYS A 25 -2.81 -8.07 2.34
N LEU A 26 -3.04 -7.46 1.18
CA LEU A 26 -3.92 -8.04 0.17
C LEU A 26 -5.38 -7.99 0.65
N GLU A 27 -5.81 -6.83 1.11
CA GLU A 27 -7.17 -6.65 1.58
C GLU A 27 -7.64 -5.21 1.37
N LEU A 28 -8.95 -5.00 1.47
CA LEU A 28 -9.53 -3.68 1.29
C LEU A 28 -8.61 -2.60 1.86
N LEU A 29 -8.24 -1.64 1.01
CA LEU A 29 -7.36 -0.55 1.44
C LEU A 29 -8.09 0.41 2.36
N LYS A 30 -7.66 0.46 3.62
CA LYS A 30 -8.27 1.33 4.61
C LYS A 30 -7.47 2.65 4.73
N GLU A 31 -8.13 3.76 4.41
CA GLU A 31 -7.50 5.07 4.50
C GLU A 31 -6.07 5.00 3.99
N PRO A 32 -5.89 4.49 2.76
CA PRO A 32 -4.58 4.36 2.13
C PRO A 32 -3.98 5.72 1.75
N VAL A 33 -2.70 5.71 1.38
CA VAL A 33 -2.02 6.94 0.99
C VAL A 33 -1.31 6.77 -0.34
N SER A 34 -1.69 7.60 -1.32
CA SER A 34 -1.10 7.54 -2.65
C SER A 34 0.36 8.02 -2.62
N ALA A 35 1.17 7.47 -3.51
CA ALA A 35 2.59 7.84 -3.57
C ALA A 35 2.98 8.23 -5.00
N ASP A 36 4.17 8.78 -5.15
CA ASP A 36 4.66 9.20 -6.45
C ASP A 36 4.53 8.07 -7.47
N CYS A 37 4.81 6.85 -7.02
CA CYS A 37 4.73 5.69 -7.90
C CYS A 37 3.28 5.18 -8.00
N ASN A 38 2.34 6.12 -8.04
CA ASN A 38 0.93 5.78 -8.14
C ASN A 38 0.63 4.50 -7.36
N HIS A 39 1.24 4.36 -6.18
CA HIS A 39 1.04 3.19 -5.34
C HIS A 39 0.55 3.59 -3.96
N SER A 40 -0.65 3.13 -3.60
CA SER A 40 -1.24 3.45 -2.31
C SER A 40 -1.26 2.22 -1.40
N PHE A 41 -1.11 2.44 -0.10
CA PHE A 41 -1.11 1.35 0.87
C PHE A 41 -1.79 1.78 2.17
N CYS A 42 -2.32 0.81 2.90
CA CYS A 42 -3.00 1.09 4.17
C CYS A 42 -2.19 2.07 5.01
N ARG A 43 -2.85 3.13 5.47
CA ARG A 43 -2.19 4.14 6.29
C ARG A 43 -1.14 3.50 7.19
N ALA A 44 -1.47 2.36 7.77
CA ALA A 44 -0.56 1.65 8.66
C ALA A 44 0.50 0.91 7.87
N CYS A 45 0.06 0.03 6.96
CA CYS A 45 0.98 -0.74 6.13
C CYS A 45 2.20 0.08 5.76
N ILE A 46 1.98 1.11 4.94
CA ILE A 46 3.07 1.98 4.50
C ILE A 46 3.95 2.39 5.67
N THR A 47 3.33 2.54 6.84
CA THR A 47 4.07 2.93 8.04
C THR A 47 4.88 1.76 8.59
N LEU A 48 4.20 0.71 9.01
CA LEU A 48 4.85 -0.46 9.56
C LEU A 48 5.98 -0.93 8.65
N ASN A 49 5.73 -0.89 7.35
CA ASN A 49 6.73 -1.30 6.37
C ASN A 49 7.95 -0.38 6.40
N TYR A 50 7.71 0.92 6.34
CA TYR A 50 8.78 1.90 6.37
C TYR A 50 9.72 1.65 7.55
N GLU A 51 9.15 1.37 8.71
CA GLU A 51 9.93 1.10 9.91
C GLU A 51 11.04 0.09 9.62
N SER A 52 10.68 -1.01 8.97
CA SER A 52 11.63 -2.05 8.63
C SER A 52 12.41 -1.70 7.36
N ASN A 53 11.68 -1.51 6.27
CA ASN A 53 12.30 -1.17 4.99
C ASN A 53 12.56 0.34 4.89
N ARG A 54 13.80 0.74 5.13
CA ARG A 54 14.17 2.15 5.07
C ARG A 54 15.67 2.31 4.83
N ASN A 55 16.07 3.49 4.39
CA ASN A 55 17.47 3.78 4.12
C ASN A 55 18.09 4.62 5.23
N THR A 56 19.41 4.76 5.20
CA THR A 56 20.11 5.54 6.20
C THR A 56 20.14 7.02 5.83
N ASP A 57 19.12 7.47 5.12
CA ASP A 57 19.02 8.86 4.70
C ASP A 57 17.71 9.48 5.16
N GLY A 58 16.62 8.73 5.00
CA GLY A 58 15.32 9.23 5.40
C GLY A 58 14.20 8.68 4.55
N LYS A 59 14.44 8.59 3.25
CA LYS A 59 13.44 8.08 2.32
C LYS A 59 13.38 6.55 2.38
N GLY A 60 12.19 6.00 2.13
CA GLY A 60 12.02 4.56 2.17
C GLY A 60 11.86 3.97 0.78
N ASN A 61 11.83 2.64 0.71
CA ASN A 61 11.68 1.95 -0.57
C ASN A 61 10.31 1.29 -0.68
N CYS A 62 9.74 1.31 -1.87
CA CYS A 62 8.44 0.72 -2.12
C CYS A 62 8.54 -0.79 -2.29
N PRO A 63 7.74 -1.53 -1.52
CA PRO A 63 7.73 -3.00 -1.58
C PRO A 63 7.14 -3.53 -2.89
N VAL A 64 6.90 -2.63 -3.83
CA VAL A 64 6.34 -3.00 -5.12
C VAL A 64 7.29 -2.62 -6.26
N CYS A 65 7.65 -1.35 -6.32
CA CYS A 65 8.54 -0.85 -7.37
C CYS A 65 9.92 -0.55 -6.79
N ARG A 66 10.03 -0.55 -5.47
CA ARG A 66 11.29 -0.28 -4.80
C ARG A 66 11.85 1.07 -5.22
N VAL A 67 10.98 2.07 -5.28
CA VAL A 67 11.39 3.42 -5.68
C VAL A 67 11.51 4.33 -4.47
N PRO A 68 12.55 5.17 -4.44
CA PRO A 68 12.80 6.11 -3.35
C PRO A 68 11.77 7.24 -3.32
N TYR A 69 10.86 7.18 -2.35
CA TYR A 69 9.83 8.20 -2.21
C TYR A 69 9.89 8.85 -0.83
N PRO A 70 9.44 10.12 -0.76
CA PRO A 70 9.45 10.88 0.49
C PRO A 70 8.41 10.36 1.48
N PHE A 71 8.58 10.72 2.74
CA PHE A 71 7.65 10.29 3.80
C PHE A 71 6.63 11.38 4.08
N GLY A 72 7.10 12.58 4.38
CA GLY A 72 6.21 13.69 4.68
C GLY A 72 5.59 14.28 3.43
N ASN A 73 5.11 13.42 2.53
CA ASN A 73 4.50 13.87 1.29
C ASN A 73 3.20 13.11 1.03
N LEU A 74 3.23 11.80 1.22
CA LEU A 74 2.06 10.96 1.00
C LEU A 74 0.79 11.72 1.33
N LYS A 75 -0.30 11.40 0.61
CA LYS A 75 -1.58 12.05 0.84
C LYS A 75 -2.66 11.03 1.14
N PRO A 76 -3.64 11.42 1.97
CA PRO A 76 -4.75 10.55 2.36
C PRO A 76 -5.71 10.28 1.20
N ASN A 77 -5.76 9.03 0.77
CA ASN A 77 -6.63 8.65 -0.34
C ASN A 77 -8.06 8.41 0.16
N LEU A 78 -8.95 9.34 -0.16
CA LEU A 78 -10.34 9.24 0.25
C LEU A 78 -11.25 9.04 -0.96
N HIS A 79 -11.38 7.79 -1.40
CA HIS A 79 -12.23 7.47 -2.54
C HIS A 79 -11.85 8.32 -3.75
N VAL A 80 -10.55 8.52 -3.94
CA VAL A 80 -10.06 9.32 -5.06
C VAL A 80 -10.24 8.57 -6.38
N ALA A 81 -11.34 8.87 -7.07
CA ALA A 81 -11.62 8.23 -8.35
C ALA A 81 -11.04 9.03 -9.51
N ASN A 82 -10.80 8.36 -10.63
CA ASN A 82 -10.24 9.01 -11.81
C ASN A 82 -11.31 9.81 -12.55
N ILE A 83 -10.93 10.37 -13.69
CA ILE A 83 -11.87 11.16 -14.49
C ILE A 83 -12.72 10.25 -15.37
N VAL A 84 -13.05 9.08 -14.86
CA VAL A 84 -13.87 8.12 -15.59
C VAL A 84 -15.35 8.41 -15.40
N GLU A 85 -15.68 9.09 -14.30
CA GLU A 85 -17.07 9.43 -14.00
C GLU A 85 -17.71 10.17 -15.17
N GLY A 1 12.98 -30.09 -7.78
CA GLY A 1 11.67 -30.68 -7.52
C GLY A 1 11.03 -30.11 -6.27
N SER A 2 9.81 -30.53 -5.99
CA SER A 2 9.07 -30.05 -4.83
C SER A 2 7.77 -30.82 -4.66
N SER A 3 7.04 -30.50 -3.59
CA SER A 3 5.76 -31.16 -3.31
C SER A 3 4.87 -30.27 -2.45
N GLY A 4 3.66 -30.75 -2.18
CA GLY A 4 2.73 -29.98 -1.38
C GLY A 4 1.44 -30.73 -1.11
N SER A 5 0.45 -30.03 -0.55
CA SER A 5 -0.83 -30.64 -0.24
C SER A 5 -1.97 -29.68 -0.53
N SER A 6 -3.20 -30.16 -0.39
CA SER A 6 -4.39 -29.35 -0.64
C SER A 6 -5.46 -29.61 0.40
N GLY A 7 -6.56 -28.85 0.33
CA GLY A 7 -7.65 -29.02 1.27
C GLY A 7 -9.00 -28.83 0.63
N MET A 8 -9.84 -28.01 1.25
CA MET A 8 -11.18 -27.74 0.73
C MET A 8 -11.60 -26.31 1.04
N ALA A 9 -12.49 -25.78 0.21
CA ALA A 9 -12.98 -24.41 0.38
C ALA A 9 -14.12 -24.09 -0.59
N SER A 10 -14.76 -22.95 -0.40
CA SER A 10 -15.85 -22.53 -1.25
C SER A 10 -15.59 -21.14 -1.84
N SER A 11 -16.03 -20.94 -3.08
CA SER A 11 -15.84 -19.66 -3.75
C SER A 11 -16.78 -19.54 -4.95
N VAL A 12 -16.78 -18.36 -5.58
CA VAL A 12 -17.63 -18.12 -6.74
C VAL A 12 -16.79 -17.88 -7.98
N LEU A 13 -17.45 -17.88 -9.14
CA LEU A 13 -16.77 -17.67 -10.41
C LEU A 13 -16.90 -16.22 -10.87
N GLU A 14 -16.12 -15.33 -10.27
CA GLU A 14 -16.15 -13.91 -10.61
C GLU A 14 -14.78 -13.28 -10.46
N MET A 15 -14.41 -12.43 -11.41
CA MET A 15 -13.13 -11.75 -11.37
C MET A 15 -12.98 -10.90 -10.11
N ILE A 16 -11.85 -11.02 -9.45
CA ILE A 16 -11.59 -10.27 -8.22
C ILE A 16 -10.70 -9.06 -8.50
N LYS A 17 -10.98 -7.95 -7.82
CA LYS A 17 -10.21 -6.74 -7.98
C LYS A 17 -8.87 -6.82 -7.23
N GLU A 18 -8.13 -7.88 -7.50
CA GLU A 18 -6.84 -8.08 -6.85
C GLU A 18 -5.77 -7.19 -7.49
N GLU A 19 -6.10 -5.93 -7.70
CA GLU A 19 -5.18 -4.98 -8.31
C GLU A 19 -5.02 -3.74 -7.43
N VAL A 20 -6.13 -3.25 -6.89
CA VAL A 20 -6.11 -2.08 -6.03
C VAL A 20 -5.86 -2.46 -4.57
N THR A 21 -6.47 -3.56 -4.14
CA THR A 21 -6.32 -4.04 -2.77
C THR A 21 -4.86 -4.00 -2.34
N CYS A 22 -4.63 -3.64 -1.09
CA CYS A 22 -3.27 -3.56 -0.55
C CYS A 22 -2.42 -4.73 -1.03
N PRO A 23 -1.37 -4.42 -1.79
CA PRO A 23 -0.45 -5.43 -2.33
C PRO A 23 0.39 -6.09 -1.25
N ILE A 24 0.15 -5.71 0.00
CA ILE A 24 0.89 -6.26 1.13
C ILE A 24 0.04 -7.25 1.91
N CYS A 25 -1.05 -6.76 2.50
CA CYS A 25 -1.94 -7.60 3.27
C CYS A 25 -3.04 -8.19 2.39
N LEU A 26 -3.35 -7.50 1.29
CA LEU A 26 -4.37 -7.95 0.37
C LEU A 26 -5.76 -7.86 1.00
N GLU A 27 -6.02 -6.76 1.69
CA GLU A 27 -7.31 -6.55 2.34
C GLU A 27 -7.79 -5.12 2.15
N LEU A 28 -9.09 -4.90 2.33
CA LEU A 28 -9.68 -3.58 2.18
C LEU A 28 -8.70 -2.50 2.62
N LEU A 29 -8.51 -1.50 1.77
CA LEU A 29 -7.60 -0.40 2.07
C LEU A 29 -8.24 0.58 3.05
N LYS A 30 -7.65 0.68 4.24
CA LYS A 30 -8.17 1.58 5.28
C LYS A 30 -7.30 2.83 5.38
N GLU A 31 -7.82 3.96 4.92
CA GLU A 31 -7.09 5.22 4.95
C GLU A 31 -5.77 5.11 4.21
N PRO A 32 -5.84 4.65 2.95
CA PRO A 32 -4.65 4.49 2.10
C PRO A 32 -4.04 5.82 1.69
N VAL A 33 -2.71 5.85 1.58
CA VAL A 33 -2.01 7.07 1.19
C VAL A 33 -1.31 6.90 -0.15
N SER A 34 -1.60 7.79 -1.09
CA SER A 34 -1.01 7.73 -2.43
C SER A 34 0.49 8.03 -2.35
N ALA A 35 1.23 7.50 -3.33
CA ALA A 35 2.67 7.71 -3.38
C ALA A 35 3.12 8.10 -4.78
N ASP A 36 4.39 8.47 -4.91
CA ASP A 36 4.94 8.87 -6.21
C ASP A 36 4.73 7.78 -7.24
N CYS A 37 4.93 6.53 -6.84
CA CYS A 37 4.77 5.39 -7.73
C CYS A 37 3.31 4.97 -7.82
N ASN A 38 2.41 5.95 -7.78
CA ASN A 38 0.98 5.68 -7.84
C ASN A 38 0.64 4.38 -7.13
N HIS A 39 1.20 4.20 -5.94
CA HIS A 39 0.96 2.99 -5.16
C HIS A 39 0.50 3.35 -3.75
N SER A 40 -0.74 3.01 -3.42
CA SER A 40 -1.30 3.30 -2.12
C SER A 40 -1.27 2.05 -1.22
N PHE A 41 -1.21 2.28 0.09
CA PHE A 41 -1.18 1.18 1.05
C PHE A 41 -1.86 1.57 2.35
N CYS A 42 -2.39 0.58 3.06
CA CYS A 42 -3.07 0.82 4.32
C CYS A 42 -2.29 1.81 5.18
N ARG A 43 -2.97 2.86 5.62
CA ARG A 43 -2.35 3.89 6.45
C ARG A 43 -1.31 3.27 7.38
N ALA A 44 -1.63 2.11 7.93
CA ALA A 44 -0.72 1.41 8.84
C ALA A 44 0.39 0.71 8.06
N CYS A 45 0.00 -0.24 7.20
CA CYS A 45 0.95 -0.99 6.41
C CYS A 45 2.09 -0.10 5.93
N ILE A 46 1.75 0.94 5.18
CA ILE A 46 2.75 1.87 4.66
C ILE A 46 3.73 2.29 5.77
N THR A 47 3.22 2.48 6.97
CA THR A 47 4.04 2.88 8.10
C THR A 47 4.92 1.73 8.56
N LEU A 48 4.30 0.63 8.96
CA LEU A 48 5.03 -0.55 9.43
C LEU A 48 6.17 -0.90 8.46
N ASN A 49 5.82 -1.09 7.20
CA ASN A 49 6.82 -1.43 6.18
C ASN A 49 8.00 -0.47 6.23
N TYR A 50 7.71 0.83 6.18
CA TYR A 50 8.74 1.85 6.22
C TYR A 50 9.67 1.63 7.41
N GLU A 51 9.09 1.57 8.61
CA GLU A 51 9.87 1.36 9.81
C GLU A 51 11.00 0.37 9.59
N SER A 52 10.71 -0.69 8.83
CA SER A 52 11.69 -1.72 8.53
C SER A 52 12.57 -1.30 7.35
N ASN A 53 11.93 -0.86 6.27
CA ASN A 53 12.64 -0.44 5.07
C ASN A 53 13.07 1.03 5.19
N ARG A 54 14.35 1.25 5.45
CA ARG A 54 14.88 2.60 5.58
C ARG A 54 16.31 2.68 5.04
N ASN A 55 16.45 3.28 3.86
CA ASN A 55 17.76 3.42 3.24
C ASN A 55 18.65 4.36 4.04
N THR A 56 19.95 4.33 3.75
CA THR A 56 20.91 5.18 4.45
C THR A 56 20.35 6.57 4.67
N ASP A 57 19.87 7.19 3.58
CA ASP A 57 19.31 8.54 3.65
C ASP A 57 18.10 8.57 4.57
N GLY A 58 17.27 7.53 4.49
CA GLY A 58 16.09 7.46 5.33
C GLY A 58 14.85 7.07 4.54
N LYS A 59 14.73 7.59 3.31
CA LYS A 59 13.59 7.29 2.47
C LYS A 59 13.19 5.82 2.58
N GLY A 60 11.97 5.51 2.17
CA GLY A 60 11.48 4.14 2.24
C GLY A 60 11.36 3.50 0.86
N ASN A 61 11.49 2.18 0.82
CA ASN A 61 11.39 1.45 -0.45
C ASN A 61 10.02 0.80 -0.59
N CYS A 62 9.49 0.84 -1.81
CA CYS A 62 8.18 0.25 -2.08
C CYS A 62 8.29 -1.26 -2.26
N PRO A 63 7.48 -2.01 -1.49
CA PRO A 63 7.47 -3.47 -1.54
C PRO A 63 6.87 -3.99 -2.84
N VAL A 64 6.58 -3.09 -3.77
CA VAL A 64 6.00 -3.46 -5.06
C VAL A 64 6.95 -3.12 -6.20
N CYS A 65 7.35 -1.86 -6.29
CA CYS A 65 8.25 -1.41 -7.34
C CYS A 65 9.66 -1.16 -6.78
N ARG A 66 9.74 -0.98 -5.47
CA ARG A 66 11.01 -0.74 -4.81
C ARG A 66 11.60 0.61 -5.24
N VAL A 67 10.74 1.63 -5.29
CA VAL A 67 11.17 2.96 -5.68
C VAL A 67 11.26 3.88 -4.47
N PRO A 68 12.37 4.64 -4.38
CA PRO A 68 12.60 5.58 -3.29
C PRO A 68 11.67 6.78 -3.34
N TYR A 69 10.72 6.83 -2.41
CA TYR A 69 9.76 7.92 -2.35
C TYR A 69 9.87 8.68 -1.03
N PRO A 70 9.57 9.99 -1.07
CA PRO A 70 9.63 10.84 0.12
C PRO A 70 8.53 10.52 1.12
N PHE A 71 8.92 10.37 2.39
CA PHE A 71 7.96 10.06 3.44
C PHE A 71 7.00 11.21 3.67
N GLY A 72 7.55 12.41 3.89
CA GLY A 72 6.72 13.57 4.11
C GLY A 72 6.09 14.10 2.83
N ASN A 73 5.51 13.18 2.06
CA ASN A 73 4.88 13.55 0.79
C ASN A 73 3.53 12.85 0.64
N LEU A 74 3.50 11.56 0.96
CA LEU A 74 2.27 10.78 0.86
C LEU A 74 1.04 11.64 1.18
N LYS A 75 -0.07 11.34 0.52
CA LYS A 75 -1.30 12.08 0.74
C LYS A 75 -2.48 11.12 0.91
N PRO A 76 -3.52 11.60 1.62
CA PRO A 76 -4.73 10.81 1.87
C PRO A 76 -5.56 10.59 0.61
N ASN A 77 -5.90 9.33 0.34
CA ASN A 77 -6.68 8.99 -0.85
C ASN A 77 -8.15 9.35 -0.64
N LEU A 78 -8.71 10.10 -1.58
CA LEU A 78 -10.12 10.50 -1.51
C LEU A 78 -10.86 10.15 -2.79
N HIS A 79 -10.40 10.71 -3.90
CA HIS A 79 -11.02 10.45 -5.20
C HIS A 79 -9.98 10.04 -6.23
N VAL A 80 -10.28 9.00 -7.00
CA VAL A 80 -9.37 8.51 -8.03
C VAL A 80 -10.13 8.08 -9.27
N ALA A 81 -9.71 8.61 -10.42
CA ALA A 81 -10.35 8.29 -11.69
C ALA A 81 -9.36 8.42 -12.84
N ASN A 82 -9.63 7.70 -13.93
CA ASN A 82 -8.77 7.74 -15.11
C ASN A 82 -8.92 9.06 -15.85
N ILE A 83 -8.27 10.10 -15.33
CA ILE A 83 -8.34 11.42 -15.96
C ILE A 83 -9.69 11.66 -16.62
N VAL A 84 -10.77 11.41 -15.87
CA VAL A 84 -12.12 11.59 -16.39
C VAL A 84 -12.67 12.96 -16.00
N GLU A 85 -12.13 13.53 -14.92
CA GLU A 85 -12.57 14.83 -14.44
C GLU A 85 -11.44 15.85 -14.51
N GLY A 1 -45.30 -45.19 -0.34
CA GLY A 1 -45.01 -43.78 -0.29
C GLY A 1 -43.54 -43.48 -0.58
N SER A 2 -43.19 -42.19 -0.55
CA SER A 2 -41.82 -41.78 -0.82
C SER A 2 -41.55 -40.40 -0.23
N SER A 3 -40.27 -40.10 0.01
CA SER A 3 -39.88 -38.82 0.57
C SER A 3 -38.44 -38.48 0.19
N GLY A 4 -38.10 -37.20 0.29
CA GLY A 4 -36.76 -36.75 -0.05
C GLY A 4 -36.76 -35.54 -0.95
N SER A 5 -35.62 -34.84 -0.99
CA SER A 5 -35.50 -33.64 -1.81
C SER A 5 -34.05 -33.39 -2.19
N SER A 6 -33.83 -32.98 -3.44
CA SER A 6 -32.48 -32.72 -3.93
C SER A 6 -32.52 -31.87 -5.20
N GLY A 7 -31.38 -31.29 -5.56
CA GLY A 7 -31.30 -30.46 -6.75
C GLY A 7 -31.38 -28.98 -6.42
N MET A 8 -30.38 -28.48 -5.72
CA MET A 8 -30.33 -27.07 -5.34
C MET A 8 -28.89 -26.55 -5.37
N ALA A 9 -28.68 -25.48 -6.12
CA ALA A 9 -27.35 -24.87 -6.23
C ALA A 9 -27.41 -23.57 -7.00
N SER A 10 -26.56 -22.61 -6.61
CA SER A 10 -26.52 -21.32 -7.26
C SER A 10 -25.08 -20.92 -7.58
N SER A 11 -24.85 -20.41 -8.80
CA SER A 11 -23.53 -20.00 -9.23
C SER A 11 -23.50 -18.52 -9.56
N VAL A 12 -22.91 -17.73 -8.67
CA VAL A 12 -22.82 -16.28 -8.87
C VAL A 12 -21.65 -15.70 -8.08
N LEU A 13 -21.00 -14.70 -8.68
CA LEU A 13 -19.85 -14.05 -8.03
C LEU A 13 -19.56 -12.70 -8.69
N GLU A 14 -19.02 -11.78 -7.90
CA GLU A 14 -18.69 -10.45 -8.40
C GLU A 14 -17.18 -10.30 -8.60
N MET A 15 -16.77 -10.09 -9.85
CA MET A 15 -15.36 -9.93 -10.17
C MET A 15 -14.65 -9.08 -9.13
N ILE A 16 -13.58 -9.61 -8.55
CA ILE A 16 -12.82 -8.90 -7.54
C ILE A 16 -11.46 -8.46 -8.08
N LYS A 17 -11.17 -7.16 -7.96
CA LYS A 17 -9.91 -6.62 -8.44
C LYS A 17 -8.76 -7.07 -7.55
N GLU A 18 -7.76 -7.70 -8.17
CA GLU A 18 -6.60 -8.19 -7.44
C GLU A 18 -5.33 -7.45 -7.87
N GLU A 19 -5.45 -6.14 -8.06
CA GLU A 19 -4.33 -5.32 -8.49
C GLU A 19 -4.23 -4.06 -7.64
N VAL A 20 -5.37 -3.43 -7.38
CA VAL A 20 -5.43 -2.21 -6.60
C VAL A 20 -5.25 -2.51 -5.11
N THR A 21 -5.79 -3.65 -4.68
CA THR A 21 -5.70 -4.06 -3.28
C THR A 21 -4.28 -3.91 -2.75
N CYS A 22 -4.15 -3.73 -1.45
CA CYS A 22 -2.84 -3.57 -0.82
C CYS A 22 -1.92 -4.72 -1.20
N PRO A 23 -0.79 -4.38 -1.85
CA PRO A 23 0.20 -5.37 -2.27
C PRO A 23 0.95 -6.00 -1.09
N ILE A 24 0.52 -5.65 0.12
CA ILE A 24 1.15 -6.19 1.32
C ILE A 24 0.23 -7.17 2.03
N CYS A 25 -0.89 -6.67 2.54
CA CYS A 25 -1.86 -7.50 3.25
C CYS A 25 -2.87 -8.09 2.27
N LEU A 26 -3.00 -7.47 1.10
CA LEU A 26 -3.93 -7.94 0.09
C LEU A 26 -5.36 -7.87 0.59
N GLU A 27 -5.69 -6.78 1.27
CA GLU A 27 -7.04 -6.59 1.80
C GLU A 27 -7.50 -5.15 1.59
N LEU A 28 -8.81 -4.93 1.75
CA LEU A 28 -9.38 -3.60 1.58
C LEU A 28 -8.46 -2.53 2.16
N LEU A 29 -7.99 -1.63 1.31
CA LEU A 29 -7.11 -0.55 1.74
C LEU A 29 -7.85 0.43 2.64
N LYS A 30 -7.45 0.46 3.92
CA LYS A 30 -8.07 1.36 4.89
C LYS A 30 -7.33 2.69 4.95
N GLU A 31 -8.03 3.76 4.62
CA GLU A 31 -7.44 5.10 4.64
C GLU A 31 -6.02 5.07 4.08
N PRO A 32 -5.87 4.51 2.87
CA PRO A 32 -4.57 4.41 2.20
C PRO A 32 -4.05 5.76 1.74
N VAL A 33 -2.72 5.88 1.66
CA VAL A 33 -2.10 7.13 1.24
C VAL A 33 -1.32 6.94 -0.08
N SER A 34 -1.70 7.70 -1.09
CA SER A 34 -1.05 7.62 -2.40
C SER A 34 0.36 8.20 -2.34
N ALA A 35 1.26 7.62 -3.12
CA ALA A 35 2.65 8.07 -3.17
C ALA A 35 3.01 8.58 -4.55
N ASP A 36 4.15 9.26 -4.64
CA ASP A 36 4.62 9.80 -5.92
C ASP A 36 4.54 8.75 -7.01
N CYS A 37 4.75 7.49 -6.64
CA CYS A 37 4.70 6.38 -7.59
C CYS A 37 3.29 5.83 -7.71
N ASN A 38 2.30 6.73 -7.67
CA ASN A 38 0.90 6.33 -7.77
C ASN A 38 0.65 5.02 -7.01
N HIS A 39 1.38 4.83 -5.92
CA HIS A 39 1.25 3.63 -5.11
C HIS A 39 0.70 3.97 -3.73
N SER A 40 -0.48 3.42 -3.40
CA SER A 40 -1.11 3.67 -2.12
C SER A 40 -1.15 2.40 -1.28
N PHE A 41 -0.97 2.55 0.03
CA PHE A 41 -0.98 1.42 0.95
C PHE A 41 -1.70 1.78 2.24
N CYS A 42 -2.14 0.75 2.97
CA CYS A 42 -2.84 0.96 4.23
C CYS A 42 -2.08 1.93 5.13
N ARG A 43 -2.77 2.97 5.58
CA ARG A 43 -2.16 3.98 6.45
C ARG A 43 -1.13 3.34 7.37
N ALA A 44 -1.46 2.16 7.90
CA ALA A 44 -0.56 1.44 8.79
C ALA A 44 0.55 0.74 8.02
N CYS A 45 0.17 -0.17 7.13
CA CYS A 45 1.14 -0.90 6.33
C CYS A 45 2.30 0.00 5.92
N ILE A 46 2.00 1.05 5.16
CA ILE A 46 3.02 1.98 4.70
C ILE A 46 3.93 2.41 5.85
N THR A 47 3.34 2.52 7.05
CA THR A 47 4.09 2.92 8.23
C THR A 47 4.99 1.79 8.72
N LEU A 48 4.43 0.58 8.74
CA LEU A 48 5.19 -0.59 9.19
C LEU A 48 6.32 -0.92 8.23
N ASN A 49 5.96 -1.13 6.96
CA ASN A 49 6.94 -1.46 5.94
C ASN A 49 8.11 -0.48 5.97
N TYR A 50 7.80 0.81 6.04
CA TYR A 50 8.81 1.85 6.06
C TYR A 50 9.69 1.70 7.31
N GLU A 51 9.06 1.54 8.46
CA GLU A 51 9.78 1.39 9.72
C GLU A 51 10.75 0.21 9.66
N SER A 52 10.24 -0.93 9.19
CA SER A 52 11.06 -2.13 9.08
C SER A 52 12.35 -1.85 8.31
N ASN A 53 12.21 -1.21 7.15
CA ASN A 53 13.37 -0.88 6.33
C ASN A 53 13.48 0.62 6.12
N ARG A 54 14.44 1.24 6.82
CA ARG A 54 14.65 2.67 6.71
C ARG A 54 15.39 3.03 5.42
N ASN A 55 15.52 4.32 5.16
CA ASN A 55 16.20 4.79 3.96
C ASN A 55 17.07 6.02 4.27
N THR A 56 17.66 6.58 3.22
CA THR A 56 18.51 7.76 3.38
C THR A 56 17.69 9.00 3.71
N ASP A 57 18.00 9.62 4.83
CA ASP A 57 17.29 10.83 5.26
C ASP A 57 15.88 10.48 5.74
N GLY A 58 15.73 9.28 6.28
CA GLY A 58 14.44 8.85 6.79
C GLY A 58 13.51 8.40 5.67
N LYS A 59 13.87 8.72 4.44
CA LYS A 59 13.06 8.36 3.28
C LYS A 59 12.41 6.99 3.49
N GLY A 60 11.26 6.79 2.86
CA GLY A 60 10.55 5.52 2.99
C GLY A 60 10.64 4.68 1.73
N ASN A 61 11.02 3.42 1.90
CA ASN A 61 11.14 2.51 0.77
C ASN A 61 9.78 1.97 0.35
N CYS A 62 9.57 1.86 -0.95
CA CYS A 62 8.31 1.36 -1.49
C CYS A 62 8.36 -0.15 -1.68
N PRO A 63 7.38 -0.87 -1.10
CA PRO A 63 7.29 -2.32 -1.20
C PRO A 63 6.92 -2.79 -2.61
N VAL A 64 6.94 -1.86 -3.56
CA VAL A 64 6.61 -2.18 -4.94
C VAL A 64 7.75 -1.80 -5.87
N CYS A 65 8.05 -0.50 -5.95
CA CYS A 65 9.11 0.00 -6.81
C CYS A 65 10.29 0.49 -5.97
N ARG A 66 10.35 0.04 -4.72
CA ARG A 66 11.43 0.45 -3.83
C ARG A 66 11.89 1.87 -4.13
N VAL A 67 10.94 2.74 -4.44
CA VAL A 67 11.25 4.13 -4.77
C VAL A 67 11.30 4.98 -3.50
N PRO A 68 12.41 5.70 -3.30
CA PRO A 68 12.60 6.56 -2.13
C PRO A 68 11.71 7.80 -2.18
N TYR A 69 10.67 7.80 -1.36
CA TYR A 69 9.74 8.91 -1.30
C TYR A 69 9.84 9.65 0.04
N PRO A 70 9.69 10.98 -0.01
CA PRO A 70 9.76 11.82 1.19
C PRO A 70 8.56 11.62 2.11
N PHE A 71 8.82 11.05 3.29
CA PHE A 71 7.76 10.81 4.26
C PHE A 71 6.92 12.06 4.49
N GLY A 72 5.62 11.89 4.69
CA GLY A 72 4.74 13.02 4.92
C GLY A 72 3.99 13.44 3.67
N ASN A 73 4.74 13.81 2.64
CA ASN A 73 4.14 14.24 1.38
C ASN A 73 2.91 13.40 1.04
N LEU A 74 3.00 12.10 1.33
CA LEU A 74 1.90 11.19 1.06
C LEU A 74 0.55 11.87 1.28
N LYS A 75 -0.38 11.67 0.35
CA LYS A 75 -1.70 12.26 0.44
C LYS A 75 -2.75 11.21 0.78
N PRO A 76 -3.75 11.60 1.58
CA PRO A 76 -4.83 10.71 2.00
C PRO A 76 -5.77 10.35 0.84
N ASN A 77 -5.85 9.06 0.53
CA ASN A 77 -6.70 8.59 -0.55
C ASN A 77 -8.13 8.36 -0.06
N LEU A 78 -8.96 9.38 -0.22
CA LEU A 78 -10.36 9.30 0.21
C LEU A 78 -11.25 10.21 -0.63
N HIS A 79 -12.30 9.65 -1.19
CA HIS A 79 -13.23 10.41 -2.02
C HIS A 79 -12.48 11.24 -3.06
N VAL A 80 -11.47 10.63 -3.68
CA VAL A 80 -10.67 11.30 -4.70
C VAL A 80 -10.85 10.64 -6.06
N ALA A 81 -10.08 11.11 -7.04
CA ALA A 81 -10.15 10.56 -8.39
C ALA A 81 -8.96 9.65 -8.67
N ASN A 82 -9.26 8.40 -9.02
CA ASN A 82 -8.22 7.42 -9.32
C ASN A 82 -7.43 7.83 -10.57
N ILE A 83 -8.15 8.13 -11.63
CA ILE A 83 -7.52 8.55 -12.88
C ILE A 83 -7.47 10.06 -13.01
N VAL A 84 -6.33 10.57 -13.43
CA VAL A 84 -6.14 12.01 -13.60
C VAL A 84 -5.13 12.32 -14.69
N GLU A 85 -5.46 13.29 -15.55
CA GLU A 85 -4.57 13.67 -16.64
C GLU A 85 -3.54 14.69 -16.16
N GLY A 1 20.64 11.00 -36.52
CA GLY A 1 19.47 10.30 -36.01
C GLY A 1 19.25 8.96 -36.68
N SER A 2 18.13 8.84 -37.39
CA SER A 2 17.80 7.60 -38.08
C SER A 2 17.55 6.48 -37.08
N SER A 3 16.81 6.79 -36.02
CA SER A 3 16.50 5.80 -34.99
C SER A 3 15.10 6.03 -34.42
N GLY A 4 14.60 5.05 -33.70
CA GLY A 4 13.27 5.15 -33.12
C GLY A 4 12.47 3.87 -33.24
N SER A 5 12.19 3.25 -32.10
CA SER A 5 11.43 2.00 -32.08
C SER A 5 11.13 1.57 -30.64
N SER A 6 9.93 1.04 -30.43
CA SER A 6 9.51 0.59 -29.12
C SER A 6 8.18 -0.17 -29.19
N GLY A 7 7.94 -1.02 -28.20
CA GLY A 7 6.71 -1.78 -28.16
C GLY A 7 6.65 -2.75 -26.99
N MET A 8 5.73 -2.49 -26.07
CA MET A 8 5.57 -3.34 -24.89
C MET A 8 4.10 -3.69 -24.66
N ALA A 9 3.79 -4.98 -24.71
CA ALA A 9 2.42 -5.44 -24.50
C ALA A 9 2.39 -6.62 -23.54
N SER A 10 1.37 -6.66 -22.68
CA SER A 10 1.22 -7.74 -21.71
C SER A 10 -0.24 -7.92 -21.32
N SER A 11 -0.69 -9.18 -21.27
CA SER A 11 -2.06 -9.48 -20.91
C SER A 11 -2.18 -10.92 -20.40
N VAL A 12 -2.87 -11.09 -19.27
CA VAL A 12 -3.06 -12.40 -18.68
C VAL A 12 -4.38 -13.01 -19.12
N LEU A 13 -4.65 -14.23 -18.65
CA LEU A 13 -5.88 -14.93 -19.00
C LEU A 13 -6.69 -15.27 -17.74
N GLU A 14 -6.64 -14.37 -16.76
CA GLU A 14 -7.37 -14.58 -15.51
C GLU A 14 -7.87 -13.25 -14.96
N MET A 15 -9.05 -13.29 -14.33
CA MET A 15 -9.64 -12.08 -13.75
C MET A 15 -9.26 -11.95 -12.28
N ILE A 16 -8.03 -11.51 -12.02
CA ILE A 16 -7.55 -11.34 -10.66
C ILE A 16 -7.37 -9.86 -10.33
N LYS A 17 -8.05 -9.41 -9.27
CA LYS A 17 -7.98 -8.02 -8.84
C LYS A 17 -6.88 -7.83 -7.79
N GLU A 18 -5.72 -8.42 -8.06
CA GLU A 18 -4.59 -8.32 -7.14
C GLU A 18 -3.75 -7.09 -7.44
N GLU A 19 -4.42 -5.97 -7.72
CA GLU A 19 -3.74 -4.72 -8.04
C GLU A 19 -4.23 -3.59 -7.14
N VAL A 20 -5.54 -3.37 -7.14
CA VAL A 20 -6.15 -2.32 -6.33
C VAL A 20 -6.06 -2.66 -4.84
N THR A 21 -5.95 -3.95 -4.54
CA THR A 21 -5.86 -4.40 -3.16
C THR A 21 -4.44 -4.26 -2.63
N CYS A 22 -4.33 -3.88 -1.36
CA CYS A 22 -3.03 -3.70 -0.72
C CYS A 22 -2.09 -4.85 -1.08
N PRO A 23 -0.97 -4.52 -1.75
CA PRO A 23 0.03 -5.52 -2.16
C PRO A 23 0.80 -6.09 -0.99
N ILE A 24 0.39 -5.70 0.22
CA ILE A 24 1.04 -6.18 1.44
C ILE A 24 0.15 -7.15 2.18
N CYS A 25 -1.01 -6.67 2.63
CA CYS A 25 -1.95 -7.50 3.37
C CYS A 25 -2.99 -8.11 2.42
N LEU A 26 -3.25 -7.42 1.32
CA LEU A 26 -4.21 -7.90 0.33
C LEU A 26 -5.63 -7.78 0.86
N GLU A 27 -5.94 -6.65 1.48
CA GLU A 27 -7.26 -6.42 2.03
C GLU A 27 -7.73 -4.99 1.76
N LEU A 28 -9.03 -4.76 1.90
CA LEU A 28 -9.60 -3.43 1.66
C LEU A 28 -8.72 -2.34 2.27
N LEU A 29 -8.18 -1.48 1.42
CA LEU A 29 -7.32 -0.39 1.87
C LEU A 29 -8.09 0.57 2.76
N LYS A 30 -7.70 0.65 4.03
CA LYS A 30 -8.35 1.54 4.98
C LYS A 30 -7.58 2.85 5.11
N GLU A 31 -8.23 3.94 4.69
CA GLU A 31 -7.62 5.26 4.75
C GLU A 31 -6.16 5.21 4.27
N PRO A 32 -5.96 4.66 3.06
CA PRO A 32 -4.62 4.53 2.46
C PRO A 32 -4.06 5.88 2.05
N VAL A 33 -2.77 5.89 1.68
CA VAL A 33 -2.11 7.11 1.26
C VAL A 33 -1.26 6.88 0.01
N SER A 34 -1.61 7.54 -1.08
CA SER A 34 -0.88 7.39 -2.33
C SER A 34 0.48 8.08 -2.25
N ALA A 35 1.36 7.75 -3.19
CA ALA A 35 2.69 8.33 -3.23
C ALA A 35 3.03 8.84 -4.62
N ASP A 36 4.17 9.52 -4.75
CA ASP A 36 4.61 10.06 -6.02
C ASP A 36 4.49 9.00 -7.12
N CYS A 37 4.79 7.75 -6.77
CA CYS A 37 4.71 6.66 -7.72
C CYS A 37 3.30 6.11 -7.82
N ASN A 38 2.32 6.97 -7.60
CA ASN A 38 0.91 6.58 -7.66
C ASN A 38 0.70 5.23 -6.99
N HIS A 39 1.27 5.06 -5.80
CA HIS A 39 1.13 3.81 -5.05
C HIS A 39 0.65 4.08 -3.63
N SER A 40 -0.57 3.67 -3.34
CA SER A 40 -1.15 3.87 -2.02
C SER A 40 -1.18 2.56 -1.24
N PHE A 41 -1.15 2.67 0.09
CA PHE A 41 -1.17 1.50 0.96
C PHE A 41 -1.89 1.81 2.27
N CYS A 42 -2.27 0.75 2.98
CA CYS A 42 -2.97 0.90 4.26
C CYS A 42 -2.18 1.83 5.20
N ARG A 43 -2.83 2.91 5.61
CA ARG A 43 -2.19 3.87 6.51
C ARG A 43 -1.23 3.17 7.45
N ALA A 44 -1.59 1.97 7.89
CA ALA A 44 -0.76 1.20 8.80
C ALA A 44 0.36 0.50 8.05
N CYS A 45 -0.01 -0.29 7.04
CA CYS A 45 0.97 -1.02 6.25
C CYS A 45 2.12 -0.11 5.83
N ILE A 46 1.78 1.04 5.24
CA ILE A 46 2.79 2.00 4.80
C ILE A 46 3.67 2.44 5.96
N THR A 47 3.11 2.44 7.15
CA THR A 47 3.83 2.84 8.35
C THR A 47 4.87 1.80 8.75
N LEU A 48 4.41 0.58 8.98
CA LEU A 48 5.29 -0.52 9.36
C LEU A 48 6.42 -0.69 8.34
N ASN A 49 6.04 -0.89 7.08
CA ASN A 49 7.02 -1.06 6.01
C ASN A 49 8.15 -0.06 6.15
N TYR A 50 7.81 1.22 6.18
CA TYR A 50 8.81 2.28 6.30
C TYR A 50 9.81 1.96 7.42
N GLU A 51 9.29 1.58 8.58
CA GLU A 51 10.13 1.25 9.72
C GLU A 51 10.95 0.00 9.44
N SER A 52 10.32 -1.00 8.83
CA SER A 52 10.99 -2.25 8.50
C SER A 52 12.31 -1.99 7.79
N ASN A 53 12.25 -1.21 6.72
CA ASN A 53 13.43 -0.88 5.93
C ASN A 53 13.62 0.63 5.83
N ARG A 54 14.59 1.15 6.56
CA ARG A 54 14.87 2.59 6.55
C ARG A 54 16.27 2.86 6.01
N ASN A 55 16.37 3.88 5.17
CA ASN A 55 17.66 4.25 4.58
C ASN A 55 18.41 5.23 5.47
N THR A 56 19.72 5.31 5.29
CA THR A 56 20.55 6.20 6.09
C THR A 56 20.05 7.64 6.00
N ASP A 57 19.37 7.95 4.90
CA ASP A 57 18.84 9.30 4.69
C ASP A 57 17.64 9.55 5.60
N GLY A 58 16.76 8.57 5.70
CA GLY A 58 15.58 8.71 6.54
C GLY A 58 14.31 8.33 5.81
N LYS A 59 14.25 8.61 4.52
CA LYS A 59 13.08 8.28 3.72
C LYS A 59 12.80 6.78 3.73
N GLY A 60 11.75 6.38 3.04
CA GLY A 60 11.40 4.96 2.98
C GLY A 60 11.28 4.45 1.56
N ASN A 61 11.33 3.13 1.40
CA ASN A 61 11.24 2.52 0.08
C ASN A 61 9.82 2.01 -0.17
N CYS A 62 9.47 1.87 -1.45
CA CYS A 62 8.14 1.40 -1.83
C CYS A 62 8.11 -0.13 -1.89
N PRO A 63 7.16 -0.73 -1.16
CA PRO A 63 6.99 -2.19 -1.13
C PRO A 63 6.48 -2.75 -2.44
N VAL A 64 6.51 -1.93 -3.49
CA VAL A 64 6.05 -2.34 -4.80
C VAL A 64 7.07 -1.98 -5.88
N CYS A 65 7.54 -0.74 -5.85
CA CYS A 65 8.51 -0.26 -6.82
C CYS A 65 9.85 0.01 -6.16
N ARG A 66 9.87 -0.03 -4.83
CA ARG A 66 11.09 0.21 -4.07
C ARG A 66 11.72 1.53 -4.47
N VAL A 67 10.90 2.57 -4.56
CA VAL A 67 11.37 3.90 -4.93
C VAL A 67 11.50 4.81 -3.71
N PRO A 68 12.59 5.58 -3.66
CA PRO A 68 12.86 6.50 -2.55
C PRO A 68 11.90 7.68 -2.55
N TYR A 69 10.96 7.67 -1.60
CA TYR A 69 9.98 8.75 -1.49
C TYR A 69 10.02 9.38 -0.09
N PRO A 70 9.75 10.69 -0.03
CA PRO A 70 9.75 11.44 1.23
C PRO A 70 8.58 11.05 2.12
N PHE A 71 8.87 10.89 3.41
CA PHE A 71 7.84 10.53 4.38
C PHE A 71 7.03 11.76 4.81
N GLY A 72 6.72 12.62 3.84
CA GLY A 72 5.96 13.81 4.14
C GLY A 72 5.21 14.34 2.93
N ASN A 73 5.11 13.51 1.90
CA ASN A 73 4.41 13.90 0.68
C ASN A 73 3.13 13.08 0.50
N LEU A 74 3.17 11.83 0.96
CA LEU A 74 2.01 10.95 0.85
C LEU A 74 0.70 11.73 1.00
N LYS A 75 -0.25 11.46 0.12
CA LYS A 75 -1.54 12.14 0.15
C LYS A 75 -2.63 11.20 0.64
N PRO A 76 -3.54 11.72 1.47
CA PRO A 76 -4.65 10.94 2.02
C PRO A 76 -5.69 10.58 0.97
N ASN A 77 -5.88 9.29 0.75
CA ASN A 77 -6.85 8.81 -0.23
C ASN A 77 -8.24 8.73 0.37
N LEU A 78 -9.03 9.77 0.14
CA LEU A 78 -10.40 9.82 0.65
C LEU A 78 -11.41 9.60 -0.46
N HIS A 79 -11.44 10.50 -1.42
CA HIS A 79 -12.36 10.41 -2.55
C HIS A 79 -11.93 9.29 -3.50
N VAL A 80 -12.34 8.07 -3.17
CA VAL A 80 -12.01 6.91 -3.98
C VAL A 80 -13.16 5.90 -4.02
N ALA A 81 -13.64 5.61 -5.22
CA ALA A 81 -14.74 4.66 -5.38
C ALA A 81 -14.78 4.11 -6.81
N ASN A 82 -14.90 2.79 -6.92
CA ASN A 82 -14.95 2.13 -8.22
C ASN A 82 -15.88 2.88 -9.17
N ILE A 83 -17.01 3.35 -8.63
CA ILE A 83 -17.99 4.07 -9.44
C ILE A 83 -18.01 5.55 -9.05
N VAL A 84 -17.91 6.41 -10.07
CA VAL A 84 -17.93 7.86 -9.84
C VAL A 84 -18.53 8.59 -11.04
N GLU A 85 -18.94 9.84 -10.81
CA GLU A 85 -19.54 10.65 -11.86
C GLU A 85 -18.45 11.24 -12.77
N GLY A 1 -7.73 -6.36 39.26
CA GLY A 1 -8.42 -7.09 38.22
C GLY A 1 -7.70 -7.02 36.89
N SER A 2 -8.45 -7.09 35.80
CA SER A 2 -7.87 -7.04 34.46
C SER A 2 -8.96 -6.98 33.40
N SER A 3 -8.65 -6.34 32.27
CA SER A 3 -9.59 -6.21 31.17
C SER A 3 -8.88 -5.77 29.89
N GLY A 4 -9.52 -6.05 28.76
CA GLY A 4 -8.94 -5.67 27.48
C GLY A 4 -9.95 -5.71 26.35
N SER A 5 -9.60 -5.12 25.22
CA SER A 5 -10.48 -5.08 24.06
C SER A 5 -9.71 -5.36 22.77
N SER A 6 -9.94 -6.54 22.21
CA SER A 6 -9.26 -6.94 20.98
C SER A 6 -9.79 -8.28 20.48
N GLY A 7 -10.26 -8.30 19.23
CA GLY A 7 -10.78 -9.52 18.66
C GLY A 7 -11.57 -9.28 17.39
N MET A 8 -11.12 -9.89 16.30
CA MET A 8 -11.79 -9.74 15.00
C MET A 8 -11.68 -11.01 14.18
N ALA A 9 -12.82 -11.53 13.75
CA ALA A 9 -12.85 -12.75 12.95
C ALA A 9 -14.21 -12.91 12.26
N SER A 10 -14.18 -13.01 10.93
CA SER A 10 -15.41 -13.17 10.15
C SER A 10 -15.08 -13.60 8.72
N SER A 11 -16.08 -14.18 8.05
CA SER A 11 -15.90 -14.64 6.67
C SER A 11 -15.22 -13.56 5.83
N VAL A 12 -14.14 -13.95 5.15
CA VAL A 12 -13.41 -13.02 4.30
C VAL A 12 -13.69 -13.29 2.83
N LEU A 13 -13.74 -12.23 2.03
CA LEU A 13 -13.99 -12.35 0.60
C LEU A 13 -13.28 -11.24 -0.18
N GLU A 14 -13.02 -11.50 -1.46
CA GLU A 14 -12.35 -10.53 -2.31
C GLU A 14 -12.97 -10.49 -3.70
N MET A 15 -13.58 -9.37 -4.04
CA MET A 15 -14.22 -9.21 -5.35
C MET A 15 -13.17 -9.07 -6.45
N ILE A 16 -13.62 -8.81 -7.66
CA ILE A 16 -12.73 -8.65 -8.80
C ILE A 16 -11.76 -7.50 -8.59
N LYS A 17 -10.54 -7.83 -8.18
CA LYS A 17 -9.51 -6.82 -7.93
C LYS A 17 -8.53 -6.75 -9.10
N GLU A 18 -8.45 -5.58 -9.73
CA GLU A 18 -7.54 -5.39 -10.86
C GLU A 18 -6.49 -4.33 -10.54
N GLU A 19 -5.47 -4.73 -9.79
CA GLU A 19 -4.41 -3.81 -9.41
C GLU A 19 -4.94 -2.68 -8.54
N VAL A 20 -5.91 -3.02 -7.69
CA VAL A 20 -6.51 -2.03 -6.79
C VAL A 20 -6.46 -2.50 -5.35
N THR A 21 -5.49 -3.36 -5.04
CA THR A 21 -5.33 -3.90 -3.70
C THR A 21 -3.93 -3.62 -3.16
N CYS A 22 -3.81 -3.58 -1.83
CA CYS A 22 -2.52 -3.32 -1.20
C CYS A 22 -1.49 -4.36 -1.61
N PRO A 23 -0.41 -3.90 -2.25
CA PRO A 23 0.68 -4.77 -2.71
C PRO A 23 1.48 -5.37 -1.55
N ILE A 24 1.02 -5.13 -0.33
CA ILE A 24 1.69 -5.63 0.85
C ILE A 24 0.84 -6.69 1.56
N CYS A 25 -0.27 -6.25 2.14
CA CYS A 25 -1.18 -7.15 2.84
C CYS A 25 -2.11 -7.87 1.86
N LEU A 26 -2.37 -7.22 0.73
CA LEU A 26 -3.24 -7.80 -0.29
C LEU A 26 -4.68 -7.86 0.20
N GLU A 27 -5.18 -6.74 0.71
CA GLU A 27 -6.55 -6.67 1.22
C GLU A 27 -7.11 -5.26 1.09
N LEU A 28 -8.42 -5.14 1.20
CA LEU A 28 -9.08 -3.83 1.10
C LEU A 28 -8.20 -2.74 1.69
N LEU A 29 -7.80 -1.79 0.85
CA LEU A 29 -6.95 -0.68 1.28
C LEU A 29 -7.67 0.16 2.34
N LYS A 30 -7.16 0.10 3.57
CA LYS A 30 -7.75 0.86 4.66
C LYS A 30 -6.98 2.15 4.90
N GLU A 31 -7.66 3.28 4.77
CA GLU A 31 -7.05 4.58 4.97
C GLU A 31 -5.68 4.65 4.30
N PRO A 32 -5.63 4.29 3.01
CA PRO A 32 -4.38 4.29 2.24
C PRO A 32 -3.87 5.70 1.96
N VAL A 33 -2.58 5.80 1.64
CA VAL A 33 -1.97 7.10 1.35
C VAL A 33 -1.18 7.05 0.05
N SER A 34 -1.62 7.86 -0.92
CA SER A 34 -0.96 7.91 -2.22
C SER A 34 0.47 8.41 -2.08
N ALA A 35 1.35 7.95 -2.96
CA ALA A 35 2.75 8.37 -2.94
C ALA A 35 3.19 8.88 -4.30
N ASP A 36 4.42 9.39 -4.37
CA ASP A 36 4.97 9.91 -5.61
C ASP A 36 4.85 8.88 -6.73
N CYS A 37 5.07 7.61 -6.38
CA CYS A 37 4.99 6.54 -7.36
C CYS A 37 3.56 6.03 -7.52
N ASN A 38 2.61 6.96 -7.49
CA ASN A 38 1.20 6.62 -7.63
C ASN A 38 0.90 5.28 -6.96
N HIS A 39 1.47 5.07 -5.78
CA HIS A 39 1.27 3.84 -5.04
C HIS A 39 0.78 4.12 -3.61
N SER A 40 -0.44 3.69 -3.31
CA SER A 40 -1.01 3.91 -1.98
C SER A 40 -0.99 2.62 -1.16
N PHE A 41 -0.93 2.77 0.16
CA PHE A 41 -0.90 1.62 1.06
C PHE A 41 -1.57 1.94 2.38
N CYS A 42 -2.20 0.95 2.98
CA CYS A 42 -2.89 1.14 4.25
C CYS A 42 -2.06 2.02 5.19
N ARG A 43 -2.69 3.07 5.71
CA ARG A 43 -2.02 3.98 6.62
C ARG A 43 -1.01 3.25 7.49
N ALA A 44 -1.43 2.11 8.04
CA ALA A 44 -0.56 1.31 8.89
C ALA A 44 0.54 0.64 8.08
N CYS A 45 0.14 -0.11 7.06
CA CYS A 45 1.10 -0.80 6.20
C CYS A 45 2.30 0.09 5.88
N ILE A 46 2.03 1.17 5.15
CA ILE A 46 3.09 2.11 4.78
C ILE A 46 4.01 2.39 5.95
N THR A 47 3.43 2.56 7.14
CA THR A 47 4.20 2.85 8.34
C THR A 47 5.16 1.70 8.66
N LEU A 48 4.59 0.54 9.01
CA LEU A 48 5.39 -0.63 9.34
C LEU A 48 6.37 -0.95 8.23
N ASN A 49 5.85 -1.11 7.01
CA ASN A 49 6.69 -1.41 5.85
C ASN A 49 7.87 -0.46 5.76
N TYR A 50 7.65 0.79 6.17
CA TYR A 50 8.70 1.80 6.13
C TYR A 50 9.66 1.62 7.29
N GLU A 51 9.15 1.70 8.51
CA GLU A 51 9.96 1.55 9.71
C GLU A 51 10.69 0.20 9.70
N SER A 52 10.14 -0.76 8.97
CA SER A 52 10.75 -2.08 8.88
C SER A 52 11.94 -2.08 7.93
N ASN A 53 11.81 -1.33 6.83
CA ASN A 53 12.88 -1.23 5.85
C ASN A 53 13.45 0.19 5.80
N ARG A 54 13.29 0.91 6.90
CA ARG A 54 13.79 2.29 6.98
C ARG A 54 15.31 2.31 7.04
N ASN A 55 15.91 3.29 6.39
CA ASN A 55 17.36 3.43 6.37
C ASN A 55 17.84 4.30 7.53
N THR A 56 17.12 4.24 8.65
CA THR A 56 17.47 5.01 9.83
C THR A 56 17.88 6.43 9.45
N ASP A 57 17.28 6.96 8.40
CA ASP A 57 17.57 8.31 7.94
C ASP A 57 16.29 9.13 7.78
N GLY A 58 15.32 8.56 7.08
CA GLY A 58 14.07 9.25 6.87
C GLY A 58 13.33 8.75 5.64
N LYS A 59 14.08 8.41 4.60
CA LYS A 59 13.50 7.92 3.36
C LYS A 59 13.14 6.45 3.47
N GLY A 60 12.35 5.95 2.53
CA GLY A 60 11.94 4.56 2.54
C GLY A 60 11.77 3.99 1.14
N ASN A 61 12.00 2.69 1.00
CA ASN A 61 11.87 2.03 -0.28
C ASN A 61 10.46 1.46 -0.47
N CYS A 62 9.91 1.64 -1.66
CA CYS A 62 8.57 1.15 -1.97
C CYS A 62 8.58 -0.37 -2.15
N PRO A 63 7.63 -1.05 -1.47
CA PRO A 63 7.50 -2.50 -1.54
C PRO A 63 7.02 -2.98 -2.90
N VAL A 64 6.95 -2.06 -3.86
CA VAL A 64 6.51 -2.39 -5.21
C VAL A 64 7.54 -1.97 -6.25
N CYS A 65 7.87 -0.68 -6.26
CA CYS A 65 8.85 -0.14 -7.19
C CYS A 65 10.20 0.07 -6.52
N ARG A 66 10.20 0.01 -5.19
CA ARG A 66 11.43 0.20 -4.42
C ARG A 66 12.04 1.57 -4.70
N VAL A 67 11.20 2.60 -4.71
CA VAL A 67 11.65 3.96 -4.97
C VAL A 67 11.70 4.78 -3.68
N PRO A 68 12.78 5.54 -3.51
CA PRO A 68 12.96 6.39 -2.32
C PRO A 68 12.00 7.56 -2.28
N TYR A 69 11.01 7.49 -1.41
CA TYR A 69 10.02 8.55 -1.28
C TYR A 69 10.11 9.20 0.10
N PRO A 70 9.98 10.54 0.13
CA PRO A 70 10.03 11.32 1.37
C PRO A 70 8.81 11.08 2.25
N PHE A 71 9.02 10.43 3.38
CA PHE A 71 7.94 10.14 4.32
C PHE A 71 7.18 11.41 4.68
N GLY A 72 5.89 11.26 4.99
CA GLY A 72 5.09 12.41 5.36
C GLY A 72 4.43 13.06 4.14
N ASN A 73 5.13 13.04 3.02
CA ASN A 73 4.60 13.64 1.80
C ASN A 73 3.62 12.70 1.10
N LEU A 74 2.74 12.10 1.91
CA LEU A 74 1.74 11.18 1.38
C LEU A 74 0.34 11.76 1.50
N LYS A 75 -0.42 11.68 0.41
CA LYS A 75 -1.79 12.20 0.39
C LYS A 75 -2.80 11.09 0.60
N PRO A 76 -3.89 11.39 1.33
CA PRO A 76 -4.95 10.43 1.62
C PRO A 76 -5.77 10.09 0.38
N ASN A 77 -6.25 8.85 0.32
CA ASN A 77 -7.04 8.39 -0.81
C ASN A 77 -8.44 7.96 -0.37
N LEU A 78 -9.46 8.51 -1.01
CA LEU A 78 -10.85 8.18 -0.68
C LEU A 78 -11.53 7.48 -1.84
N HIS A 79 -12.76 7.02 -1.61
CA HIS A 79 -13.53 6.34 -2.64
C HIS A 79 -13.30 6.98 -4.01
N VAL A 80 -12.49 6.34 -4.83
CA VAL A 80 -12.19 6.85 -6.16
C VAL A 80 -11.96 5.72 -7.15
N ALA A 81 -12.78 5.65 -8.19
CA ALA A 81 -12.66 4.62 -9.21
C ALA A 81 -11.67 5.03 -10.29
N ASN A 82 -10.68 4.18 -10.53
CA ASN A 82 -9.66 4.45 -11.55
C ASN A 82 -9.62 3.34 -12.59
N ILE A 83 -9.40 2.12 -12.15
CA ILE A 83 -9.35 0.97 -13.04
C ILE A 83 -10.74 0.53 -13.44
N VAL A 84 -11.74 0.94 -12.66
CA VAL A 84 -13.12 0.58 -12.94
C VAL A 84 -13.70 1.43 -14.07
N GLU A 85 -13.11 2.60 -14.28
CA GLU A 85 -13.56 3.51 -15.32
C GLU A 85 -12.44 4.46 -15.76
N GLY A 1 10.95 -23.67 21.58
CA GLY A 1 9.63 -23.08 21.45
C GLY A 1 8.60 -24.09 20.99
N SER A 2 7.33 -23.75 21.16
CA SER A 2 6.24 -24.64 20.76
C SER A 2 4.94 -23.85 20.58
N SER A 3 4.09 -24.34 19.67
CA SER A 3 2.82 -23.68 19.39
C SER A 3 1.90 -24.61 18.61
N GLY A 4 0.68 -24.13 18.34
CA GLY A 4 -0.29 -24.93 17.61
C GLY A 4 -0.56 -24.38 16.23
N SER A 5 -1.64 -24.85 15.61
CA SER A 5 -2.01 -24.40 14.27
C SER A 5 -3.50 -24.58 14.03
N SER A 6 -4.15 -23.52 13.56
CA SER A 6 -5.59 -23.56 13.29
C SER A 6 -5.93 -22.75 12.05
N GLY A 7 -7.14 -22.95 11.52
CA GLY A 7 -7.58 -22.23 10.35
C GLY A 7 -9.06 -22.35 10.10
N MET A 8 -9.60 -21.45 9.28
CA MET A 8 -11.03 -21.48 8.96
C MET A 8 -11.26 -21.15 7.49
N ALA A 9 -12.36 -21.64 6.95
CA ALA A 9 -12.71 -21.39 5.55
C ALA A 9 -14.01 -20.62 5.43
N SER A 10 -14.12 -19.82 4.37
CA SER A 10 -15.32 -19.02 4.14
C SER A 10 -15.79 -19.14 2.69
N SER A 11 -17.10 -19.12 2.49
CA SER A 11 -17.68 -19.22 1.16
C SER A 11 -17.62 -17.89 0.43
N VAL A 12 -16.44 -17.59 -0.13
CA VAL A 12 -16.25 -16.34 -0.87
C VAL A 12 -15.80 -16.61 -2.30
N LEU A 13 -16.65 -16.22 -3.25
CA LEU A 13 -16.34 -16.42 -4.66
C LEU A 13 -16.28 -15.08 -5.40
N GLU A 14 -15.06 -14.67 -5.75
CA GLU A 14 -14.86 -13.41 -6.45
C GLU A 14 -13.39 -13.23 -6.82
N MET A 15 -13.16 -12.68 -8.02
CA MET A 15 -11.80 -12.45 -8.50
C MET A 15 -11.04 -11.52 -7.55
N ILE A 16 -9.96 -12.04 -6.99
CA ILE A 16 -9.14 -11.25 -6.06
C ILE A 16 -8.20 -10.31 -6.82
N LYS A 17 -8.63 -9.06 -6.96
CA LYS A 17 -7.82 -8.06 -7.66
C LYS A 17 -6.46 -7.88 -7.00
N GLU A 18 -5.40 -8.12 -7.77
CA GLU A 18 -4.05 -7.99 -7.24
C GLU A 18 -3.37 -6.73 -7.78
N GLU A 19 -4.18 -5.69 -8.00
CA GLU A 19 -3.66 -4.42 -8.51
C GLU A 19 -4.02 -3.27 -7.58
N VAL A 20 -5.24 -3.30 -7.06
CA VAL A 20 -5.71 -2.26 -6.15
C VAL A 20 -5.52 -2.67 -4.70
N THR A 21 -5.79 -3.94 -4.40
CA THR A 21 -5.66 -4.46 -3.06
C THR A 21 -4.23 -4.28 -2.54
N CYS A 22 -4.11 -3.96 -1.25
CA CYS A 22 -2.80 -3.76 -0.64
C CYS A 22 -1.82 -4.83 -1.08
N PRO A 23 -0.73 -4.39 -1.74
CA PRO A 23 0.31 -5.31 -2.24
C PRO A 23 1.11 -5.93 -1.11
N ILE A 24 0.71 -5.67 0.13
CA ILE A 24 1.39 -6.21 1.30
C ILE A 24 0.52 -7.22 2.03
N CYS A 25 -0.60 -6.76 2.56
CA CYS A 25 -1.53 -7.62 3.28
C CYS A 25 -2.56 -8.22 2.34
N LEU A 26 -2.77 -7.57 1.20
CA LEU A 26 -3.73 -8.03 0.22
C LEU A 26 -5.15 -8.01 0.78
N GLU A 27 -5.51 -6.90 1.41
CA GLU A 27 -6.84 -6.75 2.00
C GLU A 27 -7.37 -5.33 1.78
N LEU A 28 -8.66 -5.15 2.06
CA LEU A 28 -9.28 -3.84 1.90
C LEU A 28 -8.42 -2.74 2.48
N LEU A 29 -7.98 -1.81 1.63
CA LEU A 29 -7.15 -0.70 2.07
C LEU A 29 -7.91 0.21 3.02
N LYS A 30 -7.34 0.40 4.21
CA LYS A 30 -7.96 1.24 5.23
C LYS A 30 -7.26 2.60 5.31
N GLU A 31 -7.95 3.65 4.88
CA GLU A 31 -7.39 5.00 4.91
C GLU A 31 -5.96 5.00 4.37
N PRO A 32 -5.79 4.45 3.16
CA PRO A 32 -4.48 4.38 2.50
C PRO A 32 -3.98 5.75 2.06
N VAL A 33 -2.70 5.82 1.70
CA VAL A 33 -2.10 7.07 1.25
C VAL A 33 -1.31 6.88 -0.02
N SER A 34 -1.61 7.70 -1.03
CA SER A 34 -0.92 7.61 -2.31
C SER A 34 0.51 8.13 -2.21
N ALA A 35 1.35 7.74 -3.17
CA ALA A 35 2.75 8.17 -3.18
C ALA A 35 3.17 8.58 -4.57
N ASP A 36 4.42 9.05 -4.69
CA ASP A 36 4.95 9.48 -5.98
C ASP A 36 4.82 8.37 -7.03
N CYS A 37 5.04 7.13 -6.59
CA CYS A 37 4.96 5.99 -7.50
C CYS A 37 3.51 5.51 -7.63
N ASN A 38 2.58 6.46 -7.62
CA ASN A 38 1.17 6.14 -7.75
C ASN A 38 0.85 4.82 -7.05
N HIS A 39 1.34 4.67 -5.83
CA HIS A 39 1.11 3.45 -5.06
C HIS A 39 0.63 3.78 -3.65
N SER A 40 -0.55 3.30 -3.30
CA SER A 40 -1.13 3.55 -1.98
C SER A 40 -1.15 2.27 -1.15
N PHE A 41 -1.09 2.44 0.17
CA PHE A 41 -1.11 1.30 1.07
C PHE A 41 -1.79 1.66 2.39
N CYS A 42 -2.27 0.65 3.11
CA CYS A 42 -2.94 0.86 4.38
C CYS A 42 -2.13 1.79 5.28
N ARG A 43 -2.77 2.86 5.74
CA ARG A 43 -2.11 3.83 6.60
C ARG A 43 -1.07 3.16 7.49
N ALA A 44 -1.44 2.00 8.04
CA ALA A 44 -0.54 1.26 8.92
C ALA A 44 0.54 0.55 8.11
N CYS A 45 0.13 -0.40 7.28
CA CYS A 45 1.06 -1.15 6.45
C CYS A 45 2.24 -0.28 6.03
N ILE A 46 1.96 0.73 5.23
CA ILE A 46 2.98 1.65 4.75
C ILE A 46 3.95 2.02 5.87
N THR A 47 3.40 2.25 7.07
CA THR A 47 4.20 2.63 8.22
C THR A 47 5.10 1.47 8.65
N LEU A 48 4.52 0.29 8.80
CA LEU A 48 5.27 -0.89 9.21
C LEU A 48 6.34 -1.24 8.19
N ASN A 49 6.02 -1.04 6.91
CA ASN A 49 6.95 -1.33 5.83
C ASN A 49 8.01 -0.24 5.72
N TYR A 50 7.59 1.00 5.89
CA TYR A 50 8.50 2.14 5.82
C TYR A 50 9.49 2.12 6.98
N GLU A 51 8.98 1.92 8.18
CA GLU A 51 9.81 1.89 9.38
C GLU A 51 10.69 0.64 9.38
N SER A 52 10.05 -0.53 9.40
CA SER A 52 10.77 -1.80 9.41
C SER A 52 12.02 -1.72 8.52
N ASN A 53 11.82 -1.31 7.28
CA ASN A 53 12.93 -1.20 6.33
C ASN A 53 13.11 0.25 5.88
N ARG A 54 14.25 0.83 6.22
CA ARG A 54 14.55 2.21 5.85
C ARG A 54 15.81 2.29 4.98
N ASN A 55 16.08 3.47 4.45
CA ASN A 55 17.25 3.67 3.60
C ASN A 55 18.46 4.12 4.43
N THR A 56 19.66 3.88 3.91
CA THR A 56 20.87 4.26 4.61
C THR A 56 20.83 5.73 5.01
N ASP A 57 20.05 6.52 4.31
CA ASP A 57 19.93 7.94 4.59
C ASP A 57 18.76 8.20 5.54
N GLY A 58 17.66 7.50 5.33
CA GLY A 58 16.49 7.66 6.18
C GLY A 58 15.22 7.89 5.38
N LYS A 59 15.11 7.21 4.24
CA LYS A 59 13.93 7.35 3.39
C LYS A 59 13.09 6.08 3.42
N GLY A 60 11.95 6.11 2.75
CA GLY A 60 11.07 4.95 2.71
C GLY A 60 11.08 4.26 1.36
N ASN A 61 11.22 2.94 1.38
CA ASN A 61 11.24 2.15 0.15
C ASN A 61 9.89 1.48 -0.10
N CYS A 62 9.46 1.48 -1.35
CA CYS A 62 8.19 0.86 -1.72
C CYS A 62 8.36 -0.64 -1.91
N PRO A 63 7.54 -1.43 -1.19
CA PRO A 63 7.56 -2.89 -1.26
C PRO A 63 7.04 -3.41 -2.61
N VAL A 64 6.80 -2.49 -3.54
CA VAL A 64 6.31 -2.86 -4.86
C VAL A 64 7.32 -2.48 -5.95
N CYS A 65 7.70 -1.21 -5.97
CA CYS A 65 8.65 -0.73 -6.96
C CYS A 65 10.01 -0.42 -6.31
N ARG A 66 10.03 -0.38 -4.98
CA ARG A 66 11.25 -0.12 -4.25
C ARG A 66 11.82 1.24 -4.63
N VAL A 67 10.96 2.25 -4.71
CA VAL A 67 11.38 3.59 -5.08
C VAL A 67 11.42 4.51 -3.86
N PRO A 68 12.55 5.21 -3.68
CA PRO A 68 12.76 6.13 -2.56
C PRO A 68 11.87 7.37 -2.67
N TYR A 69 10.83 7.42 -1.83
CA TYR A 69 9.91 8.56 -1.84
C TYR A 69 9.90 9.24 -0.48
N PRO A 70 9.68 10.57 -0.49
CA PRO A 70 9.63 11.37 0.73
C PRO A 70 8.40 11.08 1.58
N PHE A 71 8.62 10.62 2.81
CA PHE A 71 7.53 10.31 3.72
C PHE A 71 6.61 11.50 3.91
N GLY A 72 7.20 12.69 3.98
CA GLY A 72 6.43 13.90 4.16
C GLY A 72 5.79 14.38 2.87
N ASN A 73 5.29 13.44 2.08
CA ASN A 73 4.65 13.78 0.81
C ASN A 73 3.32 13.04 0.65
N LEU A 74 3.29 11.79 1.11
CA LEU A 74 2.09 10.97 1.01
C LEU A 74 0.84 11.83 1.16
N LYS A 75 -0.18 11.53 0.36
CA LYS A 75 -1.43 12.27 0.40
C LYS A 75 -2.59 11.37 0.82
N PRO A 76 -3.62 11.97 1.42
CA PRO A 76 -4.81 11.24 1.89
C PRO A 76 -5.66 10.71 0.73
N ASN A 77 -5.64 9.41 0.54
CA ASN A 77 -6.41 8.78 -0.53
C ASN A 77 -7.89 8.66 -0.15
N LEU A 78 -8.26 9.33 0.92
CA LEU A 78 -9.65 9.31 1.40
C LEU A 78 -10.29 7.96 1.12
N HIS A 79 -9.55 6.88 1.38
CA HIS A 79 -10.05 5.53 1.16
C HIS A 79 -10.97 5.48 -0.06
N VAL A 80 -10.50 6.04 -1.18
CA VAL A 80 -11.27 6.06 -2.41
C VAL A 80 -10.57 5.29 -3.52
N ALA A 81 -11.27 4.31 -4.09
CA ALA A 81 -10.71 3.51 -5.16
C ALA A 81 -10.25 4.37 -6.33
N ASN A 82 -9.37 3.83 -7.16
CA ASN A 82 -8.86 4.56 -8.31
C ASN A 82 -9.96 4.85 -9.31
N ILE A 83 -10.77 3.83 -9.60
CA ILE A 83 -11.88 3.98 -10.54
C ILE A 83 -13.10 4.59 -9.86
N VAL A 84 -13.46 5.81 -10.27
CA VAL A 84 -14.61 6.49 -9.71
C VAL A 84 -15.33 7.32 -10.77
N GLU A 85 -16.61 7.03 -10.97
CA GLU A 85 -17.41 7.75 -11.96
C GLU A 85 -17.76 9.15 -11.46
N GLY A 1 25.05 -5.81 11.06
CA GLY A 1 24.10 -6.32 10.10
C GLY A 1 22.79 -6.73 10.73
N SER A 2 21.75 -6.90 9.91
CA SER A 2 20.43 -7.29 10.41
C SER A 2 19.67 -8.07 9.35
N SER A 3 18.69 -8.86 9.79
CA SER A 3 17.88 -9.66 8.88
C SER A 3 16.65 -10.22 9.60
N GLY A 4 15.53 -10.25 8.88
CA GLY A 4 14.29 -10.76 9.46
C GLY A 4 13.44 -11.49 8.45
N SER A 5 12.41 -12.17 8.94
CA SER A 5 11.51 -12.92 8.07
C SER A 5 10.26 -13.37 8.82
N SER A 6 9.19 -13.63 8.08
CA SER A 6 7.94 -14.06 8.69
C SER A 6 6.95 -14.52 7.62
N GLY A 7 5.83 -15.09 8.06
CA GLY A 7 4.82 -15.56 7.13
C GLY A 7 3.50 -15.84 7.81
N MET A 8 2.41 -15.68 7.06
CA MET A 8 1.07 -15.92 7.60
C MET A 8 0.16 -16.52 6.54
N ALA A 9 -1.00 -17.02 6.97
CA ALA A 9 -1.96 -17.62 6.05
C ALA A 9 -2.75 -16.55 5.30
N SER A 10 -3.37 -16.94 4.20
CA SER A 10 -4.14 -16.02 3.38
C SER A 10 -5.56 -16.54 3.18
N SER A 11 -6.44 -16.22 4.13
CA SER A 11 -7.83 -16.66 4.05
C SER A 11 -8.78 -15.46 3.99
N VAL A 12 -9.15 -15.07 2.77
CA VAL A 12 -10.05 -13.94 2.57
C VAL A 12 -11.38 -14.40 1.97
N LEU A 13 -12.43 -13.61 2.20
CA LEU A 13 -13.75 -13.93 1.68
C LEU A 13 -13.84 -13.62 0.19
N GLU A 14 -14.60 -14.44 -0.53
CA GLU A 14 -14.77 -14.25 -1.97
C GLU A 14 -15.25 -12.83 -2.28
N MET A 15 -14.59 -12.18 -3.22
CA MET A 15 -14.94 -10.82 -3.61
C MET A 15 -14.14 -10.37 -4.83
N ILE A 16 -14.84 -9.99 -5.88
CA ILE A 16 -14.19 -9.53 -7.11
C ILE A 16 -13.81 -8.05 -7.02
N LYS A 17 -12.54 -7.79 -6.75
CA LYS A 17 -12.05 -6.43 -6.65
C LYS A 17 -11.43 -5.96 -7.96
N GLU A 18 -11.59 -4.68 -8.27
CA GLU A 18 -11.04 -4.12 -9.50
C GLU A 18 -9.55 -3.85 -9.36
N GLU A 19 -8.83 -4.84 -8.83
CA GLU A 19 -7.39 -4.73 -8.64
C GLU A 19 -7.05 -3.46 -7.84
N VAL A 20 -7.66 -3.32 -6.68
CA VAL A 20 -7.43 -2.17 -5.82
C VAL A 20 -7.14 -2.60 -4.38
N THR A 21 -6.72 -3.84 -4.21
CA THR A 21 -6.41 -4.38 -2.90
C THR A 21 -4.98 -4.05 -2.49
N CYS A 22 -4.72 -4.08 -1.19
CA CYS A 22 -3.39 -3.77 -0.66
C CYS A 22 -2.39 -4.85 -1.07
N PRO A 23 -1.32 -4.44 -1.76
CA PRO A 23 -0.27 -5.36 -2.21
C PRO A 23 0.56 -5.91 -1.07
N ILE A 24 0.16 -5.59 0.16
CA ILE A 24 0.86 -6.06 1.34
C ILE A 24 0.02 -7.05 2.13
N CYS A 25 -1.09 -6.58 2.68
CA CYS A 25 -1.98 -7.44 3.45
C CYS A 25 -2.99 -8.14 2.55
N LEU A 26 -3.22 -7.56 1.38
CA LEU A 26 -4.16 -8.14 0.41
C LEU A 26 -5.59 -8.05 0.94
N GLU A 27 -5.95 -6.88 1.46
CA GLU A 27 -7.29 -6.68 1.99
C GLU A 27 -7.78 -5.26 1.70
N LEU A 28 -9.03 -4.98 2.06
CA LEU A 28 -9.61 -3.66 1.84
C LEU A 28 -8.69 -2.56 2.38
N LEU A 29 -8.29 -1.65 1.49
CA LEU A 29 -7.42 -0.55 1.89
C LEU A 29 -8.11 0.38 2.87
N LYS A 30 -7.56 0.47 4.08
CA LYS A 30 -8.12 1.33 5.12
C LYS A 30 -7.34 2.63 5.23
N GLU A 31 -7.94 3.72 4.77
CA GLU A 31 -7.30 5.03 4.83
C GLU A 31 -5.90 4.98 4.22
N PRO A 32 -5.80 4.47 2.98
CA PRO A 32 -4.54 4.35 2.26
C PRO A 32 -3.97 5.71 1.86
N VAL A 33 -2.68 5.73 1.55
CA VAL A 33 -2.01 6.96 1.13
C VAL A 33 -1.25 6.77 -0.17
N SER A 34 -1.53 7.62 -1.15
CA SER A 34 -0.87 7.54 -2.44
C SER A 34 0.60 7.94 -2.33
N ALA A 35 1.41 7.42 -3.24
CA ALA A 35 2.84 7.73 -3.25
C ALA A 35 3.31 8.16 -4.63
N ASP A 36 4.56 8.60 -4.72
CA ASP A 36 5.12 9.05 -5.99
C ASP A 36 4.99 7.95 -7.05
N CYS A 37 5.11 6.69 -6.62
CA CYS A 37 5.01 5.56 -7.53
C CYS A 37 3.56 5.12 -7.68
N ASN A 38 2.64 6.08 -7.69
CA ASN A 38 1.22 5.78 -7.82
C ASN A 38 0.86 4.50 -7.08
N HIS A 39 1.41 4.34 -5.88
CA HIS A 39 1.15 3.15 -5.07
C HIS A 39 0.63 3.54 -3.69
N SER A 40 -0.55 3.05 -3.35
CA SER A 40 -1.16 3.36 -2.05
C SER A 40 -1.21 2.11 -1.18
N PHE A 41 -1.10 2.31 0.13
CA PHE A 41 -1.13 1.21 1.08
C PHE A 41 -1.79 1.63 2.39
N CYS A 42 -2.39 0.67 3.08
CA CYS A 42 -3.06 0.94 4.35
C CYS A 42 -2.24 1.91 5.20
N ARG A 43 -2.89 2.97 5.67
CA ARG A 43 -2.22 3.97 6.49
C ARG A 43 -1.15 3.33 7.37
N ALA A 44 -1.48 2.16 7.93
CA ALA A 44 -0.55 1.44 8.80
C ALA A 44 0.50 0.70 7.97
N CYS A 45 0.03 -0.19 7.10
CA CYS A 45 0.93 -0.97 6.25
C CYS A 45 2.11 -0.12 5.78
N ILE A 46 1.82 0.99 5.12
CA ILE A 46 2.85 1.88 4.62
C ILE A 46 3.78 2.33 5.75
N THR A 47 3.21 2.49 6.94
CA THR A 47 3.99 2.91 8.09
C THR A 47 4.98 1.83 8.52
N LEU A 48 4.45 0.63 8.77
CA LEU A 48 5.29 -0.49 9.19
C LEU A 48 6.33 -0.82 8.12
N ASN A 49 5.87 -0.95 6.87
CA ASN A 49 6.75 -1.26 5.77
C ASN A 49 8.04 -0.43 5.83
N TYR A 50 7.88 0.88 5.93
CA TYR A 50 9.02 1.79 6.01
C TYR A 50 9.76 1.62 7.33
N GLU A 51 9.03 1.75 8.44
CA GLU A 51 9.61 1.61 9.77
C GLU A 51 10.62 0.47 9.80
N SER A 52 10.22 -0.68 9.27
CA SER A 52 11.08 -1.85 9.24
C SER A 52 12.08 -1.77 8.08
N ASN A 53 11.56 -1.58 6.88
CA ASN A 53 12.40 -1.48 5.70
C ASN A 53 12.55 -0.02 5.25
N ARG A 54 13.72 0.55 5.53
CA ARG A 54 14.00 1.93 5.17
C ARG A 54 15.47 2.11 4.83
N ASN A 55 15.79 3.20 4.14
CA ASN A 55 17.16 3.50 3.74
C ASN A 55 17.91 4.19 4.88
N THR A 56 19.15 3.75 5.11
CA THR A 56 19.97 4.32 6.16
C THR A 56 19.97 5.84 6.11
N ASP A 57 19.65 6.38 4.94
CA ASP A 57 19.60 7.83 4.76
C ASP A 57 18.30 8.41 5.32
N GLY A 58 17.18 7.79 4.97
CA GLY A 58 15.89 8.25 5.44
C GLY A 58 14.76 7.85 4.52
N LYS A 59 14.97 7.99 3.21
CA LYS A 59 13.95 7.64 2.23
C LYS A 59 13.35 6.27 2.54
N GLY A 60 12.17 6.01 1.97
CA GLY A 60 11.51 4.74 2.19
C GLY A 60 11.42 3.90 0.94
N ASN A 61 11.58 2.59 1.08
CA ASN A 61 11.52 1.68 -0.05
C ASN A 61 10.13 1.09 -0.20
N CYS A 62 9.62 1.08 -1.43
CA CYS A 62 8.30 0.54 -1.71
C CYS A 62 8.34 -0.98 -1.80
N PRO A 63 7.44 -1.64 -1.05
CA PRO A 63 7.36 -3.10 -1.03
C PRO A 63 6.82 -3.67 -2.34
N VAL A 64 6.68 -2.81 -3.34
CA VAL A 64 6.17 -3.23 -4.64
C VAL A 64 7.17 -2.92 -5.74
N CYS A 65 7.68 -1.68 -5.75
CA CYS A 65 8.65 -1.26 -6.75
C CYS A 65 10.01 -0.98 -6.10
N ARG A 66 10.01 -0.87 -4.78
CA ARG A 66 11.24 -0.60 -4.04
C ARG A 66 11.85 0.73 -4.48
N VAL A 67 11.04 1.78 -4.50
CA VAL A 67 11.51 3.10 -4.89
C VAL A 67 11.58 4.04 -3.70
N PRO A 68 12.69 4.79 -3.62
CA PRO A 68 12.92 5.74 -2.52
C PRO A 68 11.99 6.94 -2.59
N TYR A 69 11.00 6.98 -1.71
CA TYR A 69 10.03 8.08 -1.68
C TYR A 69 10.18 8.89 -0.40
N PRO A 70 9.99 10.22 -0.51
CA PRO A 70 10.09 11.13 0.64
C PRO A 70 8.94 10.96 1.61
N PHE A 71 9.25 10.44 2.80
CA PHE A 71 8.24 10.22 3.82
C PHE A 71 7.51 11.52 4.15
N GLY A 72 6.27 11.39 4.62
CA GLY A 72 5.48 12.57 4.96
C GLY A 72 4.78 13.16 3.76
N ASN A 73 5.40 13.03 2.59
CA ASN A 73 4.84 13.57 1.36
C ASN A 73 3.82 12.61 0.77
N LEU A 74 2.99 12.03 1.63
CA LEU A 74 1.97 11.09 1.19
C LEU A 74 0.57 11.67 1.39
N LYS A 75 -0.25 11.61 0.35
CA LYS A 75 -1.61 12.12 0.41
C LYS A 75 -2.55 11.12 1.08
N PRO A 76 -3.56 11.63 1.77
CA PRO A 76 -4.54 10.79 2.47
C PRO A 76 -5.46 10.04 1.50
N ASN A 77 -5.20 10.21 0.21
CA ASN A 77 -6.00 9.55 -0.82
C ASN A 77 -7.48 9.83 -0.62
N LEU A 78 -7.80 11.08 -0.32
CA LEU A 78 -9.20 11.48 -0.10
C LEU A 78 -9.70 12.35 -1.25
N HIS A 79 -8.88 13.31 -1.67
CA HIS A 79 -9.24 14.20 -2.76
C HIS A 79 -8.35 13.94 -3.98
N VAL A 80 -7.28 13.19 -3.79
CA VAL A 80 -6.37 12.86 -4.87
C VAL A 80 -6.35 13.96 -5.92
N ALA A 81 -6.23 15.21 -5.47
CA ALA A 81 -6.20 16.36 -6.38
C ALA A 81 -7.11 16.12 -7.58
N ASN A 82 -8.36 15.78 -7.31
CA ASN A 82 -9.33 15.52 -8.37
C ASN A 82 -9.37 16.69 -9.36
N ILE A 83 -9.55 17.90 -8.82
CA ILE A 83 -9.61 19.08 -9.65
C ILE A 83 -8.37 19.96 -9.45
N VAL A 84 -7.77 20.36 -10.57
CA VAL A 84 -6.57 21.20 -10.52
C VAL A 84 -6.90 22.64 -10.92
N GLU A 85 -7.98 22.82 -11.65
CA GLU A 85 -8.41 24.14 -12.09
C GLU A 85 -8.98 24.95 -10.92
N GLY A 1 -18.05 -41.29 18.89
CA GLY A 1 -17.10 -40.20 18.76
C GLY A 1 -17.70 -38.99 18.06
N SER A 2 -16.85 -38.16 17.47
CA SER A 2 -17.30 -36.96 16.77
C SER A 2 -16.43 -36.70 15.54
N SER A 3 -16.85 -35.72 14.74
CA SER A 3 -16.10 -35.37 13.53
C SER A 3 -16.61 -34.05 12.95
N GLY A 4 -15.91 -33.56 11.93
CA GLY A 4 -16.31 -32.30 11.30
C GLY A 4 -17.18 -32.52 10.09
N SER A 5 -17.21 -31.52 9.21
CA SER A 5 -18.01 -31.61 7.99
C SER A 5 -17.50 -30.63 6.93
N SER A 6 -18.07 -30.70 5.74
CA SER A 6 -17.66 -29.83 4.63
C SER A 6 -18.88 -29.29 3.89
N GLY A 7 -18.69 -28.20 3.17
CA GLY A 7 -19.77 -27.59 2.42
C GLY A 7 -19.39 -27.29 0.99
N MET A 8 -20.37 -26.87 0.19
CA MET A 8 -20.13 -26.53 -1.21
C MET A 8 -20.91 -25.28 -1.60
N ALA A 9 -20.23 -24.40 -2.35
CA ALA A 9 -20.85 -23.16 -2.79
C ALA A 9 -20.26 -22.70 -4.13
N SER A 10 -21.11 -22.61 -5.14
CA SER A 10 -20.67 -22.19 -6.47
C SER A 10 -19.92 -20.86 -6.40
N SER A 11 -19.04 -20.63 -7.37
CA SER A 11 -18.25 -19.41 -7.41
C SER A 11 -18.20 -18.85 -8.83
N VAL A 12 -18.73 -17.64 -9.01
CA VAL A 12 -18.74 -16.99 -10.31
C VAL A 12 -17.44 -16.25 -10.57
N LEU A 13 -17.15 -15.99 -11.84
CA LEU A 13 -15.93 -15.29 -12.22
C LEU A 13 -16.25 -13.87 -12.72
N GLU A 14 -15.34 -12.95 -12.45
CA GLU A 14 -15.52 -11.56 -12.87
C GLU A 14 -14.24 -10.76 -12.69
N MET A 15 -14.23 -9.53 -13.20
CA MET A 15 -13.06 -8.67 -13.10
C MET A 15 -12.85 -8.21 -11.66
N ILE A 16 -11.95 -8.90 -10.95
CA ILE A 16 -11.66 -8.56 -9.56
C ILE A 16 -10.64 -7.42 -9.48
N LYS A 17 -10.79 -6.61 -8.44
CA LYS A 17 -9.88 -5.47 -8.24
C LYS A 17 -8.54 -5.94 -7.69
N GLU A 18 -7.92 -6.89 -8.38
CA GLU A 18 -6.63 -7.42 -7.96
C GLU A 18 -5.49 -6.52 -8.43
N GLU A 19 -5.70 -5.21 -8.32
CA GLU A 19 -4.69 -4.25 -8.74
C GLU A 19 -4.51 -3.16 -7.68
N VAL A 20 -5.60 -2.51 -7.32
CA VAL A 20 -5.56 -1.45 -6.31
C VAL A 20 -5.28 -2.01 -4.92
N THR A 21 -5.96 -3.12 -4.60
CA THR A 21 -5.78 -3.76 -3.31
C THR A 21 -4.35 -3.63 -2.81
N CYS A 22 -4.19 -3.46 -1.50
CA CYS A 22 -2.87 -3.34 -0.90
C CYS A 22 -1.94 -4.45 -1.37
N PRO A 23 -0.84 -4.07 -2.04
CA PRO A 23 0.15 -5.02 -2.55
C PRO A 23 0.93 -5.70 -1.44
N ILE A 24 0.58 -5.39 -0.20
CA ILE A 24 1.26 -5.97 0.96
C ILE A 24 0.38 -7.02 1.64
N CYS A 25 -0.72 -6.56 2.25
CA CYS A 25 -1.64 -7.44 2.93
C CYS A 25 -2.62 -8.08 1.95
N LEU A 26 -2.86 -7.38 0.84
CA LEU A 26 -3.78 -7.87 -0.18
C LEU A 26 -5.21 -7.92 0.35
N GLU A 27 -5.65 -6.80 0.93
CA GLU A 27 -7.00 -6.71 1.47
C GLU A 27 -7.51 -5.27 1.41
N LEU A 28 -8.84 -5.12 1.52
CA LEU A 28 -9.46 -3.80 1.48
C LEU A 28 -8.56 -2.75 2.12
N LEU A 29 -8.25 -1.71 1.36
CA LEU A 29 -7.39 -0.63 1.85
C LEU A 29 -8.16 0.28 2.80
N LYS A 30 -7.61 0.48 3.99
CA LYS A 30 -8.23 1.33 5.00
C LYS A 30 -7.49 2.66 5.13
N GLU A 31 -8.14 3.74 4.72
CA GLU A 31 -7.54 5.06 4.79
C GLU A 31 -6.11 5.04 4.26
N PRO A 32 -5.94 4.51 3.04
CA PRO A 32 -4.62 4.42 2.39
C PRO A 32 -4.07 5.79 2.00
N VAL A 33 -2.76 5.85 1.76
CA VAL A 33 -2.12 7.10 1.37
C VAL A 33 -1.21 6.89 0.17
N SER A 34 -1.49 7.63 -0.91
CA SER A 34 -0.70 7.52 -2.13
C SER A 34 0.69 8.12 -1.94
N ALA A 35 1.56 7.89 -2.91
CA ALA A 35 2.92 8.42 -2.85
C ALA A 35 3.39 8.90 -4.21
N ASP A 36 4.65 9.30 -4.30
CA ASP A 36 5.20 9.80 -5.56
C ASP A 36 5.01 8.79 -6.67
N CYS A 37 5.14 7.50 -6.34
CA CYS A 37 4.97 6.44 -7.32
C CYS A 37 3.50 6.01 -7.41
N ASN A 38 2.61 6.99 -7.33
CA ASN A 38 1.18 6.72 -7.40
C ASN A 38 0.84 5.38 -6.74
N HIS A 39 1.53 5.09 -5.64
CA HIS A 39 1.30 3.84 -4.90
C HIS A 39 0.78 4.13 -3.50
N SER A 40 -0.42 3.64 -3.20
CA SER A 40 -1.04 3.84 -1.90
C SER A 40 -1.04 2.55 -1.09
N PHE A 41 -1.03 2.68 0.23
CA PHE A 41 -1.03 1.52 1.11
C PHE A 41 -1.77 1.84 2.41
N CYS A 42 -2.24 0.80 3.09
CA CYS A 42 -2.96 0.95 4.34
C CYS A 42 -2.24 1.92 5.27
N ARG A 43 -2.95 2.93 5.75
CA ARG A 43 -2.38 3.93 6.64
C ARG A 43 -1.31 3.31 7.54
N ALA A 44 -1.58 2.08 7.98
CA ALA A 44 -0.64 1.36 8.85
C ALA A 44 0.49 0.73 8.04
N CYS A 45 0.11 -0.10 7.07
CA CYS A 45 1.09 -0.78 6.23
C CYS A 45 2.20 0.17 5.82
N ILE A 46 1.82 1.31 5.25
CA ILE A 46 2.79 2.31 4.80
C ILE A 46 3.74 2.69 5.94
N THR A 47 3.22 2.68 7.17
CA THR A 47 4.03 3.03 8.33
C THR A 47 4.93 1.87 8.74
N LEU A 48 4.33 0.68 8.88
CA LEU A 48 5.08 -0.50 9.27
C LEU A 48 6.21 -0.78 8.28
N ASN A 49 5.88 -0.78 6.99
CA ASN A 49 6.87 -1.02 5.95
C ASN A 49 8.12 -0.18 6.18
N TYR A 50 7.95 1.14 6.20
CA TYR A 50 9.07 2.05 6.41
C TYR A 50 9.97 1.56 7.54
N GLU A 51 9.38 1.39 8.71
CA GLU A 51 10.14 0.92 9.88
C GLU A 51 11.01 -0.28 9.52
N SER A 52 10.43 -1.23 8.79
CA SER A 52 11.14 -2.43 8.38
C SER A 52 12.26 -2.09 7.40
N ASN A 53 11.92 -1.34 6.36
CA ASN A 53 12.90 -0.94 5.35
C ASN A 53 12.96 0.58 5.23
N ARG A 54 14.01 1.17 5.79
CA ARG A 54 14.18 2.62 5.75
C ARG A 54 15.63 2.97 5.40
N ASN A 55 15.85 4.24 5.07
CA ASN A 55 17.20 4.71 4.73
C ASN A 55 17.84 5.43 5.90
N THR A 56 19.16 5.31 6.00
CA THR A 56 19.90 5.96 7.07
C THR A 56 19.59 7.45 7.15
N ASP A 57 19.53 8.10 6.00
CA ASP A 57 19.23 9.52 5.94
C ASP A 57 17.77 9.78 6.29
N GLY A 58 16.88 8.94 5.78
CA GLY A 58 15.46 9.11 6.06
C GLY A 58 14.59 8.59 4.93
N LYS A 59 15.04 8.79 3.70
CA LYS A 59 14.30 8.33 2.53
C LYS A 59 13.70 6.95 2.77
N GLY A 60 12.49 6.72 2.25
CA GLY A 60 11.85 5.44 2.42
C GLY A 60 11.76 4.66 1.12
N ASN A 61 11.82 3.33 1.24
CA ASN A 61 11.75 2.47 0.06
C ASN A 61 10.35 1.89 -0.12
N CYS A 62 9.90 1.82 -1.37
CA CYS A 62 8.58 1.29 -1.67
C CYS A 62 8.62 -0.23 -1.84
N PRO A 63 7.74 -0.93 -1.12
CA PRO A 63 7.65 -2.39 -1.17
C PRO A 63 7.12 -2.90 -2.50
N VAL A 64 7.00 -1.99 -3.47
CA VAL A 64 6.51 -2.34 -4.79
C VAL A 64 7.54 -2.02 -5.87
N CYS A 65 7.86 -0.74 -6.00
CA CYS A 65 8.84 -0.29 -6.99
C CYS A 65 10.18 0.01 -6.34
N ARG A 66 10.20 0.01 -5.01
CA ARG A 66 11.42 0.29 -4.26
C ARG A 66 11.99 1.66 -4.64
N VAL A 67 11.10 2.64 -4.79
CA VAL A 67 11.52 4.00 -5.14
C VAL A 67 11.64 4.88 -3.91
N PRO A 68 12.76 5.62 -3.82
CA PRO A 68 13.02 6.52 -2.69
C PRO A 68 12.09 7.73 -2.69
N TYR A 69 11.14 7.75 -1.77
CA TYR A 69 10.19 8.85 -1.67
C TYR A 69 10.31 9.55 -0.32
N PRO A 70 10.04 10.87 -0.31
CA PRO A 70 10.12 11.68 0.91
C PRO A 70 9.00 11.35 1.88
N PHE A 71 9.34 10.60 2.94
CA PHE A 71 8.35 10.21 3.94
C PHE A 71 7.61 11.44 4.48
N GLY A 72 6.29 11.35 4.53
CA GLY A 72 5.49 12.45 5.02
C GLY A 72 4.68 13.11 3.93
N ASN A 73 5.25 13.18 2.73
CA ASN A 73 4.57 13.79 1.59
C ASN A 73 3.55 12.83 0.99
N LEU A 74 2.78 12.17 1.84
CA LEU A 74 1.77 11.22 1.39
C LEU A 74 0.38 11.82 1.48
N LYS A 75 -0.39 11.68 0.41
CA LYS A 75 -1.75 12.21 0.37
C LYS A 75 -2.78 11.11 0.63
N PRO A 76 -3.95 11.49 1.16
CA PRO A 76 -5.03 10.55 1.46
C PRO A 76 -5.67 9.99 0.20
N ASN A 77 -5.52 8.68 -0.01
CA ASN A 77 -6.09 8.03 -1.18
C ASN A 77 -7.49 7.49 -0.87
N LEU A 78 -8.50 8.25 -1.30
CA LEU A 78 -9.89 7.86 -1.07
C LEU A 78 -10.66 7.81 -2.38
N HIS A 79 -10.82 8.97 -3.01
CA HIS A 79 -11.53 9.07 -4.28
C HIS A 79 -10.57 9.39 -5.42
N VAL A 80 -9.41 8.74 -5.41
CA VAL A 80 -8.41 8.95 -6.45
C VAL A 80 -8.93 8.53 -7.81
N ALA A 81 -9.21 9.50 -8.67
CA ALA A 81 -9.72 9.24 -10.01
C ALA A 81 -8.79 9.82 -11.07
N ASN A 82 -8.87 9.27 -12.28
CA ASN A 82 -8.03 9.74 -13.39
C ASN A 82 -7.97 11.27 -13.41
N ILE A 83 -9.13 11.90 -13.32
CA ILE A 83 -9.20 13.36 -13.32
C ILE A 83 -9.10 13.92 -11.91
N VAL A 84 -7.88 13.94 -11.38
CA VAL A 84 -7.65 14.46 -10.03
C VAL A 84 -7.72 15.98 -10.02
N GLU A 85 -8.44 16.52 -9.03
CA GLU A 85 -8.59 17.97 -8.89
C GLU A 85 -7.47 18.55 -8.04
N GLY A 1 9.80 -17.08 14.85
CA GLY A 1 8.38 -16.80 14.99
C GLY A 1 7.51 -17.93 14.51
N SER A 2 6.19 -17.75 14.59
CA SER A 2 5.25 -18.77 14.16
C SER A 2 3.84 -18.22 14.12
N SER A 3 3.01 -18.76 13.22
CA SER A 3 1.63 -18.32 13.08
C SER A 3 0.84 -19.29 12.20
N GLY A 4 -0.46 -19.02 12.06
CA GLY A 4 -1.29 -19.87 11.24
C GLY A 4 -2.59 -19.19 10.84
N SER A 5 -3.33 -19.81 9.92
CA SER A 5 -4.59 -19.26 9.45
C SER A 5 -5.40 -20.32 8.70
N SER A 6 -6.67 -20.01 8.46
CA SER A 6 -7.56 -20.94 7.76
C SER A 6 -8.37 -20.21 6.69
N GLY A 7 -9.11 -20.98 5.90
CA GLY A 7 -9.92 -20.38 4.85
C GLY A 7 -11.10 -21.25 4.47
N MET A 8 -11.79 -20.88 3.41
CA MET A 8 -12.95 -21.63 2.93
C MET A 8 -13.18 -21.41 1.44
N ALA A 9 -13.92 -22.31 0.82
CA ALA A 9 -14.22 -22.22 -0.60
C ALA A 9 -15.67 -22.61 -0.89
N SER A 10 -16.18 -22.16 -2.03
CA SER A 10 -17.55 -22.45 -2.42
C SER A 10 -17.71 -22.40 -3.95
N SER A 11 -18.80 -22.97 -4.44
CA SER A 11 -19.06 -23.01 -5.87
C SER A 11 -19.53 -21.64 -6.36
N VAL A 12 -18.57 -20.75 -6.59
CA VAL A 12 -18.88 -19.41 -7.07
C VAL A 12 -17.75 -18.85 -7.94
N LEU A 13 -18.12 -18.21 -9.04
CA LEU A 13 -17.13 -17.64 -9.95
C LEU A 13 -17.20 -16.11 -9.93
N GLU A 14 -16.37 -15.50 -9.08
CA GLU A 14 -16.33 -14.05 -8.97
C GLU A 14 -14.96 -13.51 -9.35
N MET A 15 -14.90 -12.23 -9.69
CA MET A 15 -13.65 -11.59 -10.07
C MET A 15 -13.01 -10.88 -8.88
N ILE A 16 -11.86 -11.37 -8.45
CA ILE A 16 -11.15 -10.80 -7.32
C ILE A 16 -10.40 -9.54 -7.74
N LYS A 17 -10.47 -8.51 -6.90
CA LYS A 17 -9.79 -7.24 -7.17
C LYS A 17 -8.38 -7.25 -6.60
N GLU A 18 -7.56 -8.19 -7.06
CA GLU A 18 -6.19 -8.31 -6.60
C GLU A 18 -5.27 -7.38 -7.39
N GLU A 19 -5.75 -6.17 -7.65
CA GLU A 19 -4.97 -5.19 -8.41
C GLU A 19 -4.88 -3.87 -7.64
N VAL A 20 -6.01 -3.44 -7.08
CA VAL A 20 -6.04 -2.19 -6.33
C VAL A 20 -5.89 -2.45 -4.83
N THR A 21 -6.34 -3.62 -4.39
CA THR A 21 -6.25 -4.00 -2.98
C THR A 21 -4.80 -3.95 -2.49
N CYS A 22 -4.62 -3.62 -1.22
CA CYS A 22 -3.30 -3.55 -0.63
C CYS A 22 -2.45 -4.74 -1.05
N PRO A 23 -1.37 -4.48 -1.80
CA PRO A 23 -0.46 -5.51 -2.28
C PRO A 23 0.37 -6.12 -1.15
N ILE A 24 0.10 -5.68 0.07
CA ILE A 24 0.83 -6.19 1.24
C ILE A 24 -0.06 -7.12 2.07
N CYS A 25 -1.14 -6.56 2.62
CA CYS A 25 -2.06 -7.34 3.43
C CYS A 25 -3.14 -7.99 2.57
N LEU A 26 -3.41 -7.39 1.42
CA LEU A 26 -4.41 -7.92 0.50
C LEU A 26 -5.81 -7.77 1.08
N GLU A 27 -6.11 -6.59 1.60
CA GLU A 27 -7.43 -6.32 2.20
C GLU A 27 -7.89 -4.91 1.86
N LEU A 28 -9.17 -4.65 2.08
CA LEU A 28 -9.74 -3.33 1.80
C LEU A 28 -8.84 -2.22 2.32
N LEU A 29 -8.36 -1.37 1.41
CA LEU A 29 -7.48 -0.27 1.78
C LEU A 29 -8.21 0.73 2.66
N LYS A 30 -7.80 0.83 3.92
CA LYS A 30 -8.41 1.76 4.86
C LYS A 30 -7.56 3.01 5.02
N GLU A 31 -8.11 4.15 4.59
CA GLU A 31 -7.40 5.41 4.69
C GLU A 31 -5.98 5.30 4.13
N PRO A 32 -5.88 4.75 2.91
CA PRO A 32 -4.59 4.56 2.23
C PRO A 32 -3.96 5.89 1.81
N VAL A 33 -2.67 5.85 1.50
CA VAL A 33 -1.96 7.05 1.07
C VAL A 33 -1.13 6.78 -0.18
N SER A 34 -1.37 7.56 -1.23
CA SER A 34 -0.65 7.41 -2.48
C SER A 34 0.78 7.93 -2.37
N ALA A 35 1.65 7.50 -3.27
CA ALA A 35 3.03 7.93 -3.27
C ALA A 35 3.46 8.40 -4.66
N ASP A 36 4.74 8.78 -4.78
CA ASP A 36 5.27 9.25 -6.06
C ASP A 36 5.18 8.16 -7.11
N CYS A 37 5.33 6.91 -6.69
CA CYS A 37 5.27 5.78 -7.60
C CYS A 37 3.82 5.33 -7.81
N ASN A 38 2.91 6.28 -7.83
CA ASN A 38 1.50 5.98 -8.01
C ASN A 38 1.11 4.70 -7.28
N HIS A 39 1.60 4.56 -6.06
CA HIS A 39 1.31 3.38 -5.24
C HIS A 39 0.79 3.78 -3.86
N SER A 40 -0.37 3.26 -3.50
CA SER A 40 -0.97 3.57 -2.21
C SER A 40 -1.12 2.30 -1.36
N PHE A 41 -1.05 2.47 -0.04
CA PHE A 41 -1.17 1.35 0.87
C PHE A 41 -1.85 1.78 2.18
N CYS A 42 -2.32 0.81 2.94
CA CYS A 42 -2.98 1.08 4.22
C CYS A 42 -2.12 1.99 5.09
N ARG A 43 -2.71 3.11 5.51
CA ARG A 43 -1.99 4.06 6.36
C ARG A 43 -1.05 3.34 7.32
N ALA A 44 -1.52 2.24 7.89
CA ALA A 44 -0.72 1.45 8.82
C ALA A 44 0.34 0.66 8.09
N CYS A 45 -0.09 -0.25 7.23
CA CYS A 45 0.82 -1.09 6.46
C CYS A 45 2.05 -0.29 6.03
N ILE A 46 1.84 0.72 5.20
CA ILE A 46 2.92 1.56 4.71
C ILE A 46 3.84 1.99 5.85
N THR A 47 3.25 2.18 7.03
CA THR A 47 4.01 2.60 8.20
C THR A 47 4.86 1.45 8.74
N LEU A 48 4.24 0.29 8.89
CA LEU A 48 4.94 -0.89 9.41
C LEU A 48 6.01 -1.35 8.43
N ASN A 49 5.76 -1.14 7.14
CA ASN A 49 6.72 -1.53 6.10
C ASN A 49 7.86 -0.52 6.01
N TYR A 50 7.51 0.76 6.01
CA TYR A 50 8.50 1.82 5.92
C TYR A 50 9.37 1.86 7.17
N GLU A 51 8.73 1.88 8.34
CA GLU A 51 9.45 1.92 9.60
C GLU A 51 10.64 0.97 9.58
N SER A 52 10.54 -0.07 8.77
CA SER A 52 11.62 -1.06 8.65
C SER A 52 12.38 -0.88 7.36
N ASN A 53 11.67 -0.47 6.31
CA ASN A 53 12.28 -0.25 5.01
C ASN A 53 12.82 1.17 4.87
N ARG A 54 13.08 1.80 6.01
CA ARG A 54 13.59 3.17 6.03
C ARG A 54 15.11 3.18 6.02
N ASN A 55 15.69 4.37 5.94
CA ASN A 55 17.14 4.52 5.91
C ASN A 55 17.58 5.60 6.89
N THR A 56 18.88 5.61 7.20
CA THR A 56 19.44 6.59 8.12
C THR A 56 18.86 7.98 7.86
N ASP A 57 18.95 8.42 6.60
CA ASP A 57 18.44 9.73 6.22
C ASP A 57 16.99 9.89 6.64
N GLY A 58 16.18 8.89 6.32
CA GLY A 58 14.77 8.93 6.66
C GLY A 58 13.90 8.26 5.61
N LYS A 59 14.19 8.52 4.34
CA LYS A 59 13.43 7.94 3.24
C LYS A 59 13.39 6.42 3.34
N GLY A 60 12.52 5.80 2.56
CA GLY A 60 12.41 4.34 2.58
C GLY A 60 12.33 3.76 1.18
N ASN A 61 11.76 2.57 1.09
CA ASN A 61 11.63 1.88 -0.19
C ASN A 61 10.24 1.26 -0.34
N CYS A 62 9.76 1.18 -1.57
CA CYS A 62 8.45 0.60 -1.85
C CYS A 62 8.54 -0.91 -2.03
N PRO A 63 7.73 -1.64 -1.27
CA PRO A 63 7.70 -3.10 -1.32
C PRO A 63 7.11 -3.62 -2.63
N VAL A 64 6.85 -2.72 -3.56
CA VAL A 64 6.29 -3.08 -4.86
C VAL A 64 7.25 -2.75 -5.98
N CYS A 65 7.70 -1.50 -6.04
CA CYS A 65 8.62 -1.06 -7.07
C CYS A 65 10.02 -0.83 -6.48
N ARG A 66 10.09 -0.71 -5.17
CA ARG A 66 11.36 -0.50 -4.50
C ARG A 66 11.98 0.83 -4.90
N VAL A 67 11.15 1.87 -4.97
CA VAL A 67 11.61 3.20 -5.34
C VAL A 67 11.71 4.11 -4.12
N PRO A 68 12.85 4.82 -4.00
CA PRO A 68 13.09 5.75 -2.89
C PRO A 68 12.20 6.99 -2.96
N TYR A 69 11.23 7.08 -2.05
CA TYR A 69 10.32 8.21 -2.01
C TYR A 69 10.47 8.99 -0.72
N PRO A 70 10.28 10.32 -0.79
CA PRO A 70 10.39 11.20 0.37
C PRO A 70 9.25 11.01 1.36
N PHE A 71 9.59 10.44 2.52
CA PHE A 71 8.61 10.19 3.57
C PHE A 71 7.86 11.47 3.93
N GLY A 72 6.66 11.32 4.49
CA GLY A 72 5.87 12.48 4.87
C GLY A 72 5.09 13.05 3.71
N ASN A 73 5.61 12.87 2.50
CA ASN A 73 4.96 13.39 1.30
C ASN A 73 3.89 12.42 0.80
N LEU A 74 3.16 11.82 1.74
CA LEU A 74 2.11 10.87 1.40
C LEU A 74 0.74 11.51 1.54
N LYS A 75 -0.03 11.49 0.45
CA LYS A 75 -1.38 12.08 0.45
C LYS A 75 -2.36 11.16 1.15
N PRO A 76 -3.39 11.76 1.77
CA PRO A 76 -4.43 11.01 2.49
C PRO A 76 -5.33 10.22 1.55
N ASN A 77 -5.02 10.28 0.25
CA ASN A 77 -5.80 9.56 -0.75
C ASN A 77 -7.29 9.89 -0.62
N LEU A 78 -7.58 11.17 -0.37
CA LEU A 78 -8.96 11.62 -0.23
C LEU A 78 -9.48 12.21 -1.53
N HIS A 79 -10.21 11.42 -2.29
CA HIS A 79 -10.77 11.87 -3.57
C HIS A 79 -9.70 12.55 -4.41
N VAL A 80 -8.52 11.93 -4.48
CA VAL A 80 -7.41 12.47 -5.26
C VAL A 80 -7.55 12.12 -6.72
N ALA A 81 -8.78 12.22 -7.25
CA ALA A 81 -9.04 11.90 -8.64
C ALA A 81 -9.80 13.05 -9.32
N ASN A 82 -9.05 14.00 -9.88
CA ASN A 82 -9.65 15.14 -10.55
C ASN A 82 -9.62 14.95 -12.06
N ILE A 83 -9.94 13.74 -12.51
CA ILE A 83 -9.96 13.44 -13.94
C ILE A 83 -8.71 13.97 -14.63
N VAL A 84 -7.54 13.58 -14.12
CA VAL A 84 -6.27 14.02 -14.68
C VAL A 84 -6.09 13.48 -16.10
N GLU A 85 -6.32 14.35 -17.08
CA GLU A 85 -6.18 13.96 -18.48
C GLU A 85 -4.80 13.40 -18.75
N GLY A 1 19.76 -6.05 20.49
CA GLY A 1 18.93 -5.98 19.30
C GLY A 1 18.09 -7.22 19.10
N SER A 2 17.02 -7.08 18.32
CA SER A 2 16.13 -8.21 18.05
C SER A 2 15.44 -8.04 16.70
N SER A 3 14.66 -9.05 16.32
CA SER A 3 13.95 -9.02 15.04
C SER A 3 12.78 -10.00 15.04
N GLY A 4 11.68 -9.61 14.40
CA GLY A 4 10.51 -10.46 14.35
C GLY A 4 9.51 -10.01 13.29
N SER A 5 8.60 -10.90 12.92
CA SER A 5 7.60 -10.59 11.91
C SER A 5 6.52 -11.67 11.88
N SER A 6 5.42 -11.38 11.18
CA SER A 6 4.31 -12.31 11.07
C SER A 6 3.69 -12.27 9.68
N GLY A 7 2.83 -13.23 9.39
CA GLY A 7 2.17 -13.28 8.09
C GLY A 7 1.06 -14.31 8.04
N MET A 8 0.34 -14.34 6.92
CA MET A 8 -0.76 -15.28 6.74
C MET A 8 -1.25 -15.28 5.31
N ALA A 9 -2.13 -16.23 4.98
CA ALA A 9 -2.67 -16.33 3.63
C ALA A 9 -3.73 -17.43 3.55
N SER A 10 -4.52 -17.41 2.49
CA SER A 10 -5.57 -18.40 2.30
C SER A 10 -5.63 -18.86 0.84
N SER A 11 -6.34 -19.96 0.61
CA SER A 11 -6.47 -20.51 -0.73
C SER A 11 -7.83 -20.19 -1.33
N VAL A 12 -8.27 -18.94 -1.14
CA VAL A 12 -9.57 -18.50 -1.66
C VAL A 12 -9.61 -18.58 -3.17
N LEU A 13 -10.81 -18.54 -3.73
CA LEU A 13 -11.00 -18.61 -5.17
C LEU A 13 -11.83 -17.44 -5.68
N GLU A 14 -11.16 -16.35 -6.03
CA GLU A 14 -11.84 -15.17 -6.54
C GLU A 14 -11.00 -14.45 -7.59
N MET A 15 -11.65 -13.65 -8.42
CA MET A 15 -10.96 -12.90 -9.47
C MET A 15 -9.60 -12.41 -8.98
N ILE A 16 -8.57 -12.61 -9.79
CA ILE A 16 -7.23 -12.19 -9.44
C ILE A 16 -7.11 -10.67 -9.48
N LYS A 17 -7.29 -10.05 -8.32
CA LYS A 17 -7.20 -8.59 -8.21
C LYS A 17 -6.06 -8.18 -7.28
N GLU A 18 -4.92 -8.85 -7.43
CA GLU A 18 -3.76 -8.55 -6.61
C GLU A 18 -2.99 -7.34 -7.14
N GLU A 19 -3.74 -6.31 -7.55
CA GLU A 19 -3.14 -5.10 -8.09
C GLU A 19 -3.66 -3.87 -7.35
N VAL A 20 -4.97 -3.83 -7.11
CA VAL A 20 -5.59 -2.71 -6.41
C VAL A 20 -5.57 -2.92 -4.90
N THR A 21 -5.56 -4.19 -4.49
CA THR A 21 -5.55 -4.53 -3.07
C THR A 21 -4.14 -4.42 -2.50
N CYS A 22 -4.04 -3.88 -1.29
CA CYS A 22 -2.75 -3.72 -0.62
C CYS A 22 -1.83 -4.90 -0.92
N PRO A 23 -0.70 -4.63 -1.58
CA PRO A 23 0.28 -5.65 -1.94
C PRO A 23 1.02 -6.20 -0.72
N ILE A 24 0.58 -5.78 0.46
CA ILE A 24 1.19 -6.24 1.71
C ILE A 24 0.27 -7.19 2.45
N CYS A 25 -0.86 -6.67 2.91
CA CYS A 25 -1.83 -7.47 3.64
C CYS A 25 -2.84 -8.11 2.69
N LEU A 26 -2.97 -7.53 1.49
CA LEU A 26 -3.90 -8.05 0.50
C LEU A 26 -5.34 -7.94 0.97
N GLU A 27 -5.67 -6.78 1.55
CA GLU A 27 -7.02 -6.53 2.05
C GLU A 27 -7.46 -5.11 1.76
N LEU A 28 -8.76 -4.85 1.90
CA LEU A 28 -9.30 -3.52 1.66
C LEU A 28 -8.39 -2.44 2.23
N LEU A 29 -7.87 -1.58 1.36
CA LEU A 29 -6.99 -0.50 1.78
C LEU A 29 -7.71 0.45 2.73
N LYS A 30 -7.27 0.47 3.99
CA LYS A 30 -7.87 1.34 4.99
C LYS A 30 -7.15 2.68 5.05
N GLU A 31 -7.86 3.75 4.72
CA GLU A 31 -7.29 5.08 4.74
C GLU A 31 -5.89 5.09 4.13
N PRO A 32 -5.77 4.54 2.91
CA PRO A 32 -4.50 4.46 2.19
C PRO A 32 -4.01 5.84 1.72
N VAL A 33 -2.71 5.95 1.50
CA VAL A 33 -2.12 7.21 1.06
C VAL A 33 -1.22 6.99 -0.17
N SER A 34 -1.55 7.67 -1.25
CA SER A 34 -0.78 7.55 -2.49
C SER A 34 0.60 8.18 -2.33
N ALA A 35 1.53 7.79 -3.18
CA ALA A 35 2.89 8.32 -3.14
C ALA A 35 3.34 8.81 -4.51
N ASP A 36 4.60 9.23 -4.62
CA ASP A 36 5.14 9.71 -5.88
C ASP A 36 4.94 8.69 -7.00
N CYS A 37 5.01 7.41 -6.64
CA CYS A 37 4.83 6.34 -7.60
C CYS A 37 3.37 5.91 -7.68
N ASN A 38 2.47 6.88 -7.62
CA ASN A 38 1.04 6.60 -7.68
C ASN A 38 0.71 5.29 -6.97
N HIS A 39 1.41 5.03 -5.87
CA HIS A 39 1.19 3.80 -5.10
C HIS A 39 0.69 4.12 -3.70
N SER A 40 -0.44 3.53 -3.32
CA SER A 40 -1.02 3.76 -2.01
C SER A 40 -1.05 2.47 -1.19
N PHE A 41 -0.99 2.60 0.13
CA PHE A 41 -1.02 1.44 1.01
C PHE A 41 -1.69 1.79 2.34
N CYS A 42 -2.27 0.78 2.98
CA CYS A 42 -2.96 0.97 4.25
C CYS A 42 -2.17 1.92 5.15
N ARG A 43 -2.84 2.97 5.62
CA ARG A 43 -2.20 3.96 6.50
C ARG A 43 -1.19 3.29 7.43
N ALA A 44 -1.56 2.12 7.95
CA ALA A 44 -0.70 1.38 8.86
C ALA A 44 0.44 0.71 8.10
N CYS A 45 0.09 -0.14 7.15
CA CYS A 45 1.08 -0.85 6.35
C CYS A 45 2.23 0.07 5.97
N ILE A 46 1.95 1.03 5.09
CA ILE A 46 2.97 1.97 4.64
C ILE A 46 3.87 2.39 5.79
N THR A 47 3.29 2.53 6.97
CA THR A 47 4.05 2.92 8.16
C THR A 47 4.95 1.77 8.64
N LEU A 48 4.32 0.64 8.93
CA LEU A 48 5.06 -0.53 9.41
C LEU A 48 6.15 -0.92 8.43
N ASN A 49 5.78 -1.11 7.17
CA ASN A 49 6.73 -1.48 6.12
C ASN A 49 7.99 -0.60 6.20
N TYR A 50 7.79 0.71 6.27
CA TYR A 50 8.90 1.65 6.34
C TYR A 50 9.76 1.37 7.56
N GLU A 51 9.14 1.35 8.74
CA GLU A 51 9.84 1.11 9.98
C GLU A 51 11.02 0.15 9.76
N SER A 52 10.78 -0.87 8.95
CA SER A 52 11.82 -1.86 8.65
C SER A 52 12.49 -1.55 7.32
N ASN A 53 11.75 -0.92 6.42
CA ASN A 53 12.28 -0.57 5.11
C ASN A 53 12.87 0.84 5.11
N ARG A 54 13.25 1.30 6.29
CA ARG A 54 13.83 2.64 6.43
C ARG A 54 15.33 2.61 6.19
N ASN A 55 15.86 3.68 5.63
CA ASN A 55 17.29 3.78 5.34
C ASN A 55 17.99 4.63 6.38
N THR A 56 19.33 4.61 6.36
CA THR A 56 20.13 5.38 7.30
C THR A 56 19.94 6.89 7.09
N ASP A 57 19.87 7.29 5.82
CA ASP A 57 19.69 8.70 5.48
C ASP A 57 18.34 9.21 5.99
N GLY A 58 17.28 8.49 5.66
CA GLY A 58 15.95 8.88 6.09
C GLY A 58 14.94 8.88 4.95
N LYS A 59 15.03 7.86 4.10
CA LYS A 59 14.12 7.75 2.95
C LYS A 59 13.21 6.54 3.10
N GLY A 60 12.26 6.40 2.17
CA GLY A 60 11.33 5.28 2.22
C GLY A 60 11.34 4.49 0.93
N ASN A 61 11.54 3.17 1.05
CA ASN A 61 11.56 2.30 -0.11
C ASN A 61 10.19 1.67 -0.35
N CYS A 62 9.77 1.64 -1.61
CA CYS A 62 8.48 1.08 -1.97
C CYS A 62 8.59 -0.43 -2.20
N PRO A 63 7.79 -1.20 -1.44
CA PRO A 63 7.79 -2.66 -1.54
C PRO A 63 7.19 -3.15 -2.86
N VAL A 64 6.98 -2.23 -3.79
CA VAL A 64 6.41 -2.56 -5.09
C VAL A 64 7.38 -2.21 -6.22
N CYS A 65 7.74 -0.93 -6.29
CA CYS A 65 8.66 -0.45 -7.32
C CYS A 65 10.03 -0.13 -6.73
N ARG A 66 10.11 -0.15 -5.40
CA ARG A 66 11.36 0.14 -4.71
C ARG A 66 11.86 1.54 -5.05
N VAL A 67 10.98 2.52 -4.92
CA VAL A 67 11.32 3.91 -5.21
C VAL A 67 11.48 4.71 -3.93
N PRO A 68 12.63 5.39 -3.79
CA PRO A 68 12.92 6.21 -2.62
C PRO A 68 12.07 7.48 -2.56
N TYR A 69 11.10 7.49 -1.65
CA TYR A 69 10.21 8.63 -1.50
C TYR A 69 10.33 9.24 -0.10
N PRO A 70 10.25 10.57 -0.03
CA PRO A 70 10.34 11.30 1.24
C PRO A 70 9.13 11.08 2.13
N PHE A 71 9.34 10.36 3.23
CA PHE A 71 8.26 10.07 4.17
C PHE A 71 7.57 11.36 4.63
N GLY A 72 6.34 11.56 4.20
CA GLY A 72 5.60 12.75 4.57
C GLY A 72 4.81 13.33 3.42
N ASN A 73 5.33 13.18 2.22
CA ASN A 73 4.66 13.69 1.03
C ASN A 73 3.58 12.73 0.55
N LEU A 74 2.78 12.24 1.48
CA LEU A 74 1.71 11.30 1.15
C LEU A 74 0.34 11.97 1.28
N LYS A 75 -0.51 11.74 0.29
CA LYS A 75 -1.85 12.32 0.28
C LYS A 75 -2.90 11.29 0.72
N PRO A 76 -3.88 11.74 1.49
CA PRO A 76 -4.96 10.87 1.99
C PRO A 76 -5.90 10.43 0.88
N ASN A 77 -6.27 9.15 0.90
CA ASN A 77 -7.18 8.60 -0.11
C ASN A 77 -8.47 8.12 0.52
N LEU A 78 -9.52 8.91 0.38
CA LEU A 78 -10.83 8.56 0.94
C LEU A 78 -11.90 8.56 -0.14
N HIS A 79 -11.78 9.47 -1.10
CA HIS A 79 -12.73 9.57 -2.20
C HIS A 79 -12.05 9.38 -3.54
N VAL A 80 -12.04 8.14 -4.03
CA VAL A 80 -11.42 7.83 -5.32
C VAL A 80 -12.40 8.03 -6.47
N ALA A 81 -13.18 9.11 -6.39
CA ALA A 81 -14.15 9.42 -7.43
C ALA A 81 -13.85 10.77 -8.08
N ASN A 82 -13.86 11.82 -7.27
CA ASN A 82 -13.60 13.17 -7.77
C ASN A 82 -12.30 13.19 -8.59
N ILE A 83 -11.93 14.38 -9.06
CA ILE A 83 -10.72 14.54 -9.85
C ILE A 83 -9.52 13.89 -9.17
N VAL A 84 -8.63 13.31 -9.97
CA VAL A 84 -7.44 12.66 -9.45
C VAL A 84 -6.20 13.06 -10.24
N GLU A 85 -6.13 14.33 -10.61
CA GLU A 85 -4.99 14.84 -11.38
C GLU A 85 -4.62 16.25 -10.93
N GLY A 1 13.79 -12.10 16.44
CA GLY A 1 13.25 -10.77 16.67
C GLY A 1 12.57 -10.20 15.44
N SER A 2 11.29 -10.54 15.26
CA SER A 2 10.53 -10.06 14.12
C SER A 2 9.38 -9.16 14.56
N SER A 3 9.19 -8.05 13.85
CA SER A 3 8.14 -7.11 14.17
C SER A 3 7.07 -7.08 13.08
N GLY A 4 5.83 -7.34 13.46
CA GLY A 4 4.73 -7.35 12.50
C GLY A 4 3.81 -8.53 12.67
N SER A 5 3.28 -8.69 13.88
CA SER A 5 2.38 -9.80 14.17
C SER A 5 1.05 -9.65 13.43
N SER A 6 0.62 -10.72 12.79
CA SER A 6 -0.63 -10.70 12.04
C SER A 6 -1.81 -10.32 12.94
N GLY A 7 -2.94 -10.00 12.32
CA GLY A 7 -4.12 -9.62 13.08
C GLY A 7 -5.16 -10.73 13.12
N MET A 8 -5.74 -10.94 14.30
CA MET A 8 -6.76 -11.97 14.48
C MET A 8 -8.15 -11.43 14.15
N ALA A 9 -8.25 -10.71 13.03
CA ALA A 9 -9.52 -10.13 12.61
C ALA A 9 -10.31 -11.13 11.77
N SER A 10 -11.62 -11.14 11.96
CA SER A 10 -12.50 -12.05 11.22
C SER A 10 -13.72 -11.31 10.68
N SER A 11 -13.83 -11.28 9.36
CA SER A 11 -14.96 -10.60 8.72
C SER A 11 -15.46 -11.40 7.51
N VAL A 12 -16.77 -11.50 7.39
CA VAL A 12 -17.38 -12.24 6.29
C VAL A 12 -18.11 -11.29 5.34
N LEU A 13 -17.61 -10.07 5.23
CA LEU A 13 -18.23 -9.07 4.36
C LEU A 13 -17.18 -8.44 3.44
N GLU A 14 -16.80 -9.17 2.40
CA GLU A 14 -15.82 -8.69 1.45
C GLU A 14 -16.48 -8.25 0.14
N MET A 15 -16.34 -6.97 -0.19
CA MET A 15 -16.93 -6.43 -1.41
C MET A 15 -16.07 -6.75 -2.63
N ILE A 16 -16.55 -6.40 -3.81
CA ILE A 16 -15.81 -6.64 -5.04
C ILE A 16 -14.81 -5.53 -5.32
N LYS A 17 -13.54 -5.81 -5.07
CA LYS A 17 -12.48 -4.83 -5.29
C LYS A 17 -12.05 -4.82 -6.75
N GLU A 18 -11.78 -3.63 -7.29
CA GLU A 18 -11.36 -3.49 -8.68
C GLU A 18 -9.89 -3.86 -8.84
N GLU A 19 -9.49 -4.97 -8.22
CA GLU A 19 -8.11 -5.43 -8.30
C GLU A 19 -7.15 -4.35 -7.82
N VAL A 20 -7.45 -3.77 -6.65
CA VAL A 20 -6.61 -2.72 -6.09
C VAL A 20 -6.39 -2.96 -4.60
N THR A 21 -6.46 -4.22 -4.18
CA THR A 21 -6.27 -4.57 -2.78
C THR A 21 -4.83 -4.30 -2.34
N CYS A 22 -4.63 -4.16 -1.04
CA CYS A 22 -3.31 -3.90 -0.49
C CYS A 22 -2.33 -5.02 -0.85
N PRO A 23 -1.25 -4.66 -1.56
CA PRO A 23 -0.23 -5.62 -1.98
C PRO A 23 0.58 -6.15 -0.80
N ILE A 24 0.19 -5.78 0.41
CA ILE A 24 0.88 -6.21 1.61
C ILE A 24 -0.01 -7.10 2.47
N CYS A 25 -1.11 -6.53 2.96
CA CYS A 25 -2.05 -7.26 3.80
C CYS A 25 -3.10 -7.97 2.94
N LEU A 26 -3.32 -7.44 1.74
CA LEU A 26 -4.30 -8.03 0.82
C LEU A 26 -5.71 -7.88 1.38
N GLU A 27 -6.03 -6.70 1.88
CA GLU A 27 -7.35 -6.43 2.44
C GLU A 27 -7.80 -5.00 2.13
N LEU A 28 -9.08 -4.74 2.33
CA LEU A 28 -9.64 -3.40 2.07
C LEU A 28 -8.68 -2.31 2.53
N LEU A 29 -8.18 -1.53 1.60
CA LEU A 29 -7.26 -0.45 1.91
C LEU A 29 -7.92 0.59 2.82
N LYS A 30 -7.44 0.68 4.05
CA LYS A 30 -7.98 1.63 5.02
C LYS A 30 -7.17 2.92 5.03
N GLU A 31 -7.86 4.05 5.10
CA GLU A 31 -7.20 5.35 5.12
C GLU A 31 -5.87 5.30 4.37
N PRO A 32 -5.91 4.84 3.11
CA PRO A 32 -4.72 4.73 2.25
C PRO A 32 -4.17 6.09 1.86
N VAL A 33 -2.93 6.10 1.37
CA VAL A 33 -2.28 7.34 0.95
C VAL A 33 -1.56 7.15 -0.39
N SER A 34 -1.86 8.02 -1.34
CA SER A 34 -1.24 7.95 -2.66
C SER A 34 0.22 8.36 -2.59
N ALA A 35 1.03 7.82 -3.50
CA ALA A 35 2.46 8.14 -3.54
C ALA A 35 2.89 8.52 -4.95
N ASP A 36 4.13 8.96 -5.09
CA ASP A 36 4.67 9.36 -6.38
C ASP A 36 4.47 8.25 -7.42
N CYS A 37 4.62 7.00 -6.98
CA CYS A 37 4.46 5.86 -7.87
C CYS A 37 2.99 5.46 -7.96
N ASN A 38 2.11 6.44 -7.97
CA ASN A 38 0.67 6.19 -8.06
C ASN A 38 0.30 4.90 -7.32
N HIS A 39 0.87 4.73 -6.13
CA HIS A 39 0.60 3.54 -5.33
C HIS A 39 0.13 3.94 -3.94
N SER A 40 -0.98 3.33 -3.50
CA SER A 40 -1.54 3.62 -2.19
C SER A 40 -1.54 2.37 -1.31
N PHE A 41 -1.32 2.57 -0.01
CA PHE A 41 -1.30 1.46 0.93
C PHE A 41 -1.88 1.88 2.28
N CYS A 42 -2.38 0.90 3.04
CA CYS A 42 -2.98 1.17 4.34
C CYS A 42 -2.05 2.05 5.18
N ARG A 43 -2.58 3.20 5.62
CA ARG A 43 -1.80 4.13 6.43
C ARG A 43 -0.85 3.38 7.36
N ALA A 44 -1.34 2.29 7.94
CA ALA A 44 -0.53 1.49 8.86
C ALA A 44 0.51 0.68 8.09
N CYS A 45 0.05 -0.20 7.21
CA CYS A 45 0.94 -1.04 6.43
C CYS A 45 2.15 -0.25 5.95
N ILE A 46 1.91 0.76 5.12
CA ILE A 46 2.98 1.59 4.59
C ILE A 46 3.95 2.00 5.70
N THR A 47 3.41 2.18 6.90
CA THR A 47 4.24 2.57 8.05
C THR A 47 5.07 1.40 8.54
N LEU A 48 4.39 0.32 8.92
CA LEU A 48 5.08 -0.87 9.42
C LEU A 48 6.19 -1.30 8.48
N ASN A 49 5.93 -1.20 7.17
CA ASN A 49 6.92 -1.57 6.17
C ASN A 49 8.10 -0.60 6.17
N TYR A 50 7.79 0.70 6.14
CA TYR A 50 8.82 1.73 6.13
C TYR A 50 9.70 1.62 7.36
N GLU A 51 9.09 1.58 8.53
CA GLU A 51 9.82 1.48 9.79
C GLU A 51 10.93 0.45 9.68
N SER A 52 10.56 -0.80 9.38
CA SER A 52 11.53 -1.88 9.25
C SER A 52 12.68 -1.46 8.34
N ASN A 53 12.35 -1.02 7.13
CA ASN A 53 13.35 -0.60 6.17
C ASN A 53 13.27 0.90 5.91
N ARG A 54 14.25 1.63 6.41
CA ARG A 54 14.28 3.09 6.24
C ARG A 54 15.70 3.62 6.42
N ASN A 55 16.00 4.71 5.71
CA ASN A 55 17.33 5.33 5.80
C ASN A 55 17.31 6.53 6.74
N THR A 56 18.49 6.91 7.23
CA THR A 56 18.61 8.04 8.14
C THR A 56 17.90 9.27 7.59
N ASP A 57 18.08 9.53 6.30
CA ASP A 57 17.45 10.67 5.65
C ASP A 57 15.95 10.70 5.94
N GLY A 58 15.28 9.58 5.68
CA GLY A 58 13.85 9.50 5.92
C GLY A 58 13.09 9.04 4.70
N LYS A 59 13.64 8.08 3.98
CA LYS A 59 13.01 7.55 2.78
C LYS A 59 12.65 6.08 2.95
N GLY A 60 11.58 5.66 2.30
CA GLY A 60 11.14 4.28 2.40
C GLY A 60 10.99 3.61 1.04
N ASN A 61 11.23 2.32 0.98
CA ASN A 61 11.12 1.56 -0.26
C ASN A 61 9.69 1.07 -0.48
N CYS A 62 9.23 1.12 -1.72
CA CYS A 62 7.88 0.68 -2.06
C CYS A 62 7.83 -0.84 -2.18
N PRO A 63 6.86 -1.46 -1.48
CA PRO A 63 6.68 -2.91 -1.49
C PRO A 63 6.16 -3.42 -2.83
N VAL A 64 6.11 -2.52 -3.82
CA VAL A 64 5.63 -2.88 -5.15
C VAL A 64 6.68 -2.58 -6.21
N CYS A 65 7.04 -1.30 -6.33
CA CYS A 65 8.04 -0.88 -7.32
C CYS A 65 9.38 -0.62 -6.64
N ARG A 66 9.38 -0.61 -5.30
CA ARG A 66 10.60 -0.38 -4.54
C ARG A 66 11.25 0.93 -4.95
N VAL A 67 10.48 2.01 -4.92
CA VAL A 67 10.99 3.33 -5.29
C VAL A 67 11.14 4.22 -4.06
N PRO A 68 12.26 4.95 -4.01
CA PRO A 68 12.56 5.86 -2.89
C PRO A 68 11.65 7.08 -2.88
N TYR A 69 10.71 7.11 -1.96
CA TYR A 69 9.77 8.23 -1.85
C TYR A 69 9.95 8.96 -0.53
N PRO A 70 9.74 10.28 -0.56
CA PRO A 70 9.88 11.13 0.63
C PRO A 70 8.77 10.88 1.65
N PHE A 71 9.09 10.09 2.67
CA PHE A 71 8.13 9.77 3.72
C PHE A 71 7.47 11.03 4.27
N GLY A 72 6.16 11.13 4.14
CA GLY A 72 5.44 12.29 4.62
C GLY A 72 4.66 12.98 3.53
N ASN A 73 5.20 12.97 2.31
CA ASN A 73 4.55 13.61 1.18
C ASN A 73 3.47 12.71 0.59
N LEU A 74 2.73 12.04 1.46
CA LEU A 74 1.66 11.14 1.03
C LEU A 74 0.30 11.75 1.30
N LYS A 75 -0.50 11.89 0.25
CA LYS A 75 -1.85 12.46 0.37
C LYS A 75 -2.86 11.38 0.73
N PRO A 76 -3.81 11.73 1.61
CA PRO A 76 -4.86 10.81 2.05
C PRO A 76 -5.86 10.50 0.95
N ASN A 77 -6.15 9.22 0.76
CA ASN A 77 -7.09 8.80 -0.27
C ASN A 77 -8.33 8.15 0.36
N LEU A 78 -8.98 8.89 1.24
CA LEU A 78 -10.18 8.40 1.92
C LEU A 78 -11.39 8.44 0.99
N HIS A 79 -11.55 7.40 0.18
CA HIS A 79 -12.65 7.32 -0.76
C HIS A 79 -12.84 8.65 -1.51
N VAL A 80 -11.72 9.27 -1.87
CA VAL A 80 -11.76 10.55 -2.58
C VAL A 80 -11.17 10.40 -3.99
N ALA A 81 -11.31 9.20 -4.56
CA ALA A 81 -10.80 8.93 -5.89
C ALA A 81 -11.77 9.43 -6.95
N ASN A 82 -12.32 10.62 -6.75
CA ASN A 82 -13.27 11.20 -7.69
C ASN A 82 -12.54 11.98 -8.79
N ILE A 83 -11.80 13.01 -8.39
CA ILE A 83 -11.06 13.82 -9.33
C ILE A 83 -9.63 13.31 -9.50
N VAL A 84 -9.21 12.43 -8.60
CA VAL A 84 -7.87 11.85 -8.65
C VAL A 84 -6.81 12.92 -8.45
N GLU A 85 -6.92 13.65 -7.34
CA GLU A 85 -5.97 14.71 -7.01
C GLU A 85 -5.33 14.46 -5.65
#